data_8AG5
#
_entry.id   8AG5
#
_cell.length_a   1.00
_cell.length_b   1.00
_cell.length_c   1.00
_cell.angle_alpha   90.00
_cell.angle_beta   90.00
_cell.angle_gamma   90.00
#
_symmetry.space_group_name_H-M   'P 1'
#
loop_
_entity.id
_entity.type
_entity.pdbx_description
1 polymer Ku70-Xrcc6
2 polymer 'X-ray repair cross-complementing protein 5'
3 polymer 'Protein C10'
#
loop_
_entity_poly.entity_id
_entity_poly.type
_entity_poly.pdbx_seq_one_letter_code
_entity_poly.pdbx_strand_id
1 'polypeptide(L)'
;MSAWSHPQFEKGSAGSAAGSGAGWSHPQFEKLEVLFQGPGGSMSGWESYYKTEGDEEAEEEQEENLEASGDYKYSGRDSL
IFLVDASKAMFESQSEDELTPFDMSIQCIQSVYISKIISSDRDLLAVVFYGTEKDKNSVNFKNIYVLQELDNPGAKRILE
LDQFKGQQGQKRFQDMMGHGSDYSLSEVLWVCANLFSDVQFKMSHKRIMLFTNEDNPHGNDSAKASRARTKAGDLRDTGI
FLDLMHLKKPGGFDISLFYRDIISIAEDEDLRVHFEESSKLEDLLRKVRAKETRKRALSRLKLKLNKDIVISVGIYNLVQ
KALKPPPIKLYRETNEPVKTKTRTFNTSTGGLLLPSDTKRSQIYGSRQIILEKEETEELKRFDDPGLMLMGFKPLVLLKK
HHYLRPSLFVYPEESLVIGSSTLFSALLIKCLEKEVAALCRYTPRRNIPPYFVALVPQEEELDDQKIQVTPPGFQLVFLP
FADDKRKMPFTEKIMATPEQVGKMKAIVEKLRFTYRSDSFENPVLQQHFRNLEALALDLMEPEQAVDLTLPKVEAMNKRL
GSLVDEFKELVYPPDYNPEGKVTKRKHDNEGSGSKRPKVEYSEEELKTHISKGTLGKFTVPMLKEACRAYGLKSGLKKQE
LLEALTKHFQD
;
A
2 'polypeptide(L)'
;MAHHHHHHHHHHGALEVLFQGPHMVRSGNKAAVVLCMDVGFTMSNSIPGIESPFEQAKKVITMFVQRQVFAENKDEIALV
LFGTDGTDNPLSGGDQYQNITVHRHLMLPDFDLLEDIESKIQPGSQQADFLDALIVSMDVIQHETIGKKFEKRHIEIFTD
LSSRFSKSQLDIIIHSLKKCDISLQFFLPFSLGKEDGSGDRGDGPFRLGGHGPSFPLKGITEQQKEGLEIVKMVMISLEG
EDGLDEIYSFSESLRKLCVFKKIERHSIHWPCRLTIGSNLSIRIAAYKSILQERVKKTWTVVDAKTLKKEDIQKETVYCL
NDDDETEVLKEDIIQGFRYGSDIVPFSKVDEEQMKYKSEGKCFSVLGFCKSSQVQRRFFMGNQVLKVFAARDDEAAAVAL
SSLIHALDDLDMVAIVRYAYDKRANPQVGVAFPHIKHNYECLVYVQLPFMEDLRQYMFSSLKNSKKYAPTEAQLNAVDAL
IDSMSLAKKDEKTDTLEDLFPTTKIPNPRFQRLFQCLLHRALHPREPLPPIQQHIWNMLNPPAEVTTKSQIPLSKIKTLF
PLIEAKKKDQVTAQEIFQDNHEDGPTAKKLKTEQGGAHFSVSSLAEGSVTSVGSVNPAENFRVLVKQKKASFEEASNQLI
NHIEQFLDTNETPYFMKSIDCIRAFREEAIKFSEEQRFNNFLKALQEKVEIKQLNHFWEIVVQDGITLITKEEASGSSVT
AEEAKKFLAPKDKPSGDTAAVFEEGGDVDDLLDMI
;
B
3 'polypeptide(L)'
;MDIYDDKGLQTIKLFNNEFDCIRNDIRELFKHVTDSDSIQLPMEDNSDIIENIRKILYRRLKNVECVDIDSTITFMKYDP
NDDNKRTCSNWVPLTNNYMEYCLVIYLETPICGGKIKLYHPTGNIKSDKDIMFAKTLDFKSKKVLTGRKTIAVLDISVSY
NRSMTTIHYNDDVDIDIHTDKNGKELCYCYITIDDHYLVDVETIGVIVNRSGKCLLVNNHLGIGIVKDKRISDSFGDVCM
DTIFDFSEARELFSLTNDDNRNIAWDTDKLDDDTDIWTPVTEDDYKFLSRLVLYAKSQSDTVFDYYVLTGDTEPPTVFIF
KVTRFYFNMPKGGENLYFQGWSHPQFEKGGGSGGGSGGSSAWSHPQFEK
;
C,D
#
# COMPACT_ATOMS: atom_id res chain seq x y z
N SER A 75 -18.68 5.75 38.48
CA SER A 75 -18.59 4.40 37.95
C SER A 75 -17.63 4.35 36.76
N GLY A 76 -17.20 3.14 36.42
CA GLY A 76 -16.29 2.94 35.30
C GLY A 76 -15.07 2.13 35.64
N ARG A 77 -14.55 2.30 36.85
CA ARG A 77 -13.38 1.57 37.30
C ARG A 77 -13.83 0.40 38.17
N ASP A 78 -13.67 -0.82 37.66
CA ASP A 78 -13.95 -2.01 38.44
C ASP A 78 -12.80 -2.27 39.41
N SER A 79 -13.14 -2.71 40.61
CA SER A 79 -12.17 -3.00 41.65
C SER A 79 -12.17 -4.50 41.92
N LEU A 80 -11.00 -5.13 41.84
CA LEU A 80 -10.84 -6.56 42.04
C LEU A 80 -9.70 -6.82 43.00
N ILE A 81 -9.96 -7.64 44.03
CA ILE A 81 -8.98 -7.98 45.04
C ILE A 81 -8.71 -9.48 44.96
N PHE A 82 -7.45 -9.85 44.78
CA PHE A 82 -7.04 -11.25 44.72
C PHE A 82 -6.62 -11.69 46.12
N LEU A 83 -7.36 -12.63 46.69
CA LEU A 83 -7.09 -13.16 48.02
C LEU A 83 -6.57 -14.58 47.88
N VAL A 84 -5.34 -14.81 48.35
CA VAL A 84 -4.66 -16.10 48.19
C VAL A 84 -4.33 -16.65 49.56
N ASP A 85 -4.71 -17.91 49.78
CA ASP A 85 -4.41 -18.56 51.05
C ASP A 85 -2.94 -18.95 51.11
N ALA A 86 -2.36 -18.80 52.30
CA ALA A 86 -0.96 -19.12 52.53
C ALA A 86 -0.77 -20.30 53.48
N SER A 87 -1.80 -21.13 53.64
CA SER A 87 -1.70 -22.28 54.52
C SER A 87 -0.77 -23.33 53.93
N LYS A 88 -0.44 -24.33 54.77
CA LYS A 88 0.56 -25.32 54.38
C LYS A 88 0.10 -26.13 53.17
N ALA A 89 -1.16 -26.54 53.16
CA ALA A 89 -1.65 -27.46 52.15
C ALA A 89 -1.59 -26.87 50.74
N MET A 90 -1.46 -25.55 50.61
CA MET A 90 -1.33 -24.94 49.29
C MET A 90 -0.01 -25.26 48.63
N PHE A 91 0.95 -25.82 49.36
CA PHE A 91 2.26 -26.17 48.81
C PHE A 91 2.42 -27.67 48.59
N GLU A 92 1.41 -28.47 48.92
CA GLU A 92 1.48 -29.91 48.69
C GLU A 92 1.11 -30.21 47.23
N SER A 93 2.01 -30.88 46.53
CA SER A 93 1.76 -31.35 45.17
C SER A 93 1.71 -32.87 45.18
N GLN A 94 0.59 -33.42 44.71
CA GLN A 94 0.40 -34.88 44.75
C GLN A 94 1.23 -35.60 43.69
N SER A 95 1.84 -34.89 42.77
CA SER A 95 2.69 -35.49 41.75
C SER A 95 4.01 -34.73 41.70
N GLU A 96 5.09 -35.48 41.43
CA GLU A 96 6.41 -34.87 41.35
C GLU A 96 6.49 -33.86 40.19
N ASP A 97 5.71 -34.09 39.14
CA ASP A 97 5.65 -33.19 37.99
C ASP A 97 4.22 -32.66 37.91
N GLU A 98 3.95 -31.59 38.66
CA GLU A 98 2.64 -30.97 38.69
C GLU A 98 2.80 -29.56 39.25
N LEU A 99 1.79 -28.72 39.00
CA LEU A 99 1.82 -27.34 39.46
C LEU A 99 1.15 -27.25 40.82
N THR A 100 1.88 -26.73 41.80
CA THR A 100 1.32 -26.56 43.14
C THR A 100 0.23 -25.49 43.10
N PRO A 101 -0.76 -25.58 43.99
CA PRO A 101 -1.86 -24.59 43.97
C PRO A 101 -1.37 -23.15 44.14
N PHE A 102 -0.35 -22.92 44.95
CA PHE A 102 0.19 -21.58 45.12
C PHE A 102 0.75 -21.05 43.81
N ASP A 103 1.52 -21.87 43.10
CA ASP A 103 2.04 -21.45 41.79
C ASP A 103 0.92 -21.24 40.79
N MET A 104 -0.11 -22.09 40.83
CA MET A 104 -1.27 -21.91 39.97
C MET A 104 -1.90 -20.54 40.19
N SER A 105 -2.09 -20.17 41.46
CA SER A 105 -2.70 -18.89 41.78
C SER A 105 -1.82 -17.73 41.31
N ILE A 106 -0.51 -17.82 41.56
CA ILE A 106 0.38 -16.73 41.17
C ILE A 106 0.40 -16.56 39.65
N GLN A 107 0.46 -17.67 38.91
CA GLN A 107 0.46 -17.60 37.46
C GLN A 107 -0.86 -17.05 36.94
N CYS A 108 -1.97 -17.43 37.57
CA CYS A 108 -3.26 -16.89 37.15
C CYS A 108 -3.32 -15.37 37.35
N ILE A 109 -2.83 -14.89 38.50
CA ILE A 109 -2.83 -13.45 38.75
C ILE A 109 -1.94 -12.73 37.74
N GLN A 110 -0.78 -13.32 37.44
CA GLN A 110 0.11 -12.74 36.44
C GLN A 110 -0.56 -12.66 35.08
N SER A 111 -1.28 -13.71 34.70
CA SER A 111 -2.00 -13.71 33.43
C SER A 111 -3.09 -12.65 33.41
N VAL A 112 -3.79 -12.47 34.53
CA VAL A 112 -4.81 -11.44 34.60
C VAL A 112 -4.19 -10.05 34.43
N TYR A 113 -3.05 -9.83 35.08
CA TYR A 113 -2.34 -8.55 34.93
C TYR A 113 -1.95 -8.30 33.47
N ILE A 114 -1.39 -9.33 32.83
CA ILE A 114 -0.95 -9.18 31.44
C ILE A 114 -2.13 -8.91 30.52
N SER A 115 -3.24 -9.62 30.74
CA SER A 115 -4.43 -9.39 29.93
C SER A 115 -4.97 -7.98 30.13
N LYS A 116 -4.96 -7.49 31.37
CA LYS A 116 -5.42 -6.12 31.62
C LYS A 116 -4.54 -5.11 30.91
N ILE A 117 -3.22 -5.30 30.95
CA ILE A 117 -2.31 -4.37 30.29
C ILE A 117 -2.51 -4.40 28.78
N ILE A 118 -2.62 -5.59 28.20
CA ILE A 118 -2.77 -5.70 26.74
C ILE A 118 -4.08 -5.09 26.29
N SER A 119 -5.17 -5.39 27.01
CA SER A 119 -6.48 -4.87 26.64
C SER A 119 -6.64 -3.39 26.96
N SER A 120 -5.66 -2.78 27.63
CA SER A 120 -5.71 -1.37 28.02
C SER A 120 -6.93 -1.07 28.88
N ASP A 121 -7.26 -2.01 29.76
CA ASP A 121 -8.38 -1.86 30.68
C ASP A 121 -7.91 -1.14 31.93
N ARG A 122 -8.57 -0.04 32.26
CA ARG A 122 -8.19 0.78 33.42
C ARG A 122 -8.95 0.30 34.65
N ASP A 123 -8.52 -0.85 35.16
CA ASP A 123 -9.09 -1.46 36.35
C ASP A 123 -8.11 -1.38 37.50
N LEU A 124 -8.64 -1.52 38.72
CA LEU A 124 -7.84 -1.52 39.93
C LEU A 124 -7.73 -2.95 40.45
N LEU A 125 -6.51 -3.40 40.73
CA LEU A 125 -6.25 -4.76 41.19
C LEU A 125 -5.39 -4.72 42.44
N ALA A 126 -5.64 -5.67 43.35
CA ALA A 126 -4.87 -5.79 44.58
C ALA A 126 -4.60 -7.26 44.86
N VAL A 127 -3.47 -7.53 45.51
CA VAL A 127 -3.10 -8.88 45.89
C VAL A 127 -2.79 -8.89 47.38
N VAL A 128 -3.47 -9.77 48.11
CA VAL A 128 -3.37 -9.87 49.56
C VAL A 128 -3.16 -11.33 49.93
N PHE A 129 -2.19 -11.59 50.82
CA PHE A 129 -1.93 -12.92 51.32
C PHE A 129 -2.36 -13.00 52.78
N TYR A 130 -3.07 -14.06 53.13
CA TYR A 130 -3.51 -14.31 54.50
C TYR A 130 -3.07 -15.69 54.92
N GLY A 131 -2.72 -15.84 56.20
CA GLY A 131 -2.14 -17.06 56.70
C GLY A 131 -0.62 -17.03 56.79
N THR A 132 0.01 -15.88 56.61
CA THR A 132 1.44 -15.75 56.69
C THR A 132 1.87 -15.40 58.12
N GLU A 133 3.18 -15.44 58.35
CA GLU A 133 3.74 -15.07 59.65
C GLU A 133 4.11 -13.60 59.74
N LYS A 134 3.99 -12.85 58.64
CA LYS A 134 4.24 -11.42 58.63
C LYS A 134 3.00 -10.69 58.16
N ASP A 135 2.86 -9.44 58.59
CA ASP A 135 1.69 -8.63 58.28
C ASP A 135 2.13 -7.26 57.79
N LYS A 136 1.34 -6.69 56.88
CA LYS A 136 1.61 -5.36 56.37
C LYS A 136 0.34 -4.52 56.22
N ASN A 137 -0.78 -4.97 56.78
CA ASN A 137 -2.04 -4.25 56.67
C ASN A 137 -2.01 -2.94 57.44
N SER A 138 -2.93 -2.04 57.08
CA SER A 138 -2.99 -0.71 57.67
C SER A 138 -3.25 -0.77 59.17
N VAL A 139 -4.43 -1.23 59.55
CA VAL A 139 -4.71 -1.47 60.97
C VAL A 139 -4.06 -2.78 61.36
N ASN A 140 -3.28 -2.75 62.44
CA ASN A 140 -2.38 -3.86 62.74
C ASN A 140 -3.16 -5.12 63.05
N PHE A 141 -3.21 -6.04 62.09
CA PHE A 141 -3.84 -7.34 62.24
C PHE A 141 -2.81 -8.41 61.88
N LYS A 142 -2.94 -9.57 62.52
CA LYS A 142 -1.95 -10.62 62.40
C LYS A 142 -2.28 -11.55 61.24
N ASN A 143 -1.23 -12.03 60.58
CA ASN A 143 -1.33 -13.03 59.52
C ASN A 143 -2.14 -12.54 58.32
N ILE A 144 -2.02 -11.25 58.01
CA ILE A 144 -2.61 -10.67 56.81
C ILE A 144 -1.57 -9.75 56.19
N TYR A 145 -1.03 -10.14 55.04
CA TYR A 145 -0.02 -9.36 54.33
C TYR A 145 -0.63 -8.83 53.04
N VAL A 146 -0.60 -7.51 52.88
CA VAL A 146 -1.09 -6.86 51.68
C VAL A 146 0.11 -6.64 50.76
N LEU A 147 0.30 -7.55 49.81
CA LEU A 147 1.43 -7.42 48.90
C LEU A 147 1.28 -6.21 47.99
N GLN A 148 0.12 -6.07 47.35
CA GLN A 148 -0.10 -4.94 46.45
C GLN A 148 -1.48 -4.34 46.71
N GLU A 149 -1.53 -3.03 46.88
CA GLU A 149 -2.76 -2.31 47.12
C GLU A 149 -3.48 -2.10 45.80
N LEU A 150 -4.52 -1.26 45.81
CA LEU A 150 -5.33 -1.04 44.62
C LEU A 150 -4.65 0.01 43.74
N ASP A 151 -4.27 -0.40 42.53
CA ASP A 151 -3.68 0.50 41.55
C ASP A 151 -3.77 -0.16 40.18
N ASN A 152 -3.48 0.62 39.15
CA ASN A 152 -3.47 0.10 37.80
C ASN A 152 -2.32 -0.89 37.63
N PRO A 153 -2.47 -1.86 36.73
CA PRO A 153 -1.38 -2.82 36.49
C PRO A 153 -0.18 -2.13 35.87
N GLY A 154 1.00 -2.69 36.15
CA GLY A 154 2.24 -2.14 35.63
C GLY A 154 3.30 -3.21 35.55
N ALA A 155 4.49 -2.80 35.11
CA ALA A 155 5.58 -3.73 34.92
C ALA A 155 6.18 -4.19 36.24
N LYS A 156 6.36 -3.25 37.18
CA LYS A 156 7.01 -3.60 38.45
C LYS A 156 6.17 -4.58 39.26
N ARG A 157 4.86 -4.40 39.29
CA ARG A 157 3.99 -5.34 40.00
C ARG A 157 4.06 -6.72 39.37
N ILE A 158 4.09 -6.79 38.04
CA ILE A 158 4.20 -8.06 37.35
C ILE A 158 5.53 -8.74 37.70
N LEU A 159 6.62 -7.97 37.74
CA LEU A 159 7.91 -8.55 38.12
C LEU A 159 7.89 -9.07 39.55
N GLU A 160 7.30 -8.30 40.47
CA GLU A 160 7.21 -8.72 41.87
C GLU A 160 6.42 -10.01 42.00
N LEU A 161 5.33 -10.13 41.25
CA LEU A 161 4.60 -11.40 41.22
C LEU A 161 5.46 -12.51 40.65
N ASP A 162 6.23 -12.22 39.59
CA ASP A 162 7.10 -13.21 38.99
C ASP A 162 8.17 -13.70 39.96
N GLN A 163 8.48 -12.91 40.98
CA GLN A 163 9.47 -13.35 41.96
C GLN A 163 9.05 -14.62 42.68
N PHE A 164 7.74 -14.88 42.77
CA PHE A 164 7.23 -16.01 43.55
C PHE A 164 6.92 -17.24 42.71
N LYS A 165 7.19 -17.21 41.41
CA LYS A 165 6.84 -18.33 40.54
C LYS A 165 7.89 -19.42 40.58
N GLY A 166 7.45 -20.66 40.71
CA GLY A 166 8.34 -21.81 40.70
C GLY A 166 8.75 -22.27 42.09
N GLN A 167 9.68 -23.24 42.11
CA GLN A 167 10.22 -23.72 43.37
C GLN A 167 11.10 -22.66 44.04
N GLN A 168 11.95 -21.99 43.26
CA GLN A 168 12.73 -20.88 43.80
C GLN A 168 11.82 -19.77 44.29
N GLY A 169 10.74 -19.49 43.56
CA GLY A 169 9.79 -18.50 44.00
C GLY A 169 9.08 -18.89 45.28
N GLN A 170 8.75 -20.18 45.43
CA GLN A 170 8.15 -20.66 46.66
C GLN A 170 9.11 -20.48 47.83
N LYS A 171 10.39 -20.80 47.63
CA LYS A 171 11.37 -20.57 48.67
C LYS A 171 11.49 -19.10 49.03
N ARG A 172 11.49 -18.23 48.01
CA ARG A 172 11.58 -16.80 48.25
C ARG A 172 10.38 -16.29 49.04
N PHE A 173 9.18 -16.76 48.70
CA PHE A 173 7.98 -16.35 49.42
C PHE A 173 8.01 -16.87 50.85
N GLN A 174 8.41 -18.12 51.05
CA GLN A 174 8.48 -18.69 52.39
C GLN A 174 9.57 -18.06 53.23
N ASP A 175 10.53 -17.39 52.60
CA ASP A 175 11.52 -16.62 53.35
C ASP A 175 11.02 -15.22 53.67
N MET A 176 10.40 -14.54 52.70
CA MET A 176 9.90 -13.18 52.94
C MET A 176 8.69 -13.19 53.87
N MET A 177 7.82 -14.19 53.72
CA MET A 177 6.65 -14.32 54.57
C MET A 177 6.62 -15.70 55.21
N GLY A 178 5.53 -16.04 55.89
CA GLY A 178 5.35 -17.37 56.42
C GLY A 178 4.42 -18.20 55.55
N HIS A 179 4.34 -19.49 55.88
CA HIS A 179 3.47 -20.41 55.15
C HIS A 179 2.64 -21.27 56.10
N GLY A 180 2.48 -20.85 57.35
CA GLY A 180 1.62 -21.55 58.28
C GLY A 180 1.38 -20.73 59.53
N SER A 181 0.12 -20.55 59.89
CA SER A 181 -0.25 -19.69 61.01
C SER A 181 -1.71 -19.96 61.34
N ASP A 182 -2.26 -19.13 62.22
CA ASP A 182 -3.69 -19.14 62.53
C ASP A 182 -4.29 -17.82 62.07
N TYR A 183 -5.39 -17.90 61.34
CA TYR A 183 -6.01 -16.74 60.72
C TYR A 183 -7.49 -16.67 61.08
N SER A 184 -8.07 -15.50 60.88
CA SER A 184 -9.50 -15.28 61.07
C SER A 184 -10.07 -14.66 59.80
N LEU A 185 -11.05 -15.34 59.19
CA LEU A 185 -11.60 -14.85 57.93
C LEU A 185 -12.29 -13.50 58.11
N SER A 186 -12.86 -13.24 59.29
CA SER A 186 -13.48 -11.95 59.55
C SER A 186 -12.46 -10.83 59.42
N GLU A 187 -11.26 -11.02 59.98
CA GLU A 187 -10.21 -10.01 59.89
C GLU A 187 -9.76 -9.83 58.44
N VAL A 188 -9.66 -10.92 57.68
CA VAL A 188 -9.22 -10.82 56.29
C VAL A 188 -10.23 -10.01 55.48
N LEU A 189 -11.52 -10.32 55.65
CA LEU A 189 -12.54 -9.56 54.92
C LEU A 189 -12.61 -8.12 55.38
N TRP A 190 -12.35 -7.86 56.67
CA TRP A 190 -12.29 -6.49 57.16
C TRP A 190 -11.15 -5.72 56.50
N VAL A 191 -9.98 -6.35 56.38
CA VAL A 191 -8.84 -5.71 55.73
C VAL A 191 -9.16 -5.43 54.26
N CYS A 192 -9.81 -6.37 53.59
CA CYS A 192 -10.19 -6.15 52.19
C CYS A 192 -11.20 -5.01 52.06
N ALA A 193 -12.16 -4.93 52.98
CA ALA A 193 -13.11 -3.82 52.96
C ALA A 193 -12.40 -2.49 53.16
N ASN A 194 -11.44 -2.44 54.08
CA ASN A 194 -10.67 -1.22 54.28
C ASN A 194 -9.85 -0.87 53.03
N LEU A 195 -9.35 -1.88 52.32
CA LEU A 195 -8.71 -1.64 51.04
C LEU A 195 -9.66 -1.01 50.04
N PHE A 196 -10.89 -1.50 49.99
CA PHE A 196 -11.89 -0.93 49.10
C PHE A 196 -12.19 0.52 49.47
N SER A 197 -12.23 0.83 50.76
CA SER A 197 -12.60 2.16 51.20
C SER A 197 -11.51 3.19 50.87
N ASP A 198 -10.25 2.78 50.91
CA ASP A 198 -9.15 3.73 50.76
C ASP A 198 -9.06 4.35 49.38
N VAL A 199 -9.76 3.79 48.39
CA VAL A 199 -9.72 4.33 47.03
C VAL A 199 -10.70 5.48 46.92
N GLN A 200 -10.24 6.61 46.39
CA GLN A 200 -11.05 7.82 46.26
C GLN A 200 -11.39 8.18 44.82
N PHE A 201 -10.85 7.44 43.84
CA PHE A 201 -11.08 7.82 42.45
C PHE A 201 -12.49 7.45 41.99
N LYS A 202 -12.79 6.15 41.98
CA LYS A 202 -14.10 5.68 41.56
C LYS A 202 -14.47 4.44 42.37
N MET A 203 -15.77 4.20 42.49
CA MET A 203 -16.30 3.05 43.21
C MET A 203 -17.35 2.37 42.34
N SER A 204 -17.00 1.20 41.81
CA SER A 204 -17.92 0.42 41.00
C SER A 204 -17.43 -1.02 40.84
N HIS A 205 -18.31 -1.99 41.06
CA HIS A 205 -18.02 -3.41 40.84
C HIS A 205 -16.82 -3.87 41.66
N LYS A 206 -17.00 -3.84 42.97
CA LYS A 206 -16.04 -4.37 43.91
C LYS A 206 -16.25 -5.87 44.10
N ARG A 207 -15.18 -6.65 43.98
CA ARG A 207 -15.29 -8.09 44.14
C ARG A 207 -14.00 -8.66 44.72
N ILE A 208 -14.15 -9.68 45.55
CA ILE A 208 -13.03 -10.39 46.17
C ILE A 208 -13.06 -11.83 45.69
N MET A 209 -11.95 -12.29 45.13
CA MET A 209 -11.81 -13.65 44.64
C MET A 209 -10.89 -14.41 45.59
N LEU A 210 -11.39 -15.51 46.13
CA LEU A 210 -10.67 -16.31 47.13
C LEU A 210 -10.05 -17.52 46.46
N PHE A 211 -8.72 -17.63 46.55
CA PHE A 211 -7.99 -18.79 46.07
C PHE A 211 -7.65 -19.66 47.28
N THR A 212 -8.20 -20.87 47.32
CA THR A 212 -8.04 -21.71 48.50
C THR A 212 -8.29 -23.16 48.12
N ASN A 213 -7.84 -24.06 48.99
CA ASN A 213 -8.13 -25.48 48.87
C ASN A 213 -8.49 -26.07 50.23
N GLU A 214 -8.91 -25.24 51.16
CA GLU A 214 -9.40 -25.68 52.46
C GLU A 214 -10.89 -25.35 52.54
N ASP A 215 -11.73 -26.40 52.54
CA ASP A 215 -13.17 -26.21 52.55
C ASP A 215 -13.75 -26.07 53.95
N ASN A 216 -12.95 -26.32 54.99
CA ASN A 216 -13.37 -26.15 56.38
C ASN A 216 -12.31 -25.34 57.10
N PRO A 217 -12.27 -24.03 56.89
CA PRO A 217 -11.20 -23.23 57.50
C PRO A 217 -11.32 -23.12 59.00
N HIS A 218 -12.53 -22.94 59.53
CA HIS A 218 -12.72 -22.80 60.97
C HIS A 218 -13.67 -23.88 61.49
N GLY A 219 -13.47 -25.12 61.06
CA GLY A 219 -14.33 -26.20 61.50
C GLY A 219 -14.24 -26.51 62.97
N ASN A 220 -13.12 -26.16 63.61
CA ASN A 220 -12.91 -26.40 65.02
C ASN A 220 -13.15 -25.16 65.88
N ASP A 221 -13.68 -24.09 65.28
CA ASP A 221 -13.92 -22.84 66.01
C ASP A 221 -15.23 -22.25 65.50
N SER A 222 -16.32 -22.52 66.23
CA SER A 222 -17.61 -22.00 65.83
C SER A 222 -17.71 -20.50 66.01
N ALA A 223 -17.05 -19.95 67.03
CA ALA A 223 -17.10 -18.51 67.27
C ALA A 223 -16.48 -17.74 66.12
N LYS A 224 -15.35 -18.22 65.59
CA LYS A 224 -14.73 -17.58 64.44
C LYS A 224 -15.58 -17.75 63.19
N ALA A 225 -16.20 -18.92 63.02
CA ALA A 225 -17.02 -19.16 61.84
C ALA A 225 -18.23 -18.24 61.80
N SER A 226 -18.88 -18.04 62.94
CA SER A 226 -20.05 -17.15 62.99
C SER A 226 -19.65 -15.72 62.68
N ARG A 227 -18.51 -15.28 63.22
CA ARG A 227 -18.03 -13.93 62.92
C ARG A 227 -17.69 -13.79 61.45
N ALA A 228 -17.11 -14.83 60.85
CA ALA A 228 -16.82 -14.81 59.42
C ALA A 228 -18.10 -14.69 58.61
N ARG A 229 -19.13 -15.46 58.98
CA ARG A 229 -20.41 -15.36 58.27
C ARG A 229 -21.01 -13.97 58.40
N THR A 230 -20.95 -13.39 59.60
CA THR A 230 -21.50 -12.05 59.80
C THR A 230 -20.74 -11.01 58.98
N LYS A 231 -19.41 -11.07 59.00
CA LYS A 231 -18.63 -10.10 58.24
C LYS A 231 -18.89 -10.25 56.74
N ALA A 232 -19.01 -11.49 56.27
CA ALA A 232 -19.34 -11.72 54.86
C ALA A 232 -20.71 -11.13 54.53
N GLY A 233 -21.68 -11.30 55.43
CA GLY A 233 -23.00 -10.75 55.18
C GLY A 233 -22.98 -9.24 55.06
N ASP A 234 -22.32 -8.56 56.01
CA ASP A 234 -22.22 -7.10 55.93
C ASP A 234 -21.45 -6.63 54.70
N LEU A 235 -20.39 -7.35 54.33
CA LEU A 235 -19.67 -6.99 53.11
C LEU A 235 -20.56 -7.13 51.89
N ARG A 236 -21.42 -8.16 51.87
CA ARG A 236 -22.33 -8.35 50.75
C ARG A 236 -23.41 -7.26 50.72
N ASP A 237 -23.90 -6.84 51.89
CA ASP A 237 -24.85 -5.73 51.90
C ASP A 237 -24.21 -4.43 51.47
N THR A 238 -22.93 -4.23 51.79
CA THR A 238 -22.23 -3.03 51.35
C THR A 238 -22.18 -2.95 49.83
N GLY A 239 -21.94 -4.08 49.16
CA GLY A 239 -21.96 -4.10 47.71
C GLY A 239 -20.85 -4.93 47.10
N ILE A 240 -20.02 -5.55 47.94
CA ILE A 240 -18.86 -6.30 47.48
C ILE A 240 -19.27 -7.73 47.16
N PHE A 241 -18.93 -8.18 45.94
CA PHE A 241 -19.14 -9.56 45.56
C PHE A 241 -18.04 -10.44 46.12
N LEU A 242 -18.37 -11.70 46.37
CA LEU A 242 -17.43 -12.68 46.92
C LEU A 242 -17.47 -13.93 46.06
N ASP A 243 -16.38 -14.21 45.36
CA ASP A 243 -16.27 -15.38 44.50
C ASP A 243 -15.21 -16.32 45.05
N LEU A 244 -15.42 -17.62 44.81
CA LEU A 244 -14.51 -18.66 45.28
C LEU A 244 -13.84 -19.33 44.09
N MET A 245 -12.55 -19.63 44.26
CA MET A 245 -11.77 -20.27 43.22
C MET A 245 -11.12 -21.54 43.76
N HIS A 246 -11.93 -22.38 44.39
CA HIS A 246 -11.43 -23.54 45.11
C HIS A 246 -10.60 -24.45 44.19
N LEU A 247 -9.47 -24.90 44.71
CA LEU A 247 -8.53 -25.75 43.99
C LEU A 247 -8.65 -27.19 44.47
N LYS A 248 -7.92 -28.07 43.80
CA LYS A 248 -8.07 -29.50 44.03
C LYS A 248 -7.60 -29.88 45.43
N LYS A 249 -8.32 -30.81 46.05
CA LYS A 249 -8.06 -31.33 47.38
C LYS A 249 -8.12 -32.85 47.33
N PRO A 250 -7.40 -33.53 48.22
CA PRO A 250 -7.57 -34.98 48.31
C PRO A 250 -8.92 -35.36 48.88
N GLY A 251 -9.77 -35.98 48.06
CA GLY A 251 -11.11 -36.35 48.47
C GLY A 251 -12.21 -35.41 47.98
N GLY A 252 -11.88 -34.43 47.16
CA GLY A 252 -12.89 -33.52 46.64
C GLY A 252 -13.11 -32.32 47.53
N PHE A 253 -13.58 -31.24 46.92
CA PHE A 253 -13.86 -30.00 47.63
C PHE A 253 -15.35 -29.86 47.85
N ASP A 254 -15.75 -29.68 49.10
CA ASP A 254 -17.17 -29.59 49.46
C ASP A 254 -17.51 -28.14 49.75
N ILE A 255 -18.23 -27.51 48.82
CA ILE A 255 -18.61 -26.11 49.00
C ILE A 255 -19.65 -25.97 50.09
N SER A 256 -20.59 -26.93 50.17
CA SER A 256 -21.69 -26.87 51.12
C SER A 256 -21.24 -26.99 52.58
N LEU A 257 -19.98 -27.35 52.83
CA LEU A 257 -19.52 -27.54 54.20
C LEU A 257 -19.51 -26.22 54.96
N PHE A 258 -18.73 -25.24 54.48
CA PHE A 258 -18.57 -23.97 55.16
C PHE A 258 -19.01 -22.78 54.33
N TYR A 259 -18.73 -22.79 53.03
CA TYR A 259 -19.18 -21.72 52.16
C TYR A 259 -20.65 -21.96 51.80
N ARG A 260 -21.15 -21.23 50.81
CA ARG A 260 -22.58 -21.10 50.49
C ARG A 260 -23.27 -20.28 51.57
N ASP A 261 -22.50 -19.89 52.59
CA ASP A 261 -22.92 -18.90 53.57
C ASP A 261 -22.11 -17.63 53.47
N ILE A 262 -21.09 -17.60 52.61
CA ILE A 262 -20.24 -16.43 52.40
C ILE A 262 -20.26 -15.99 50.94
N ILE A 263 -20.09 -16.94 50.01
CA ILE A 263 -19.95 -16.58 48.61
C ILE A 263 -21.25 -15.99 48.08
N SER A 264 -21.12 -15.11 47.09
CA SER A 264 -22.26 -14.43 46.51
C SER A 264 -23.01 -15.38 45.58
N ILE A 265 -24.34 -15.45 45.74
CA ILE A 265 -25.19 -16.29 44.93
C ILE A 265 -26.32 -15.42 44.38
N ALA A 266 -26.46 -15.38 43.06
CA ALA A 266 -27.52 -14.64 42.39
C ALA A 266 -28.37 -15.61 41.59
N GLU A 267 -29.68 -15.58 41.81
CA GLU A 267 -30.63 -16.46 41.14
C GLU A 267 -30.24 -17.92 41.35
N ASP A 268 -30.03 -18.65 40.24
CA ASP A 268 -29.64 -20.05 40.29
C ASP A 268 -28.32 -20.32 39.58
N GLU A 269 -27.63 -19.27 39.11
CA GLU A 269 -26.38 -19.47 38.40
C GLU A 269 -25.24 -19.85 39.33
N ASP A 270 -25.38 -19.63 40.64
CA ASP A 270 -24.34 -19.95 41.61
C ASP A 270 -24.74 -21.07 42.55
N LEU A 271 -25.78 -21.83 42.20
CA LEU A 271 -26.24 -22.94 43.02
C LEU A 271 -25.98 -24.29 42.35
N ARG A 272 -26.46 -24.48 41.13
CA ARG A 272 -26.20 -25.70 40.38
C ARG A 272 -25.21 -25.52 39.24
N VAL A 273 -24.93 -24.28 38.84
CA VAL A 273 -24.00 -23.99 37.75
C VAL A 273 -22.61 -23.61 38.28
N HIS A 274 -22.38 -23.78 39.58
CA HIS A 274 -21.11 -23.42 40.17
C HIS A 274 -19.97 -24.24 39.56
N PHE A 275 -18.82 -23.61 39.43
CA PHE A 275 -17.66 -24.25 38.83
C PHE A 275 -17.20 -25.43 39.67
N GLU A 276 -16.57 -26.40 39.01
CA GLU A 276 -15.93 -27.50 39.70
C GLU A 276 -14.56 -27.06 40.21
N GLU A 277 -13.97 -27.89 41.06
CA GLU A 277 -12.64 -27.60 41.59
C GLU A 277 -11.60 -27.63 40.47
N SER A 278 -10.65 -26.71 40.54
CA SER A 278 -9.67 -26.54 39.49
C SER A 278 -8.46 -27.44 39.74
N SER A 279 -7.95 -28.04 38.67
CA SER A 279 -6.79 -28.92 38.74
C SER A 279 -5.61 -28.43 37.92
N LYS A 280 -5.84 -27.65 36.87
CA LYS A 280 -4.80 -27.17 35.99
C LYS A 280 -4.78 -25.65 35.98
N LEU A 281 -3.89 -25.09 35.17
CA LEU A 281 -3.81 -23.64 35.04
C LEU A 281 -4.81 -23.09 34.04
N GLU A 282 -5.05 -23.82 32.95
CA GLU A 282 -5.94 -23.31 31.90
C GLU A 282 -7.37 -23.17 32.41
N ASP A 283 -7.90 -24.20 33.07
CA ASP A 283 -9.28 -24.13 33.55
C ASP A 283 -9.44 -23.08 34.64
N LEU A 284 -8.45 -22.97 35.53
CA LEU A 284 -8.52 -21.93 36.55
C LEU A 284 -8.48 -20.54 35.92
N LEU A 285 -7.65 -20.35 34.90
CA LEU A 285 -7.60 -19.07 34.21
C LEU A 285 -8.92 -18.74 33.54
N ARG A 286 -9.53 -19.74 32.88
CA ARG A 286 -10.82 -19.51 32.25
C ARG A 286 -11.90 -19.15 33.28
N LYS A 287 -11.91 -19.86 34.40
CA LYS A 287 -12.88 -19.55 35.45
C LYS A 287 -12.67 -18.15 36.01
N VAL A 288 -11.41 -17.74 36.18
CA VAL A 288 -11.12 -16.42 36.73
C VAL A 288 -11.57 -15.33 35.77
N ARG A 289 -11.25 -15.48 34.48
CA ARG A 289 -11.67 -14.49 33.49
C ARG A 289 -13.17 -14.49 33.26
N ALA A 290 -13.85 -15.60 33.55
CA ALA A 290 -15.29 -15.65 33.32
C ALA A 290 -16.06 -14.87 34.39
N LYS A 291 -15.58 -14.91 35.64
CA LYS A 291 -16.30 -14.32 36.76
C LYS A 291 -15.82 -12.92 37.11
N GLU A 292 -14.91 -12.34 36.33
CA GLU A 292 -14.37 -11.01 36.61
C GLU A 292 -14.63 -9.99 35.53
N THR A 293 -14.95 -10.41 34.31
CA THR A 293 -15.15 -9.48 33.19
C THR A 293 -16.63 -9.13 33.12
N ARG A 294 -16.93 -7.83 33.26
CA ARG A 294 -18.29 -7.36 33.09
C ARG A 294 -18.62 -7.25 31.61
N LYS A 295 -19.82 -7.68 31.24
CA LYS A 295 -20.25 -7.65 29.86
C LYS A 295 -20.77 -6.26 29.50
N ARG A 296 -20.21 -5.68 28.45
CA ARG A 296 -20.62 -4.37 27.95
C ARG A 296 -21.38 -4.56 26.65
N ALA A 297 -22.55 -3.93 26.56
CA ALA A 297 -23.39 -4.03 25.38
C ALA A 297 -23.06 -2.91 24.40
N LEU A 298 -22.89 -3.26 23.13
CA LEU A 298 -22.67 -2.25 22.10
C LEU A 298 -23.90 -1.37 21.94
N SER A 299 -25.09 -1.97 21.95
CA SER A 299 -26.32 -1.23 21.78
C SER A 299 -27.46 -2.03 22.39
N ARG A 300 -28.58 -1.35 22.59
CA ARG A 300 -29.81 -1.96 23.10
C ARG A 300 -30.91 -1.65 22.10
N LEU A 301 -31.05 -2.52 21.10
CA LEU A 301 -31.97 -2.31 20.01
C LEU A 301 -33.35 -2.88 20.34
N LYS A 302 -34.26 -2.80 19.38
CA LYS A 302 -35.61 -3.33 19.52
C LYS A 302 -35.86 -4.36 18.43
N LEU A 303 -36.26 -5.56 18.82
CA LEU A 303 -36.67 -6.60 17.90
C LEU A 303 -38.18 -6.51 17.71
N LYS A 304 -38.60 -6.18 16.50
CA LYS A 304 -40.01 -5.97 16.19
C LYS A 304 -40.52 -7.13 15.34
N LEU A 305 -41.33 -8.00 15.94
CA LEU A 305 -42.02 -9.02 15.17
C LEU A 305 -42.97 -8.39 14.16
N ASN A 306 -43.67 -7.35 14.58
CA ASN A 306 -44.36 -6.44 13.67
C ASN A 306 -44.35 -5.06 14.34
N LYS A 307 -45.17 -4.15 13.83
CA LYS A 307 -45.17 -2.78 14.34
C LYS A 307 -45.66 -2.67 15.78
N ASP A 308 -46.30 -3.70 16.32
CA ASP A 308 -46.85 -3.67 17.67
C ASP A 308 -46.05 -4.49 18.66
N ILE A 309 -45.78 -5.76 18.36
CA ILE A 309 -45.01 -6.62 19.26
C ILE A 309 -43.54 -6.27 19.11
N VAL A 310 -43.00 -5.56 20.09
CA VAL A 310 -41.61 -5.14 20.11
C VAL A 310 -40.99 -5.55 21.44
N ILE A 311 -39.86 -6.25 21.39
CA ILE A 311 -39.13 -6.64 22.58
C ILE A 311 -37.76 -5.96 22.55
N SER A 312 -37.13 -5.90 23.71
CA SER A 312 -35.85 -5.22 23.88
C SER A 312 -34.73 -6.26 23.98
N VAL A 313 -33.66 -6.04 23.23
CA VAL A 313 -32.53 -6.96 23.21
C VAL A 313 -31.23 -6.18 23.35
N GLY A 314 -30.19 -6.89 23.75
CA GLY A 314 -28.84 -6.34 23.80
C GLY A 314 -27.94 -7.06 22.81
N ILE A 315 -27.04 -6.30 22.19
CA ILE A 315 -26.14 -6.79 21.16
C ILE A 315 -24.72 -6.74 21.71
N TYR A 316 -23.99 -7.83 21.53
CA TYR A 316 -22.64 -7.98 22.08
C TYR A 316 -21.70 -8.46 20.99
N ASN A 317 -20.41 -8.16 21.16
CA ASN A 317 -19.36 -8.69 20.29
C ASN A 317 -18.52 -9.64 21.13
N LEU A 318 -18.74 -10.94 20.95
CA LEU A 318 -17.95 -11.94 21.65
C LEU A 318 -16.58 -12.14 21.02
N VAL A 319 -16.36 -11.62 19.82
CA VAL A 319 -15.04 -11.58 19.20
C VAL A 319 -14.79 -10.15 18.73
N GLN A 320 -13.53 -9.70 18.86
CA GLN A 320 -13.16 -8.37 18.43
C GLN A 320 -11.66 -8.34 18.21
N LYS A 321 -11.24 -7.92 17.01
CA LYS A 321 -9.82 -7.92 16.66
C LYS A 321 -9.03 -7.04 17.61
N ALA A 322 -7.91 -7.56 18.08
CA ALA A 322 -7.04 -6.83 19.01
C ALA A 322 -5.99 -6.07 18.22
N LEU A 323 -6.00 -4.75 18.33
CA LEU A 323 -5.08 -3.89 17.62
C LEU A 323 -3.96 -3.43 18.54
N LYS A 324 -2.80 -3.18 17.97
CA LYS A 324 -1.67 -2.66 18.73
C LYS A 324 -1.95 -1.20 19.07
N PRO A 325 -1.95 -0.82 20.35
CA PRO A 325 -2.34 0.54 20.72
C PRO A 325 -1.46 1.58 20.06
N PRO A 326 -2.06 2.64 19.51
CA PRO A 326 -1.26 3.69 18.89
C PRO A 326 -0.55 4.51 19.94
N PRO A 327 0.58 5.13 19.60
CA PRO A 327 1.27 5.99 20.57
C PRO A 327 0.45 7.22 20.90
N ILE A 328 0.63 7.71 22.12
CA ILE A 328 -0.08 8.89 22.58
C ILE A 328 0.89 10.05 22.67
N LYS A 329 0.33 11.26 22.64
CA LYS A 329 1.11 12.50 22.69
C LYS A 329 1.18 13.01 24.11
N LEU A 330 2.39 13.33 24.56
CA LEU A 330 2.61 13.79 25.92
C LEU A 330 3.33 15.13 25.90
N TYR A 331 2.88 16.04 26.77
CA TYR A 331 3.54 17.33 26.92
C TYR A 331 4.93 17.14 27.52
N ARG A 332 5.84 18.06 27.17
CA ARG A 332 7.21 17.95 27.67
C ARG A 332 7.27 18.12 29.18
N GLU A 333 6.46 19.03 29.73
CA GLU A 333 6.39 19.19 31.17
C GLU A 333 5.82 17.92 31.79
N THR A 334 6.69 17.15 32.45
CA THR A 334 6.37 15.79 32.88
C THR A 334 5.85 14.99 31.69
N ASN A 335 4.90 14.10 31.93
CA ASN A 335 4.25 13.34 30.87
C ASN A 335 2.74 13.38 31.11
N GLU A 336 2.02 14.08 30.23
CA GLU A 336 0.59 14.30 30.42
C GLU A 336 -0.14 14.08 29.11
N PRO A 337 -1.30 13.43 29.15
CA PRO A 337 -2.13 13.35 27.94
C PRO A 337 -2.58 14.74 27.50
N VAL A 338 -2.64 14.93 26.18
CA VAL A 338 -3.00 16.22 25.59
C VAL A 338 -4.17 16.01 24.64
N LYS A 339 -5.16 16.89 24.72
CA LYS A 339 -6.33 16.80 23.86
C LYS A 339 -5.95 17.15 22.42
N THR A 340 -6.80 16.73 21.49
CA THR A 340 -6.63 17.00 20.06
C THR A 340 -7.92 17.63 19.54
N LYS A 341 -7.94 18.96 19.46
CA LYS A 341 -9.09 19.69 18.98
C LYS A 341 -8.98 19.93 17.48
N THR A 342 -10.14 20.10 16.84
CA THR A 342 -10.23 20.38 15.41
C THR A 342 -11.02 21.66 15.20
N ARG A 343 -10.52 22.53 14.33
CA ARG A 343 -11.17 23.80 14.05
C ARG A 343 -11.19 24.04 12.55
N THR A 344 -12.16 24.84 12.11
CA THR A 344 -12.32 25.21 10.71
C THR A 344 -12.07 26.70 10.56
N PHE A 345 -11.12 27.06 9.69
CA PHE A 345 -10.77 28.44 9.43
C PHE A 345 -11.09 28.79 7.99
N ASN A 346 -11.67 29.97 7.78
CA ASN A 346 -12.02 30.44 6.43
C ASN A 346 -10.88 31.28 5.85
N THR A 347 -9.68 30.69 5.85
CA THR A 347 -8.47 31.30 5.32
C THR A 347 -8.18 32.67 5.94
N SER A 348 -8.16 33.71 5.11
CA SER A 348 -7.76 35.04 5.57
C SER A 348 -8.74 35.57 6.61
N THR A 349 -10.04 35.41 6.39
CA THR A 349 -11.02 35.92 7.33
C THR A 349 -10.90 35.23 8.69
N GLY A 350 -10.68 33.92 8.68
CA GLY A 350 -10.53 33.19 9.92
C GLY A 350 -11.85 33.03 10.66
N GLY A 351 -11.74 32.57 11.90
CA GLY A 351 -12.91 32.40 12.74
C GLY A 351 -13.53 31.04 12.59
N LEU A 352 -14.21 30.60 13.66
CA LEU A 352 -14.90 29.32 13.65
C LEU A 352 -16.06 29.36 12.68
N LEU A 353 -15.93 28.66 11.55
CA LEU A 353 -16.97 28.67 10.54
C LEU A 353 -18.22 27.97 11.06
N LEU A 354 -19.38 28.57 10.78
CA LEU A 354 -20.64 27.99 11.21
C LEU A 354 -20.92 26.68 10.48
N PRO A 355 -21.58 25.73 11.13
CA PRO A 355 -21.95 24.49 10.43
C PRO A 355 -22.84 24.70 9.23
N SER A 356 -23.60 25.79 9.20
CA SER A 356 -24.49 26.11 8.09
C SER A 356 -23.80 26.93 7.01
N ASP A 357 -22.50 27.20 7.16
CA ASP A 357 -21.74 27.97 6.17
C ASP A 357 -20.91 27.09 5.26
N THR A 358 -21.10 25.78 5.30
CA THR A 358 -20.33 24.85 4.47
C THR A 358 -21.29 23.96 3.68
N LYS A 359 -20.77 23.43 2.57
CA LYS A 359 -21.54 22.56 1.69
C LYS A 359 -20.66 21.38 1.28
N ARG A 360 -21.31 20.36 0.71
CA ARG A 360 -20.64 19.15 0.27
C ARG A 360 -20.68 19.05 -1.24
N SER A 361 -19.58 18.59 -1.83
CA SER A 361 -19.42 18.57 -3.27
C SER A 361 -18.90 17.21 -3.74
N GLN A 362 -19.28 16.86 -4.97
CA GLN A 362 -18.74 15.68 -5.63
C GLN A 362 -18.51 16.00 -7.10
N ILE A 363 -17.34 15.63 -7.61
CA ILE A 363 -16.96 15.92 -8.99
C ILE A 363 -17.01 14.62 -9.79
N TYR A 364 -17.77 14.62 -10.87
CA TYR A 364 -17.83 13.52 -11.82
C TYR A 364 -17.50 14.07 -13.20
N GLY A 365 -16.34 13.68 -13.73
CA GLY A 365 -15.87 14.26 -14.97
C GLY A 365 -15.61 15.75 -14.82
N SER A 366 -16.44 16.56 -15.47
CA SER A 366 -16.38 18.00 -15.34
C SER A 366 -17.63 18.57 -14.69
N ARG A 367 -18.44 17.72 -14.07
CA ARG A 367 -19.71 18.12 -13.47
C ARG A 367 -19.58 18.13 -11.95
N GLN A 368 -20.05 19.20 -11.32
CA GLN A 368 -20.03 19.34 -9.88
C GLN A 368 -21.43 19.19 -9.33
N ILE A 369 -21.59 18.36 -8.31
CA ILE A 369 -22.88 18.12 -7.66
C ILE A 369 -22.75 18.61 -6.22
N ILE A 370 -23.66 19.48 -5.82
CA ILE A 370 -23.61 20.18 -4.54
C ILE A 370 -24.80 19.71 -3.70
N LEU A 371 -24.51 19.25 -2.48
CA LEU A 371 -25.53 18.85 -1.52
C LEU A 371 -25.21 19.45 -0.16
N GLU A 372 -26.25 19.75 0.60
CA GLU A 372 -26.07 20.13 1.99
C GLU A 372 -25.80 18.88 2.84
N LYS A 373 -25.32 19.11 4.05
CA LYS A 373 -24.99 17.99 4.94
C LYS A 373 -26.25 17.20 5.32
N GLU A 374 -27.36 17.90 5.55
CA GLU A 374 -28.60 17.21 5.91
C GLU A 374 -29.06 16.31 4.78
N GLU A 375 -28.93 16.76 3.53
CA GLU A 375 -29.29 15.93 2.39
C GLU A 375 -28.36 14.72 2.27
N THR A 376 -27.07 14.92 2.58
CA THR A 376 -26.13 13.81 2.57
C THR A 376 -26.53 12.75 3.59
N GLU A 377 -26.97 13.18 4.77
CA GLU A 377 -27.47 12.22 5.75
C GLU A 377 -28.79 11.59 5.30
N GLU A 378 -29.64 12.37 4.63
CA GLU A 378 -30.96 11.89 4.24
C GLU A 378 -30.88 10.82 3.17
N LEU A 379 -29.91 10.91 2.26
CA LEU A 379 -29.84 9.89 1.22
C LEU A 379 -29.40 8.52 1.75
N LYS A 380 -28.97 8.44 3.01
CA LYS A 380 -28.58 7.18 3.62
C LYS A 380 -29.66 6.60 4.53
N ARG A 381 -30.82 7.24 4.64
CA ARG A 381 -31.81 6.89 5.64
C ARG A 381 -32.88 5.99 5.02
N PHE A 382 -33.00 4.77 5.54
CA PHE A 382 -34.01 3.83 5.09
C PHE A 382 -35.01 3.48 6.19
N ASP A 383 -34.56 2.99 7.33
CA ASP A 383 -35.44 2.53 8.40
C ASP A 383 -34.95 3.03 9.74
N ASP A 384 -35.84 2.99 10.73
CA ASP A 384 -35.47 3.34 12.09
C ASP A 384 -34.55 2.26 12.67
N PRO A 385 -33.69 2.62 13.63
CA PRO A 385 -32.79 1.63 14.22
C PRO A 385 -33.57 0.52 14.93
N GLY A 386 -33.05 -0.69 14.83
CA GLY A 386 -33.67 -1.85 15.43
C GLY A 386 -33.56 -3.04 14.51
N LEU A 387 -34.23 -4.12 14.89
CA LEU A 387 -34.28 -5.35 14.11
C LEU A 387 -35.74 -5.62 13.74
N MET A 388 -36.00 -5.73 12.44
CA MET A 388 -37.35 -5.97 11.94
C MET A 388 -37.41 -7.38 11.36
N LEU A 389 -38.34 -8.19 11.87
CA LEU A 389 -38.43 -9.57 11.46
C LEU A 389 -39.03 -9.68 10.06
N MET A 390 -38.35 -10.41 9.18
CA MET A 390 -38.84 -10.67 7.84
C MET A 390 -39.40 -12.08 7.68
N GLY A 391 -38.82 -13.07 8.35
CA GLY A 391 -39.39 -14.40 8.26
C GLY A 391 -38.50 -15.43 8.93
N PHE A 392 -38.75 -16.70 8.60
CA PHE A 392 -38.01 -17.82 9.16
C PHE A 392 -37.54 -18.72 8.03
N LYS A 393 -36.28 -19.13 8.10
CA LYS A 393 -35.63 -19.87 7.03
C LYS A 393 -34.95 -21.12 7.58
N PRO A 394 -35.01 -22.24 6.85
CA PRO A 394 -34.27 -23.43 7.27
C PRO A 394 -32.78 -23.16 7.33
N LEU A 395 -32.11 -23.82 8.29
CA LEU A 395 -30.68 -23.58 8.50
C LEU A 395 -29.84 -24.11 7.35
N VAL A 396 -30.36 -25.09 6.61
CA VAL A 396 -29.63 -25.63 5.47
C VAL A 396 -29.49 -24.63 4.34
N LEU A 397 -30.25 -23.54 4.38
CA LEU A 397 -30.18 -22.50 3.36
C LEU A 397 -29.11 -21.45 3.64
N LEU A 398 -28.40 -21.57 4.76
CA LEU A 398 -27.33 -20.65 5.11
C LEU A 398 -25.99 -21.30 4.77
N LYS A 399 -25.18 -20.61 3.97
CA LYS A 399 -23.94 -21.16 3.47
C LYS A 399 -22.77 -20.68 4.32
N LYS A 400 -21.83 -21.59 4.59
CA LYS A 400 -20.66 -21.24 5.38
C LYS A 400 -19.70 -20.34 4.60
N HIS A 401 -19.67 -20.45 3.28
CA HIS A 401 -18.77 -19.66 2.46
C HIS A 401 -19.35 -18.31 2.08
N HIS A 402 -20.50 -17.94 2.65
CA HIS A 402 -21.10 -16.62 2.46
C HIS A 402 -20.75 -15.66 3.58
N TYR A 403 -19.59 -15.84 4.21
CA TYR A 403 -19.21 -14.98 5.33
C TYR A 403 -18.87 -13.58 4.84
N LEU A 404 -19.36 -12.58 5.57
CA LEU A 404 -19.14 -11.18 5.21
C LEU A 404 -18.37 -10.41 6.27
N ARG A 405 -18.81 -10.45 7.52
CA ARG A 405 -18.17 -9.71 8.60
C ARG A 405 -18.47 -10.43 9.91
N PRO A 406 -17.68 -10.19 10.96
CA PRO A 406 -17.82 -10.98 12.18
C PRO A 406 -19.23 -10.89 12.79
N SER A 407 -19.70 -12.01 13.31
CA SER A 407 -21.05 -12.11 13.84
C SER A 407 -21.17 -11.40 15.18
N LEU A 408 -22.41 -11.15 15.59
CA LEU A 408 -22.70 -10.56 16.88
C LEU A 408 -23.56 -11.53 17.69
N PHE A 409 -23.85 -11.15 18.93
CA PHE A 409 -24.64 -11.97 19.83
C PHE A 409 -25.83 -11.16 20.34
N VAL A 410 -27.00 -11.80 20.41
CA VAL A 410 -28.24 -11.15 20.79
C VAL A 410 -28.79 -11.86 22.02
N TYR A 411 -29.07 -11.08 23.07
CA TYR A 411 -29.58 -11.55 24.35
C TYR A 411 -30.77 -10.69 24.77
N PRO A 412 -31.67 -11.22 25.59
CA PRO A 412 -32.79 -10.40 26.06
C PRO A 412 -32.35 -9.30 27.02
N GLU A 413 -33.17 -8.26 27.11
CA GLU A 413 -32.91 -7.10 27.98
C GLU A 413 -34.23 -6.75 28.68
N GLU A 414 -34.33 -7.12 29.96
CA GLU A 414 -35.56 -6.91 30.72
C GLU A 414 -35.67 -5.52 31.31
N SER A 415 -34.59 -4.74 31.33
CA SER A 415 -34.62 -3.43 31.96
C SER A 415 -35.37 -2.39 31.16
N LEU A 416 -35.55 -2.59 29.85
CA LEU A 416 -36.23 -1.64 29.00
C LEU A 416 -37.68 -2.01 28.74
N VAL A 417 -37.93 -3.24 28.29
CA VAL A 417 -39.28 -3.75 28.06
C VAL A 417 -39.48 -4.97 28.93
N ILE A 418 -40.55 -4.97 29.72
CA ILE A 418 -40.85 -6.06 30.63
C ILE A 418 -41.61 -7.14 29.88
N GLY A 419 -41.15 -8.38 30.01
CA GLY A 419 -41.72 -9.49 29.26
C GLY A 419 -40.90 -9.91 28.06
N SER A 420 -39.77 -9.26 27.81
CA SER A 420 -38.94 -9.61 26.67
C SER A 420 -38.31 -10.98 26.83
N SER A 421 -37.94 -11.34 28.07
CA SER A 421 -37.22 -12.58 28.29
C SER A 421 -38.07 -13.80 27.99
N THR A 422 -39.36 -13.76 28.35
CA THR A 422 -40.24 -14.90 28.09
C THR A 422 -40.42 -15.14 26.59
N LEU A 423 -40.69 -14.08 25.83
CA LEU A 423 -40.86 -14.22 24.40
C LEU A 423 -39.55 -14.65 23.74
N PHE A 424 -38.43 -14.10 24.22
CA PHE A 424 -37.13 -14.50 23.70
C PHE A 424 -36.87 -15.99 23.94
N SER A 425 -37.18 -16.48 25.14
CA SER A 425 -36.98 -17.89 25.45
C SER A 425 -37.87 -18.78 24.61
N ALA A 426 -39.14 -18.38 24.43
CA ALA A 426 -40.04 -19.16 23.59
C ALA A 426 -39.55 -19.22 22.15
N LEU A 427 -39.13 -18.09 21.60
CA LEU A 427 -38.59 -18.07 20.25
C LEU A 427 -37.35 -18.94 20.13
N LEU A 428 -36.46 -18.86 21.11
CA LEU A 428 -35.24 -19.66 21.07
C LEU A 428 -35.57 -21.15 21.09
N ILE A 429 -36.49 -21.55 21.99
CA ILE A 429 -36.84 -22.96 22.10
C ILE A 429 -37.46 -23.46 20.79
N LYS A 430 -38.39 -22.70 20.22
CA LYS A 430 -39.07 -23.17 19.02
C LYS A 430 -38.15 -23.15 17.81
N CYS A 431 -37.27 -22.15 17.71
CA CYS A 431 -36.32 -22.11 16.60
C CYS A 431 -35.31 -23.25 16.69
N LEU A 432 -34.89 -23.60 17.90
CA LEU A 432 -34.01 -24.76 18.06
C LEU A 432 -34.74 -26.05 17.71
N GLU A 433 -36.02 -26.15 18.10
CA GLU A 433 -36.77 -27.36 17.81
C GLU A 433 -37.00 -27.55 16.32
N LYS A 434 -37.42 -26.50 15.62
CA LYS A 434 -37.75 -26.58 14.21
C LYS A 434 -36.54 -26.34 13.30
N GLU A 435 -35.38 -26.02 13.86
CA GLU A 435 -34.15 -25.82 13.10
C GLU A 435 -34.32 -24.70 12.06
N VAL A 436 -34.70 -23.53 12.56
CA VAL A 436 -34.92 -22.37 11.71
C VAL A 436 -34.14 -21.18 12.26
N ALA A 437 -33.75 -20.29 11.36
CA ALA A 437 -33.14 -19.02 11.71
C ALA A 437 -34.08 -17.89 11.32
N ALA A 438 -34.08 -16.83 12.12
CA ALA A 438 -34.95 -15.69 11.89
C ALA A 438 -34.26 -14.71 10.96
N LEU A 439 -34.80 -14.56 9.75
CA LEU A 439 -34.28 -13.58 8.81
C LEU A 439 -34.88 -12.21 9.14
N CYS A 440 -34.01 -11.25 9.42
CA CYS A 440 -34.40 -9.91 9.86
C CYS A 440 -33.63 -8.85 9.08
N ARG A 441 -34.11 -7.62 9.17
CA ARG A 441 -33.43 -6.45 8.63
C ARG A 441 -32.80 -5.68 9.77
N TYR A 442 -31.54 -5.27 9.58
CA TYR A 442 -30.71 -4.71 10.64
C TYR A 442 -30.31 -3.29 10.28
N THR A 443 -30.55 -2.37 11.20
CA THR A 443 -30.12 -0.98 11.09
C THR A 443 -29.52 -0.58 12.42
N PRO A 444 -28.21 -0.46 12.54
CA PRO A 444 -27.59 -0.21 13.85
C PRO A 444 -27.89 1.17 14.42
N ARG A 445 -27.65 2.21 13.63
CA ARG A 445 -27.77 3.59 14.07
C ARG A 445 -28.76 4.33 13.17
N ARG A 446 -28.93 5.62 13.46
CA ARG A 446 -29.76 6.47 12.61
C ARG A 446 -29.05 6.76 11.30
N ASN A 447 -29.83 6.81 10.22
CA ASN A 447 -29.32 7.13 8.88
C ASN A 447 -28.22 6.16 8.44
N ILE A 448 -28.55 4.87 8.50
CA ILE A 448 -27.64 3.83 8.01
C ILE A 448 -28.45 2.86 7.15
N PRO A 449 -27.98 2.50 5.96
CA PRO A 449 -28.73 1.59 5.12
C PRO A 449 -28.83 0.22 5.76
N PRO A 450 -29.89 -0.52 5.46
CA PRO A 450 -30.11 -1.80 6.15
C PRO A 450 -29.20 -2.90 5.63
N TYR A 451 -29.06 -3.93 6.46
CA TYR A 451 -28.40 -5.17 6.05
C TYR A 451 -29.27 -6.35 6.47
N PHE A 452 -29.36 -7.36 5.62
CA PHE A 452 -30.11 -8.55 5.99
C PHE A 452 -29.26 -9.43 6.89
N VAL A 453 -29.83 -9.85 8.02
CA VAL A 453 -29.12 -10.67 9.00
C VAL A 453 -29.96 -11.89 9.32
N ALA A 454 -29.27 -12.92 9.79
CA ALA A 454 -29.91 -14.16 10.24
C ALA A 454 -29.62 -14.34 11.73
N LEU A 455 -30.68 -14.45 12.52
CA LEU A 455 -30.56 -14.80 13.94
C LEU A 455 -30.65 -16.31 14.02
N VAL A 456 -29.49 -16.94 14.24
CA VAL A 456 -29.41 -18.39 14.35
C VAL A 456 -29.52 -18.77 15.83
N PRO A 457 -30.46 -19.62 16.21
CA PRO A 457 -30.59 -19.99 17.63
C PRO A 457 -29.33 -20.70 18.12
N GLN A 458 -29.00 -20.45 19.38
CA GLN A 458 -27.76 -20.95 19.96
C GLN A 458 -28.04 -21.44 21.38
N GLU A 459 -27.89 -22.73 21.61
CA GLU A 459 -28.16 -23.35 22.88
C GLU A 459 -26.96 -23.25 23.81
N GLU A 460 -27.24 -23.32 25.11
CA GLU A 460 -26.21 -23.21 26.13
C GLU A 460 -25.44 -24.53 26.24
N GLU A 461 -24.12 -24.45 26.26
CA GLU A 461 -23.26 -25.62 26.37
C GLU A 461 -22.25 -25.40 27.48
N LEU A 462 -22.11 -26.39 28.36
CA LEU A 462 -21.17 -26.37 29.46
C LEU A 462 -20.22 -27.55 29.34
N ASP A 463 -18.97 -27.34 29.74
CA ASP A 463 -17.97 -28.40 29.70
C ASP A 463 -17.99 -29.19 31.01
N ASP A 464 -17.00 -30.05 31.21
CA ASP A 464 -16.93 -30.87 32.42
C ASP A 464 -16.68 -30.04 33.67
N GLN A 465 -16.12 -28.85 33.53
CA GLN A 465 -15.88 -27.96 34.66
C GLN A 465 -17.04 -27.00 34.89
N LYS A 466 -18.17 -27.20 34.21
CA LYS A 466 -19.34 -26.33 34.31
C LYS A 466 -19.03 -24.90 33.85
N ILE A 467 -18.10 -24.76 32.91
CA ILE A 467 -17.78 -23.46 32.31
C ILE A 467 -18.66 -23.27 31.09
N GLN A 468 -19.32 -22.12 30.99
CA GLN A 468 -20.20 -21.84 29.87
C GLN A 468 -19.37 -21.57 28.62
N VAL A 469 -19.25 -22.59 27.76
CA VAL A 469 -18.48 -22.44 26.53
C VAL A 469 -19.33 -21.84 25.41
N THR A 470 -20.64 -21.85 25.56
CA THR A 470 -21.54 -21.33 24.53
C THR A 470 -22.75 -20.69 25.20
N PRO A 471 -22.94 -19.38 25.07
CA PRO A 471 -24.06 -18.71 25.74
C PRO A 471 -25.36 -18.97 25.00
N PRO A 472 -26.49 -19.04 25.72
CA PRO A 472 -27.78 -19.18 25.06
C PRO A 472 -28.25 -17.85 24.50
N GLY A 473 -28.82 -17.90 23.30
CA GLY A 473 -29.26 -16.66 22.68
C GLY A 473 -29.30 -16.80 21.17
N PHE A 474 -29.03 -15.70 20.49
CA PHE A 474 -29.05 -15.71 19.02
C PHE A 474 -27.71 -15.23 18.47
N GLN A 475 -27.26 -15.90 17.43
CA GLN A 475 -26.08 -15.47 16.67
C GLN A 475 -26.55 -14.61 15.51
N LEU A 476 -26.14 -13.34 15.51
CA LEU A 476 -26.44 -12.41 14.43
C LEU A 476 -25.40 -12.58 13.34
N VAL A 477 -25.80 -13.20 12.23
CA VAL A 477 -24.91 -13.49 11.10
C VAL A 477 -25.26 -12.53 9.98
N PHE A 478 -24.26 -11.79 9.50
CA PHE A 478 -24.45 -10.85 8.41
C PHE A 478 -24.47 -11.59 7.08
N LEU A 479 -25.43 -11.24 6.23
CA LEU A 479 -25.56 -11.88 4.94
C LEU A 479 -25.11 -10.94 3.82
N PRO A 480 -24.39 -11.45 2.84
CA PRO A 480 -23.90 -10.59 1.76
C PRO A 480 -25.02 -10.17 0.82
N PHE A 481 -24.80 -9.02 0.18
CA PHE A 481 -25.64 -8.58 -0.92
C PHE A 481 -25.10 -9.16 -2.23
N ALA A 482 -25.80 -8.90 -3.33
CA ALA A 482 -25.30 -9.35 -4.62
C ALA A 482 -24.01 -8.64 -4.99
N ASP A 483 -23.81 -7.43 -4.51
CA ASP A 483 -22.61 -6.66 -4.84
C ASP A 483 -21.37 -7.17 -4.11
N ASP A 484 -21.55 -7.90 -3.02
CA ASP A 484 -20.44 -8.43 -2.24
C ASP A 484 -19.94 -9.77 -2.75
N LYS A 485 -20.58 -10.34 -3.76
CA LYS A 485 -20.17 -11.61 -4.33
C LYS A 485 -19.40 -11.36 -5.62
N ARG A 486 -18.18 -11.88 -5.69
CA ARG A 486 -17.28 -11.63 -6.80
C ARG A 486 -17.24 -12.82 -7.75
N LYS A 487 -16.93 -12.52 -9.01
CA LYS A 487 -16.90 -13.52 -10.06
C LYS A 487 -15.66 -14.38 -9.98
N MET A 488 -15.81 -15.65 -10.32
CA MET A 488 -14.74 -16.63 -10.41
C MET A 488 -14.36 -16.88 -11.85
N PRO A 489 -13.08 -17.08 -12.14
CA PRO A 489 -12.69 -17.42 -13.52
C PRO A 489 -13.08 -18.83 -13.89
N PHE A 490 -13.18 -19.07 -15.20
CA PHE A 490 -13.55 -20.38 -15.68
C PHE A 490 -12.43 -21.39 -15.40
N THR A 491 -12.81 -22.57 -14.93
CA THR A 491 -11.86 -23.61 -14.58
C THR A 491 -12.37 -24.95 -15.09
N GLU A 492 -11.47 -25.75 -15.64
CA GLU A 492 -11.81 -27.09 -16.09
C GLU A 492 -11.66 -28.06 -14.92
N LYS A 493 -12.70 -28.83 -14.66
CA LYS A 493 -12.69 -29.76 -13.53
C LYS A 493 -11.79 -30.94 -13.84
N ILE A 494 -10.72 -31.08 -13.07
CA ILE A 494 -9.80 -32.21 -13.16
C ILE A 494 -9.96 -33.04 -11.90
N MET A 495 -10.38 -34.29 -12.06
CA MET A 495 -10.63 -35.18 -10.93
C MET A 495 -9.40 -36.04 -10.67
N ALA A 496 -9.34 -36.60 -9.47
CA ALA A 496 -8.22 -37.42 -9.04
C ALA A 496 -8.67 -38.87 -8.90
N THR A 497 -7.77 -39.79 -9.25
CA THR A 497 -8.07 -41.21 -9.14
C THR A 497 -8.15 -41.62 -7.67
N PRO A 498 -8.90 -42.68 -7.36
CA PRO A 498 -9.06 -43.09 -5.95
C PRO A 498 -7.75 -43.42 -5.24
N GLU A 499 -6.73 -43.87 -5.96
CA GLU A 499 -5.45 -44.17 -5.32
C GLU A 499 -4.81 -42.90 -4.77
N GLN A 500 -4.81 -41.83 -5.56
CA GLN A 500 -4.27 -40.56 -5.10
C GLN A 500 -5.07 -40.01 -3.92
N VAL A 501 -6.39 -40.14 -3.97
CA VAL A 501 -7.24 -39.69 -2.87
C VAL A 501 -6.94 -40.50 -1.61
N GLY A 502 -6.69 -41.80 -1.77
CA GLY A 502 -6.35 -42.61 -0.61
C GLY A 502 -5.02 -42.25 0.01
N LYS A 503 -4.02 -41.96 -0.82
CA LYS A 503 -2.74 -41.52 -0.29
C LYS A 503 -2.88 -40.19 0.43
N MET A 504 -3.68 -39.29 -0.13
CA MET A 504 -3.95 -38.01 0.52
C MET A 504 -4.66 -38.22 1.84
N LYS A 505 -5.59 -39.18 1.90
CA LYS A 505 -6.27 -39.50 3.16
C LYS A 505 -5.28 -40.00 4.21
N ALA A 506 -4.33 -40.84 3.80
CA ALA A 506 -3.31 -41.30 4.73
C ALA A 506 -2.49 -40.13 5.27
N ILE A 507 -2.08 -39.23 4.39
CA ILE A 507 -1.30 -38.07 4.83
C ILE A 507 -2.13 -37.20 5.78
N VAL A 508 -3.40 -36.99 5.45
CA VAL A 508 -4.26 -36.14 6.29
C VAL A 508 -4.43 -36.76 7.67
N GLU A 509 -4.68 -38.07 7.73
CA GLU A 509 -4.83 -38.73 9.01
C GLU A 509 -3.54 -38.71 9.83
N LYS A 510 -2.39 -38.79 9.15
CA LYS A 510 -1.13 -38.73 9.89
C LYS A 510 -0.85 -37.35 10.49
N LEU A 511 -1.61 -36.33 10.12
CA LEU A 511 -1.39 -34.96 10.60
C LEU A 511 -2.68 -34.40 11.20
N ARG A 512 -3.33 -35.17 12.05
CA ARG A 512 -4.58 -34.78 12.66
C ARG A 512 -4.34 -34.26 14.08
N PHE A 513 -4.95 -33.13 14.41
CA PHE A 513 -4.84 -32.54 15.73
C PHE A 513 -6.17 -31.90 16.11
N THR A 514 -6.30 -31.56 17.39
CA THR A 514 -7.52 -30.99 17.94
C THR A 514 -7.41 -29.47 17.95
N TYR A 515 -8.46 -28.80 17.48
CA TYR A 515 -8.48 -27.35 17.35
C TYR A 515 -9.30 -26.73 18.47
N ARG A 516 -8.75 -25.71 19.12
CA ARG A 516 -9.46 -24.91 20.10
C ARG A 516 -9.39 -23.45 19.69
N SER A 517 -10.45 -22.70 20.02
CA SER A 517 -10.53 -21.31 19.61
C SER A 517 -9.47 -20.44 20.28
N ASP A 518 -8.89 -20.89 21.38
CA ASP A 518 -7.88 -20.13 22.13
C ASP A 518 -6.52 -20.82 22.09
N SER A 519 -6.15 -21.36 20.94
CA SER A 519 -4.92 -22.13 20.80
C SER A 519 -3.75 -21.34 20.21
N PHE A 520 -4.00 -20.16 19.65
CA PHE A 520 -2.96 -19.39 18.99
C PHE A 520 -2.96 -17.97 19.53
N GLU A 521 -1.76 -17.37 19.58
CA GLU A 521 -1.57 -16.00 20.03
C GLU A 521 -1.03 -15.15 18.91
N ASN A 522 -1.43 -13.88 18.89
CA ASN A 522 -0.95 -12.95 17.87
C ASN A 522 0.53 -12.67 18.08
N PRO A 523 1.39 -12.95 17.11
CA PRO A 523 2.83 -12.77 17.36
C PRO A 523 3.26 -11.31 17.40
N VAL A 524 2.67 -10.46 16.56
CA VAL A 524 3.05 -9.05 16.54
C VAL A 524 2.71 -8.38 17.86
N LEU A 525 1.53 -8.67 18.40
CA LEU A 525 1.13 -8.09 19.69
C LEU A 525 2.07 -8.55 20.80
N GLN A 526 2.37 -9.85 20.85
CA GLN A 526 3.22 -10.37 21.89
C GLN A 526 4.62 -9.76 21.82
N GLN A 527 5.18 -9.66 20.62
CA GLN A 527 6.50 -9.05 20.47
C GLN A 527 6.48 -7.58 20.88
N HIS A 528 5.44 -6.85 20.45
CA HIS A 528 5.34 -5.44 20.80
C HIS A 528 5.28 -5.23 22.31
N PHE A 529 4.44 -6.00 22.98
CA PHE A 529 4.30 -5.81 24.42
C PHE A 529 5.50 -6.35 25.19
N ARG A 530 6.19 -7.37 24.68
CA ARG A 530 7.44 -7.78 25.31
C ARG A 530 8.49 -6.70 25.21
N ASN A 531 8.61 -6.05 24.04
CA ASN A 531 9.54 -4.93 23.91
C ASN A 531 9.17 -3.79 24.85
N LEU A 532 7.87 -3.47 24.93
CA LEU A 532 7.44 -2.40 25.83
C LEU A 532 7.74 -2.72 27.28
N GLU A 533 7.51 -3.98 27.70
CA GLU A 533 7.80 -4.37 29.06
C GLU A 533 9.30 -4.30 29.35
N ALA A 534 10.12 -4.73 28.41
CA ALA A 534 11.57 -4.65 28.59
C ALA A 534 12.02 -3.20 28.71
N LEU A 535 11.42 -2.30 27.92
CA LEU A 535 11.80 -0.89 27.99
C LEU A 535 11.35 -0.25 29.29
N ALA A 536 10.12 -0.54 29.74
CA ALA A 536 9.60 0.08 30.94
C ALA A 536 10.36 -0.36 32.19
N LEU A 537 10.98 -1.54 32.14
CA LEU A 537 11.82 -2.02 33.22
C LEU A 537 13.27 -1.56 33.10
N ASP A 538 13.56 -0.71 32.10
CA ASP A 538 14.90 -0.16 31.87
C ASP A 538 15.92 -1.25 31.57
N LEU A 539 15.46 -2.34 30.95
CA LEU A 539 16.36 -3.39 30.48
C LEU A 539 16.57 -3.24 28.97
N MET A 540 17.25 -4.20 28.36
CA MET A 540 17.57 -4.17 26.95
C MET A 540 16.50 -4.92 26.15
N GLU A 541 16.77 -5.13 24.86
CA GLU A 541 15.81 -5.80 24.00
C GLU A 541 15.58 -7.23 24.48
N PRO A 542 14.33 -7.69 24.53
CA PRO A 542 14.07 -9.04 25.05
C PRO A 542 14.43 -10.12 24.05
N GLU A 543 14.56 -11.34 24.59
CA GLU A 543 14.85 -12.50 23.75
C GLU A 543 13.63 -12.87 22.93
N GLN A 544 13.83 -13.08 21.63
CA GLN A 544 12.73 -13.43 20.74
C GLN A 544 12.23 -14.84 21.05
N ALA A 545 10.91 -15.02 20.89
CA ALA A 545 10.26 -16.29 21.14
C ALA A 545 9.78 -16.90 19.84
N VAL A 546 9.80 -18.24 19.78
CA VAL A 546 9.38 -18.94 18.58
C VAL A 546 7.87 -18.79 18.41
N ASP A 547 7.46 -18.42 17.19
CA ASP A 547 6.05 -18.25 16.90
C ASP A 547 5.30 -19.57 16.98
N LEU A 548 4.14 -19.56 17.60
CA LEU A 548 3.31 -20.75 17.73
C LEU A 548 2.35 -20.94 16.57
N THR A 549 2.26 -19.97 15.66
CA THR A 549 1.45 -20.09 14.46
C THR A 549 2.27 -20.56 13.26
N LEU A 550 3.54 -20.88 13.46
CA LEU A 550 4.42 -21.43 12.44
C LEU A 550 4.40 -22.94 12.51
N PRO A 551 4.20 -23.63 11.39
CA PRO A 551 4.15 -25.10 11.43
C PRO A 551 5.49 -25.71 11.83
N LYS A 552 5.42 -26.83 12.53
CA LYS A 552 6.60 -27.58 12.94
C LYS A 552 6.96 -28.51 11.78
N VAL A 553 7.76 -28.00 10.85
CA VAL A 553 8.02 -28.70 9.61
C VAL A 553 8.72 -30.03 9.88
N GLU A 554 9.68 -30.05 10.80
CA GLU A 554 10.41 -31.28 11.09
C GLU A 554 9.48 -32.35 11.65
N ALA A 555 8.60 -31.97 12.57
CA ALA A 555 7.67 -32.93 13.15
C ALA A 555 6.74 -33.51 12.09
N MET A 556 6.22 -32.64 11.21
CA MET A 556 5.34 -33.10 10.14
C MET A 556 6.08 -34.03 9.19
N ASN A 557 7.33 -33.71 8.86
CA ASN A 557 8.10 -34.57 7.97
C ASN A 557 8.36 -35.94 8.60
N LYS A 558 8.70 -35.97 9.89
CA LYS A 558 8.91 -37.25 10.55
C LYS A 558 7.62 -38.06 10.63
N ARG A 559 6.49 -37.40 10.90
CA ARG A 559 5.22 -38.12 10.96
C ARG A 559 4.82 -38.68 9.60
N LEU A 560 4.98 -37.89 8.54
CA LEU A 560 4.54 -38.32 7.22
C LEU A 560 5.39 -39.47 6.69
N GLY A 561 6.68 -39.47 7.01
CA GLY A 561 7.56 -40.53 6.55
C GLY A 561 7.73 -40.56 5.05
N SER A 562 7.42 -41.70 4.43
CA SER A 562 7.60 -41.89 3.00
C SER A 562 6.36 -41.59 2.18
N LEU A 563 5.22 -41.29 2.83
CA LEU A 563 3.98 -41.10 2.10
C LEU A 563 4.07 -39.93 1.11
N VAL A 564 4.85 -38.90 1.43
CA VAL A 564 5.01 -37.77 0.53
C VAL A 564 5.65 -38.22 -0.78
N ASP A 565 6.69 -39.06 -0.69
CA ASP A 565 7.37 -39.52 -1.90
C ASP A 565 6.44 -40.33 -2.79
N GLU A 566 5.65 -41.23 -2.21
CA GLU A 566 4.72 -42.03 -3.01
C GLU A 566 3.61 -41.17 -3.59
N PHE A 567 3.10 -40.21 -2.83
CA PHE A 567 2.10 -39.30 -3.38
C PHE A 567 2.66 -38.52 -4.56
N LYS A 568 3.91 -38.06 -4.44
CA LYS A 568 4.54 -37.35 -5.55
C LYS A 568 4.71 -38.26 -6.75
N GLU A 569 5.07 -39.53 -6.51
CA GLU A 569 5.22 -40.46 -7.62
C GLU A 569 3.89 -40.69 -8.35
N LEU A 570 2.80 -40.83 -7.60
CA LEU A 570 1.49 -41.00 -8.24
C LEU A 570 1.04 -39.73 -8.96
N VAL A 571 1.34 -38.56 -8.40
CA VAL A 571 0.74 -37.31 -8.88
C VAL A 571 1.69 -36.54 -9.78
N TYR A 572 2.92 -36.30 -9.34
CA TYR A 572 3.83 -35.42 -10.07
C TYR A 572 4.50 -36.17 -11.21
N PRO A 573 4.39 -35.71 -12.46
CA PRO A 573 5.14 -36.35 -13.54
C PRO A 573 6.62 -36.18 -13.35
N PRO A 574 7.43 -37.13 -13.81
CA PRO A 574 8.89 -37.03 -13.60
C PRO A 574 9.52 -35.80 -14.23
N ASP A 575 9.01 -35.35 -15.38
CA ASP A 575 9.61 -34.21 -16.06
C ASP A 575 9.33 -32.89 -15.35
N TYR A 576 8.26 -32.82 -14.55
CA TYR A 576 7.92 -31.60 -13.84
C TYR A 576 7.13 -31.90 -12.57
N PRO B 22 -9.05 -5.00 2.59
CA PRO B 22 -8.72 -5.52 1.26
C PRO B 22 -9.44 -4.76 0.14
N HIS B 23 -8.82 -4.72 -1.04
CA HIS B 23 -9.39 -4.03 -2.19
C HIS B 23 -9.35 -4.96 -3.39
N MET B 24 -10.24 -4.70 -4.34
CA MET B 24 -10.31 -5.46 -5.58
C MET B 24 -9.39 -4.86 -6.62
N VAL B 25 -8.56 -5.69 -7.23
CA VAL B 25 -7.69 -5.29 -8.34
C VAL B 25 -8.09 -6.13 -9.54
N ARG B 26 -8.43 -5.45 -10.63
CA ARG B 26 -8.90 -6.10 -11.85
C ARG B 26 -7.91 -5.88 -12.98
N SER B 27 -8.13 -6.60 -14.08
CA SER B 27 -7.15 -6.64 -15.17
C SER B 27 -7.00 -5.28 -15.84
N GLY B 28 -8.11 -4.66 -16.23
CA GLY B 28 -8.03 -3.39 -16.92
C GLY B 28 -8.54 -3.45 -18.35
N ASN B 29 -9.51 -4.32 -18.60
CA ASN B 29 -10.11 -4.48 -19.92
C ASN B 29 -11.52 -3.92 -19.92
N LYS B 30 -11.90 -3.26 -21.01
CA LYS B 30 -13.21 -2.66 -21.14
C LYS B 30 -14.11 -3.55 -21.98
N ALA B 31 -15.36 -3.14 -22.13
CA ALA B 31 -16.36 -3.87 -22.90
C ALA B 31 -17.17 -2.89 -23.73
N ALA B 32 -17.72 -3.42 -24.82
CA ALA B 32 -18.63 -2.67 -25.69
C ALA B 32 -20.03 -3.25 -25.54
N VAL B 33 -20.97 -2.41 -25.12
CA VAL B 33 -22.34 -2.84 -24.85
C VAL B 33 -23.29 -2.02 -25.73
N VAL B 34 -24.14 -2.71 -26.46
CA VAL B 34 -25.18 -2.07 -27.26
C VAL B 34 -26.53 -2.42 -26.64
N LEU B 35 -27.30 -1.39 -26.31
CA LEU B 35 -28.63 -1.56 -25.75
C LEU B 35 -29.63 -1.37 -26.88
N CYS B 36 -30.34 -2.43 -27.22
CA CYS B 36 -31.37 -2.41 -28.26
C CYS B 36 -32.73 -2.29 -27.59
N MET B 37 -33.41 -1.17 -27.84
CA MET B 37 -34.66 -0.85 -27.16
C MET B 37 -35.78 -0.69 -28.17
N ASP B 38 -36.93 -1.28 -27.87
CA ASP B 38 -38.15 -1.08 -28.64
C ASP B 38 -38.85 0.17 -28.15
N VAL B 39 -39.27 1.02 -29.08
CA VAL B 39 -40.02 2.22 -28.74
C VAL B 39 -41.29 2.24 -29.57
N GLY B 40 -41.73 1.06 -30.00
CA GLY B 40 -42.84 0.96 -30.93
C GLY B 40 -44.18 1.24 -30.28
N PHE B 41 -45.22 1.09 -31.10
CA PHE B 41 -46.57 1.41 -30.65
C PHE B 41 -47.00 0.51 -29.50
N THR B 42 -46.77 -0.80 -29.63
CA THR B 42 -47.26 -1.74 -28.63
C THR B 42 -46.53 -1.60 -27.31
N MET B 43 -45.30 -1.08 -27.30
CA MET B 43 -44.61 -0.85 -26.05
C MET B 43 -45.05 0.46 -25.44
N SER B 44 -46.37 0.69 -25.38
CA SER B 44 -46.93 1.83 -24.69
C SER B 44 -48.27 1.52 -24.03
N ASN B 45 -48.73 0.28 -24.09
CA ASN B 45 -50.07 -0.05 -23.62
C ASN B 45 -50.15 0.00 -22.11
N SER B 46 -51.29 0.45 -21.61
CA SER B 46 -51.52 0.62 -20.18
C SER B 46 -52.45 -0.47 -19.67
N ILE B 47 -52.44 -0.63 -18.34
CA ILE B 47 -53.26 -1.62 -17.66
C ILE B 47 -53.43 -1.15 -16.21
N PRO B 48 -54.64 -1.26 -15.64
CA PRO B 48 -54.85 -0.69 -14.30
C PRO B 48 -54.14 -1.46 -13.20
N GLY B 49 -52.86 -1.18 -13.01
CA GLY B 49 -52.09 -1.80 -11.95
C GLY B 49 -50.64 -2.08 -12.29
N ILE B 50 -50.32 -2.09 -13.58
CA ILE B 50 -48.97 -2.36 -14.05
C ILE B 50 -48.52 -1.24 -14.98
N GLU B 51 -47.26 -0.84 -14.86
CA GLU B 51 -46.69 0.16 -15.75
C GLU B 51 -46.53 -0.41 -17.16
N SER B 52 -46.45 0.49 -18.13
CA SER B 52 -46.22 0.07 -19.51
C SER B 52 -44.80 -0.47 -19.65
N PRO B 53 -44.58 -1.38 -20.61
CA PRO B 53 -43.23 -1.91 -20.80
C PRO B 53 -42.20 -0.86 -21.16
N PHE B 54 -42.62 0.25 -21.77
CA PHE B 54 -41.70 1.33 -22.08
C PHE B 54 -41.06 1.90 -20.82
N GLU B 55 -41.88 2.16 -19.80
CA GLU B 55 -41.36 2.73 -18.56
C GLU B 55 -40.45 1.73 -17.84
N GLN B 56 -40.80 0.45 -17.85
CA GLN B 56 -39.96 -0.55 -17.20
C GLN B 56 -38.60 -0.68 -17.90
N ALA B 57 -38.61 -0.70 -19.23
CA ALA B 57 -37.36 -0.73 -19.97
C ALA B 57 -36.54 0.52 -19.71
N LYS B 58 -37.20 1.68 -19.62
CA LYS B 58 -36.50 2.91 -19.28
C LYS B 58 -35.86 2.83 -17.91
N LYS B 59 -36.57 2.25 -16.93
CA LYS B 59 -36.01 2.10 -15.60
C LYS B 59 -34.78 1.21 -15.60
N VAL B 60 -34.85 0.07 -16.30
CA VAL B 60 -33.71 -0.85 -16.33
C VAL B 60 -32.51 -0.19 -17.01
N ILE B 61 -32.75 0.48 -18.14
CA ILE B 61 -31.67 1.13 -18.87
C ILE B 61 -31.07 2.27 -18.03
N THR B 62 -31.92 3.02 -17.33
CA THR B 62 -31.45 4.08 -16.47
C THR B 62 -30.58 3.54 -15.35
N MET B 63 -30.99 2.42 -14.74
CA MET B 63 -30.19 1.82 -13.69
C MET B 63 -28.81 1.39 -14.21
N PHE B 64 -28.80 0.74 -15.37
CA PHE B 64 -27.54 0.29 -15.96
C PHE B 64 -26.61 1.47 -16.24
N VAL B 65 -27.13 2.51 -16.89
CA VAL B 65 -26.31 3.67 -17.24
C VAL B 65 -25.89 4.44 -16.00
N GLN B 66 -26.74 4.52 -14.98
CA GLN B 66 -26.38 5.18 -13.74
C GLN B 66 -25.19 4.49 -13.09
N ARG B 67 -25.23 3.16 -12.99
CA ARG B 67 -24.11 2.45 -12.41
C ARG B 67 -22.85 2.63 -13.24
N GLN B 68 -22.99 2.61 -14.58
CA GLN B 68 -21.82 2.80 -15.44
C GLN B 68 -21.21 4.19 -15.25
N VAL B 69 -22.06 5.22 -15.13
CA VAL B 69 -21.56 6.60 -15.09
C VAL B 69 -20.95 6.90 -13.72
N PHE B 70 -21.65 6.54 -12.64
CA PHE B 70 -21.21 6.96 -11.33
C PHE B 70 -20.13 6.08 -10.73
N ALA B 71 -19.82 4.94 -11.34
CA ALA B 71 -18.67 4.14 -10.95
C ALA B 71 -17.43 4.44 -11.76
N GLU B 72 -17.55 5.28 -12.80
CA GLU B 72 -16.44 5.70 -13.64
C GLU B 72 -15.74 4.49 -14.27
N ASN B 73 -16.52 3.70 -14.99
CA ASN B 73 -16.01 2.57 -15.75
C ASN B 73 -15.60 3.01 -17.15
N LYS B 74 -14.78 2.18 -17.79
CA LYS B 74 -14.29 2.46 -19.13
C LYS B 74 -15.09 1.74 -20.22
N ASP B 75 -16.18 1.07 -19.86
CA ASP B 75 -17.02 0.41 -20.85
C ASP B 75 -17.73 1.44 -21.71
N GLU B 76 -17.86 1.13 -23.00
CA GLU B 76 -18.51 2.02 -23.95
C GLU B 76 -19.88 1.49 -24.32
N ILE B 77 -20.87 2.38 -24.34
CA ILE B 77 -22.27 2.02 -24.47
C ILE B 77 -22.85 2.72 -25.69
N ALA B 78 -23.54 1.97 -26.54
CA ALA B 78 -24.31 2.50 -27.65
C ALA B 78 -25.79 2.18 -27.42
N LEU B 79 -26.67 3.01 -27.97
CA LEU B 79 -28.11 2.85 -27.82
C LEU B 79 -28.76 2.84 -29.19
N VAL B 80 -29.51 1.77 -29.48
CA VAL B 80 -30.21 1.62 -30.76
C VAL B 80 -31.69 1.42 -30.47
N LEU B 81 -32.50 2.36 -30.95
CA LEU B 81 -33.95 2.27 -30.81
C LEU B 81 -34.54 1.71 -32.10
N PHE B 82 -35.55 0.86 -31.97
CA PHE B 82 -36.29 0.38 -33.12
C PHE B 82 -37.78 0.53 -32.88
N GLY B 83 -38.51 0.84 -33.94
CA GLY B 83 -39.89 1.27 -33.84
C GLY B 83 -40.10 2.76 -33.89
N THR B 84 -39.06 3.53 -34.21
CA THR B 84 -39.15 4.97 -34.22
C THR B 84 -39.89 5.46 -35.47
N ASP B 85 -40.18 6.76 -35.47
CA ASP B 85 -40.82 7.39 -36.63
C ASP B 85 -39.83 7.80 -37.70
N GLY B 86 -38.53 7.72 -37.43
CA GLY B 86 -37.51 8.07 -38.40
C GLY B 86 -36.56 6.94 -38.67
N THR B 87 -35.49 7.22 -39.40
CA THR B 87 -34.53 6.18 -39.80
C THR B 87 -33.15 6.81 -39.86
N ASP B 88 -32.27 6.41 -38.94
CA ASP B 88 -30.91 6.95 -38.87
C ASP B 88 -29.96 5.77 -38.66
N ASN B 89 -30.06 4.76 -39.53
CA ASN B 89 -29.15 3.63 -39.41
C ASN B 89 -28.36 3.45 -40.70
N PRO B 90 -27.12 2.97 -40.60
CA PRO B 90 -26.26 2.90 -41.79
C PRO B 90 -26.59 1.77 -42.76
N LEU B 91 -27.71 1.08 -42.56
CA LEU B 91 -28.12 0.00 -43.44
C LEU B 91 -29.47 0.26 -44.09
N SER B 92 -29.91 1.52 -44.14
CA SER B 92 -31.23 1.84 -44.66
C SER B 92 -31.34 1.43 -46.13
N GLY B 93 -30.59 2.09 -47.00
CA GLY B 93 -30.54 1.74 -48.41
C GLY B 93 -31.86 1.77 -49.14
N GLY B 94 -32.91 2.24 -48.49
CA GLY B 94 -34.21 2.34 -49.12
C GLY B 94 -35.08 1.11 -48.95
N ASP B 95 -36.22 1.27 -48.28
CA ASP B 95 -37.20 0.20 -48.09
C ASP B 95 -36.59 -1.01 -47.39
N GLN B 96 -35.61 -0.80 -46.53
CA GLN B 96 -34.96 -1.89 -45.79
C GLN B 96 -34.42 -1.35 -44.48
N TYR B 97 -34.59 -2.13 -43.42
CA TYR B 97 -34.15 -1.74 -42.07
C TYR B 97 -34.70 -0.37 -41.69
N GLN B 98 -35.97 -0.16 -42.02
CA GLN B 98 -36.63 1.11 -41.74
C GLN B 98 -37.04 1.20 -40.28
N ASN B 99 -37.26 2.44 -39.83
CA ASN B 99 -37.72 2.73 -38.47
C ASN B 99 -36.75 2.19 -37.42
N ILE B 100 -35.46 2.29 -37.70
CA ILE B 100 -34.42 1.91 -36.76
C ILE B 100 -33.44 3.07 -36.66
N THR B 101 -33.31 3.64 -35.46
CA THR B 101 -32.45 4.78 -35.21
C THR B 101 -31.30 4.36 -34.29
N VAL B 102 -30.11 4.88 -34.56
CA VAL B 102 -28.97 4.72 -33.65
C VAL B 102 -28.88 6.01 -32.87
N HIS B 103 -29.44 6.02 -31.66
CA HIS B 103 -29.55 7.26 -30.90
C HIS B 103 -28.25 7.68 -30.26
N ARG B 104 -27.28 6.76 -30.14
CA ARG B 104 -26.02 7.05 -29.48
C ARG B 104 -25.00 6.03 -29.93
N HIS B 105 -23.88 6.50 -30.45
CA HIS B 105 -22.82 5.62 -30.92
C HIS B 105 -21.94 5.19 -29.75
N LEU B 106 -21.00 4.30 -30.02
CA LEU B 106 -20.14 3.72 -28.99
C LEU B 106 -19.22 4.79 -28.42
N MET B 107 -19.42 5.13 -27.14
CA MET B 107 -18.57 6.07 -26.44
C MET B 107 -18.85 5.92 -24.95
N LEU B 108 -18.07 6.63 -24.15
CA LEU B 108 -18.25 6.61 -22.72
C LEU B 108 -19.56 7.30 -22.35
N PRO B 109 -20.38 6.71 -21.50
CA PRO B 109 -21.64 7.36 -21.11
C PRO B 109 -21.39 8.60 -20.27
N ASP B 110 -22.34 9.53 -20.34
CA ASP B 110 -22.25 10.78 -19.62
C ASP B 110 -23.66 11.20 -19.21
N PHE B 111 -23.78 12.43 -18.71
CA PHE B 111 -25.07 12.92 -18.24
C PHE B 111 -26.02 13.30 -19.38
N ASP B 112 -25.49 13.58 -20.57
CA ASP B 112 -26.36 13.86 -21.71
C ASP B 112 -27.19 12.63 -22.07
N LEU B 113 -26.57 11.44 -22.04
CA LEU B 113 -27.31 10.22 -22.30
C LEU B 113 -28.39 9.99 -21.25
N LEU B 114 -28.09 10.25 -19.98
CA LEU B 114 -29.07 10.08 -18.93
C LEU B 114 -30.24 11.05 -19.10
N GLU B 115 -29.95 12.31 -19.45
CA GLU B 115 -31.02 13.26 -19.72
C GLU B 115 -31.87 12.83 -20.91
N ASP B 116 -31.22 12.29 -21.95
CA ASP B 116 -31.95 11.80 -23.10
C ASP B 116 -32.87 10.64 -22.73
N ILE B 117 -32.38 9.71 -21.91
CA ILE B 117 -33.22 8.60 -21.45
C ILE B 117 -34.37 9.12 -20.60
N GLU B 118 -34.12 10.17 -19.81
CA GLU B 118 -35.13 10.68 -18.90
C GLU B 118 -36.25 11.39 -19.64
N SER B 119 -35.93 12.47 -20.34
CA SER B 119 -36.98 13.33 -20.88
C SER B 119 -36.67 13.80 -22.31
N LYS B 120 -36.10 12.93 -23.14
CA LYS B 120 -35.90 13.30 -24.54
C LYS B 120 -36.40 12.21 -25.49
N ILE B 121 -36.29 10.96 -25.08
CA ILE B 121 -36.71 9.84 -25.91
C ILE B 121 -38.19 9.58 -25.68
N GLN B 122 -38.98 9.64 -26.75
CA GLN B 122 -40.42 9.53 -26.68
C GLN B 122 -40.91 8.26 -27.35
N PRO B 123 -42.05 7.72 -26.93
CA PRO B 123 -42.60 6.54 -27.60
C PRO B 123 -42.93 6.81 -29.06
N GLY B 124 -42.69 5.81 -29.90
CA GLY B 124 -42.99 5.93 -31.31
C GLY B 124 -44.37 5.43 -31.67
N SER B 125 -44.74 5.64 -32.93
CA SER B 125 -46.03 5.21 -33.45
C SER B 125 -45.88 4.17 -34.55
N GLN B 126 -44.76 3.45 -34.58
CA GLN B 126 -44.50 2.48 -35.63
C GLN B 126 -44.10 1.13 -35.05
N GLN B 127 -43.80 0.16 -35.90
CA GLN B 127 -43.39 -1.16 -35.47
C GLN B 127 -42.23 -1.62 -36.33
N ALA B 128 -41.24 -2.26 -35.72
CA ALA B 128 -40.06 -2.72 -36.43
C ALA B 128 -39.72 -4.15 -36.01
N ASP B 129 -39.26 -4.94 -36.97
CA ASP B 129 -38.76 -6.27 -36.66
C ASP B 129 -37.53 -6.18 -35.77
N PHE B 130 -37.50 -7.00 -34.72
CA PHE B 130 -36.39 -6.93 -33.77
C PHE B 130 -35.16 -7.70 -34.27
N LEU B 131 -35.31 -8.58 -35.26
CA LEU B 131 -34.14 -9.20 -35.86
C LEU B 131 -33.37 -8.20 -36.72
N ASP B 132 -34.08 -7.30 -37.40
CA ASP B 132 -33.41 -6.22 -38.10
C ASP B 132 -32.69 -5.30 -37.13
N ALA B 133 -33.30 -5.06 -35.96
CA ALA B 133 -32.62 -4.28 -34.92
C ALA B 133 -31.37 -5.00 -34.43
N LEU B 134 -31.44 -6.33 -34.30
CA LEU B 134 -30.27 -7.10 -33.92
C LEU B 134 -29.18 -6.99 -34.98
N ILE B 135 -29.57 -7.00 -36.26
CA ILE B 135 -28.60 -6.82 -37.35
C ILE B 135 -27.93 -5.45 -37.25
N VAL B 136 -28.71 -4.41 -36.99
CA VAL B 136 -28.16 -3.06 -36.88
C VAL B 136 -27.20 -2.98 -35.69
N SER B 137 -27.58 -3.58 -34.56
CA SER B 137 -26.70 -3.58 -33.39
C SER B 137 -25.39 -4.32 -33.68
N MET B 138 -25.50 -5.45 -34.39
CA MET B 138 -24.31 -6.19 -34.79
C MET B 138 -23.41 -5.34 -35.69
N ASP B 139 -24.03 -4.59 -36.60
CA ASP B 139 -23.25 -3.72 -37.48
C ASP B 139 -22.54 -2.63 -36.67
N VAL B 140 -23.22 -2.07 -35.67
CA VAL B 140 -22.59 -1.07 -34.82
C VAL B 140 -21.38 -1.67 -34.11
N ILE B 141 -21.55 -2.87 -33.55
CA ILE B 141 -20.44 -3.52 -32.85
C ILE B 141 -19.28 -3.80 -33.79
N GLN B 142 -19.58 -4.28 -35.00
CA GLN B 142 -18.53 -4.68 -35.93
C GLN B 142 -17.77 -3.47 -36.47
N HIS B 143 -18.47 -2.40 -36.84
CA HIS B 143 -17.84 -1.29 -37.51
C HIS B 143 -17.40 -0.17 -36.58
N GLU B 144 -17.75 -0.23 -35.29
CA GLU B 144 -17.34 0.81 -34.36
C GLU B 144 -16.30 0.33 -33.37
N THR B 145 -15.80 -0.90 -33.51
CA THR B 145 -14.77 -1.44 -32.64
C THR B 145 -13.48 -1.76 -33.38
N ILE B 146 -13.32 -1.26 -34.60
CA ILE B 146 -12.15 -1.61 -35.41
C ILE B 146 -10.89 -0.96 -34.83
N GLY B 147 -10.97 0.29 -34.40
CA GLY B 147 -9.80 0.99 -33.93
C GLY B 147 -9.47 0.82 -32.46
N LYS B 148 -10.30 0.14 -31.70
CA LYS B 148 -10.14 0.05 -30.26
C LYS B 148 -10.02 -1.41 -29.82
N LYS B 149 -9.75 -1.59 -28.54
CA LYS B 149 -9.58 -2.91 -27.94
C LYS B 149 -10.71 -3.17 -26.95
N PHE B 150 -11.38 -4.31 -27.12
CA PHE B 150 -12.48 -4.70 -26.25
C PHE B 150 -12.37 -6.19 -25.97
N GLU B 151 -12.55 -6.56 -24.70
CA GLU B 151 -12.51 -7.96 -24.31
C GLU B 151 -13.87 -8.63 -24.39
N LYS B 152 -14.95 -7.87 -24.30
CA LYS B 152 -16.30 -8.44 -24.35
C LYS B 152 -17.18 -7.56 -25.23
N ARG B 153 -18.04 -8.21 -26.02
CA ARG B 153 -19.04 -7.52 -26.83
C ARG B 153 -20.41 -8.08 -26.46
N HIS B 154 -21.31 -7.20 -26.04
CA HIS B 154 -22.57 -7.60 -25.47
C HIS B 154 -23.71 -6.81 -26.10
N ILE B 155 -24.85 -7.47 -26.27
CA ILE B 155 -26.07 -6.83 -26.74
C ILE B 155 -27.21 -7.20 -25.80
N GLU B 156 -27.89 -6.20 -25.27
CA GLU B 156 -29.07 -6.41 -24.44
C GLU B 156 -30.27 -5.89 -25.21
N ILE B 157 -31.28 -6.76 -25.37
CA ILE B 157 -32.44 -6.45 -26.19
C ILE B 157 -33.66 -6.31 -25.28
N PHE B 158 -34.25 -5.13 -25.27
CA PHE B 158 -35.44 -4.81 -24.50
C PHE B 158 -36.61 -4.71 -25.47
N THR B 159 -37.40 -5.77 -25.57
CA THR B 159 -38.53 -5.81 -26.49
C THR B 159 -39.71 -6.47 -25.79
N ASP B 160 -40.85 -6.48 -26.48
CA ASP B 160 -42.05 -7.15 -26.00
C ASP B 160 -42.56 -8.23 -26.94
N LEU B 161 -41.93 -8.38 -28.12
CA LEU B 161 -42.25 -9.47 -29.07
C LEU B 161 -43.71 -9.43 -29.50
N SER B 162 -44.17 -8.25 -29.92
CA SER B 162 -45.55 -8.05 -30.34
C SER B 162 -45.63 -7.55 -31.78
N SER B 163 -44.63 -7.85 -32.59
CA SER B 163 -44.57 -7.37 -33.97
C SER B 163 -44.23 -8.53 -34.89
N ARG B 164 -44.67 -8.42 -36.14
CA ARG B 164 -44.34 -9.43 -37.14
C ARG B 164 -42.84 -9.41 -37.43
N PHE B 165 -42.31 -10.59 -37.76
CA PHE B 165 -40.88 -10.74 -37.96
C PHE B 165 -40.62 -11.76 -39.06
N SER B 166 -39.48 -11.62 -39.72
CA SER B 166 -39.04 -12.57 -40.72
C SER B 166 -38.07 -13.58 -40.10
N LYS B 167 -37.95 -14.74 -40.75
CA LYS B 167 -37.08 -15.81 -40.29
C LYS B 167 -35.98 -16.15 -41.27
N SER B 168 -35.84 -15.38 -42.36
CA SER B 168 -34.87 -15.72 -43.40
C SER B 168 -33.45 -15.53 -42.90
N GLN B 169 -33.15 -14.39 -42.28
CA GLN B 169 -31.79 -14.06 -41.87
C GLN B 169 -31.35 -14.81 -40.62
N LEU B 170 -32.28 -15.50 -39.94
CA LEU B 170 -32.02 -16.09 -38.63
C LEU B 170 -30.68 -16.80 -38.56
N ASP B 171 -30.49 -17.82 -39.40
CA ASP B 171 -29.27 -18.61 -39.37
C ASP B 171 -28.04 -17.71 -39.50
N ILE B 172 -28.05 -16.80 -40.47
CA ILE B 172 -26.91 -15.91 -40.66
C ILE B 172 -26.61 -15.17 -39.37
N ILE B 173 -27.66 -14.62 -38.74
CA ILE B 173 -27.51 -13.95 -37.46
C ILE B 173 -26.69 -14.81 -36.51
N ILE B 174 -27.13 -16.06 -36.30
CA ILE B 174 -26.45 -16.92 -35.35
C ILE B 174 -24.98 -17.07 -35.71
N HIS B 175 -24.72 -17.30 -37.00
CA HIS B 175 -23.34 -17.46 -37.44
C HIS B 175 -22.51 -16.25 -37.06
N SER B 176 -23.04 -15.05 -37.34
CA SER B 176 -22.31 -13.84 -36.98
C SER B 176 -22.08 -13.78 -35.48
N LEU B 177 -23.10 -14.12 -34.69
CA LEU B 177 -22.97 -14.05 -33.24
C LEU B 177 -21.91 -15.02 -32.72
N LYS B 178 -21.58 -16.05 -33.50
CA LYS B 178 -20.51 -16.95 -33.12
C LYS B 178 -19.18 -16.61 -33.77
N LYS B 179 -19.20 -15.89 -34.90
CA LYS B 179 -17.95 -15.52 -35.54
C LYS B 179 -17.28 -14.36 -34.83
N CYS B 180 -18.06 -13.38 -34.38
CA CYS B 180 -17.55 -12.18 -33.73
C CYS B 180 -17.56 -12.28 -32.21
N ASP B 181 -18.05 -13.39 -31.65
CA ASP B 181 -18.10 -13.61 -30.20
C ASP B 181 -18.89 -12.50 -29.50
N ILE B 182 -20.18 -12.43 -29.82
CA ILE B 182 -21.09 -11.44 -29.27
C ILE B 182 -22.09 -12.14 -28.36
N SER B 183 -22.21 -11.66 -27.13
CA SER B 183 -23.15 -12.22 -26.18
C SER B 183 -24.49 -11.50 -26.25
N LEU B 184 -25.55 -12.21 -25.88
CA LEU B 184 -26.91 -11.70 -25.96
C LEU B 184 -27.63 -11.86 -24.64
N GLN B 185 -28.40 -10.85 -24.26
CA GLN B 185 -29.34 -10.94 -23.16
C GLN B 185 -30.68 -10.38 -23.61
N PHE B 186 -31.76 -11.00 -23.12
CA PHE B 186 -33.12 -10.63 -23.51
C PHE B 186 -33.92 -10.21 -22.29
N PHE B 187 -34.66 -9.11 -22.42
CA PHE B 187 -35.50 -8.60 -21.36
C PHE B 187 -36.91 -8.39 -21.90
N LEU B 188 -37.89 -8.95 -21.22
CA LEU B 188 -39.27 -8.99 -21.67
C LEU B 188 -40.19 -8.52 -20.55
N PRO B 189 -41.41 -8.09 -20.88
CA PRO B 189 -42.36 -7.73 -19.83
C PRO B 189 -42.78 -8.89 -18.95
N PHE B 190 -42.60 -10.13 -19.40
CA PHE B 190 -43.04 -11.31 -18.68
C PHE B 190 -41.86 -12.24 -18.44
N SER B 191 -42.07 -13.19 -17.53
CA SER B 191 -41.03 -14.13 -17.15
C SER B 191 -41.09 -15.39 -18.01
N LEU B 192 -40.08 -16.25 -17.84
CA LEU B 192 -39.97 -17.50 -18.57
C LEU B 192 -40.27 -18.71 -17.68
N GLY B 193 -41.00 -18.51 -16.59
CA GLY B 193 -41.29 -19.61 -15.69
C GLY B 193 -42.24 -20.63 -16.33
N LYS B 194 -42.15 -21.86 -15.84
CA LYS B 194 -42.97 -22.96 -16.32
C LYS B 194 -43.81 -23.50 -15.16
N GLU B 195 -45.10 -23.65 -15.40
CA GLU B 195 -46.04 -24.16 -14.38
C GLU B 195 -45.98 -23.31 -13.11
N ASP B 196 -45.94 -21.99 -13.28
CA ASP B 196 -45.89 -21.09 -12.13
C ASP B 196 -47.16 -21.13 -11.29
N GLY B 197 -48.28 -21.53 -11.88
CA GLY B 197 -49.53 -21.61 -11.14
C GLY B 197 -50.26 -20.31 -10.97
N SER B 198 -49.79 -19.24 -11.60
CA SER B 198 -50.41 -17.91 -11.51
C SER B 198 -50.41 -17.50 -10.03
N GLY B 199 -51.50 -16.98 -9.50
CA GLY B 199 -51.55 -16.59 -8.10
C GLY B 199 -52.72 -15.67 -7.77
N GLY B 204 -52.43 -7.65 -2.17
CA GLY B 204 -53.36 -6.59 -2.50
C GLY B 204 -52.98 -5.83 -3.76
N PRO B 205 -52.58 -4.56 -3.59
CA PRO B 205 -52.16 -3.77 -4.75
C PRO B 205 -50.94 -4.35 -5.42
N PHE B 206 -50.88 -4.19 -6.74
CA PHE B 206 -49.75 -4.69 -7.51
C PHE B 206 -48.48 -3.92 -7.16
N ARG B 207 -47.38 -4.64 -6.97
CA ARG B 207 -46.11 -4.07 -6.59
C ARG B 207 -45.04 -4.47 -7.60
N LEU B 208 -44.24 -3.49 -8.03
CA LEU B 208 -43.17 -3.73 -9.00
C LEU B 208 -41.86 -3.96 -8.29
N GLY B 209 -41.09 -4.93 -8.78
CA GLY B 209 -39.81 -5.27 -8.19
C GLY B 209 -39.85 -6.25 -7.06
N GLY B 210 -41.03 -6.69 -6.63
CA GLY B 210 -41.16 -7.65 -5.57
C GLY B 210 -40.94 -9.07 -6.04
N HIS B 211 -40.94 -10.00 -5.09
CA HIS B 211 -40.74 -11.41 -5.35
C HIS B 211 -42.04 -12.18 -5.53
N GLY B 212 -43.18 -11.50 -5.48
CA GLY B 212 -44.47 -12.16 -5.65
C GLY B 212 -45.62 -11.37 -5.06
N PRO B 216 -48.17 -15.70 -15.20
CA PRO B 216 -49.06 -15.15 -16.23
C PRO B 216 -48.79 -15.73 -17.61
N LEU B 217 -48.92 -17.04 -17.75
CA LEU B 217 -48.69 -17.70 -19.03
C LEU B 217 -49.86 -17.55 -20.00
N LYS B 218 -51.04 -17.19 -19.49
CA LYS B 218 -52.22 -17.02 -20.34
C LYS B 218 -52.38 -15.59 -20.85
N GLY B 219 -51.56 -14.66 -20.38
CA GLY B 219 -51.68 -13.26 -20.76
C GLY B 219 -50.96 -12.83 -22.01
N ILE B 220 -50.26 -13.74 -22.68
CA ILE B 220 -49.51 -13.40 -23.88
C ILE B 220 -50.28 -13.85 -25.11
N THR B 221 -50.02 -13.19 -26.23
CA THR B 221 -50.69 -13.49 -27.48
C THR B 221 -49.87 -14.48 -28.31
N GLU B 222 -50.41 -14.87 -29.47
CA GLU B 222 -49.74 -15.86 -30.30
C GLU B 222 -48.44 -15.32 -30.88
N GLN B 223 -48.43 -14.05 -31.30
CA GLN B 223 -47.21 -13.46 -31.81
C GLN B 223 -46.13 -13.41 -30.74
N GLN B 224 -46.52 -13.12 -29.50
CA GLN B 224 -45.57 -13.17 -28.39
C GLN B 224 -45.02 -14.57 -28.20
N LYS B 225 -45.87 -15.60 -28.38
CA LYS B 225 -45.40 -16.97 -28.26
C LYS B 225 -44.40 -17.32 -29.37
N GLU B 226 -44.67 -16.89 -30.60
CA GLU B 226 -43.74 -17.16 -31.69
C GLU B 226 -42.40 -16.45 -31.45
N GLY B 227 -42.46 -15.19 -31.02
CA GLY B 227 -41.23 -14.48 -30.68
C GLY B 227 -40.48 -15.16 -29.56
N LEU B 228 -41.19 -15.66 -28.56
CA LEU B 228 -40.54 -16.37 -27.46
C LEU B 228 -39.87 -17.63 -27.95
N GLU B 229 -40.51 -18.36 -28.86
CA GLU B 229 -39.90 -19.56 -29.42
C GLU B 229 -38.60 -19.22 -30.16
N ILE B 230 -38.63 -18.16 -30.96
CA ILE B 230 -37.41 -17.78 -31.69
C ILE B 230 -36.31 -17.32 -30.74
N VAL B 231 -36.68 -16.57 -29.69
CA VAL B 231 -35.69 -16.13 -28.71
C VAL B 231 -35.06 -17.34 -28.01
N LYS B 232 -35.90 -18.32 -27.64
CA LYS B 232 -35.38 -19.53 -27.00
C LYS B 232 -34.45 -20.28 -27.93
N MET B 233 -34.80 -20.37 -29.22
CA MET B 233 -33.94 -21.05 -30.18
C MET B 233 -32.59 -20.36 -30.31
N VAL B 234 -32.59 -19.02 -30.41
CA VAL B 234 -31.35 -18.29 -30.53
C VAL B 234 -30.49 -18.48 -29.27
N MET B 235 -31.11 -18.38 -28.09
CA MET B 235 -30.36 -18.52 -26.85
C MET B 235 -29.78 -19.92 -26.69
N ILE B 236 -30.54 -20.95 -27.08
CA ILE B 236 -30.04 -22.32 -26.99
C ILE B 236 -28.89 -22.53 -27.97
N SER B 237 -29.02 -21.99 -29.19
CA SER B 237 -27.95 -22.12 -30.17
C SER B 237 -26.67 -21.43 -29.70
N LEU B 238 -26.81 -20.25 -29.10
CA LEU B 238 -25.62 -19.48 -28.72
C LEU B 238 -24.88 -20.12 -27.56
N GLU B 239 -25.60 -20.52 -26.51
CA GLU B 239 -24.96 -21.03 -25.30
C GLU B 239 -25.38 -22.46 -24.97
N GLY B 240 -26.68 -22.76 -24.99
CA GLY B 240 -27.15 -24.07 -24.63
C GLY B 240 -28.36 -24.01 -23.73
N GLU B 241 -28.50 -24.99 -22.83
CA GLU B 241 -29.60 -24.96 -21.86
C GLU B 241 -29.46 -23.74 -20.94
N ASP B 242 -28.25 -23.47 -20.48
CA ASP B 242 -28.02 -22.33 -19.60
C ASP B 242 -28.38 -21.01 -20.26
N GLY B 243 -28.43 -20.97 -21.59
CA GLY B 243 -28.87 -19.76 -22.27
C GLY B 243 -30.28 -19.37 -21.91
N LEU B 244 -31.13 -20.35 -21.57
CA LEU B 244 -32.48 -20.04 -21.13
C LEU B 244 -32.48 -19.24 -19.84
N ASP B 245 -31.39 -19.25 -19.08
CA ASP B 245 -31.26 -18.45 -17.87
C ASP B 245 -30.94 -17.00 -18.17
N GLU B 246 -30.70 -16.64 -19.42
CA GLU B 246 -30.39 -15.27 -19.81
C GLU B 246 -31.56 -14.57 -20.47
N ILE B 247 -32.79 -14.97 -20.12
CA ILE B 247 -34.00 -14.27 -20.51
C ILE B 247 -34.69 -13.82 -19.23
N TYR B 248 -34.80 -12.51 -19.04
CA TYR B 248 -35.30 -11.95 -17.80
C TYR B 248 -36.53 -11.09 -18.07
N SER B 249 -37.21 -10.73 -16.99
CA SER B 249 -38.25 -9.72 -17.01
C SER B 249 -37.72 -8.44 -16.38
N PHE B 250 -38.37 -7.33 -16.71
CA PHE B 250 -37.95 -6.04 -16.18
C PHE B 250 -38.06 -6.01 -14.66
N SER B 251 -39.15 -6.57 -14.12
CA SER B 251 -39.36 -6.57 -12.68
C SER B 251 -38.24 -7.29 -11.95
N GLU B 252 -37.86 -8.47 -12.42
CA GLU B 252 -36.76 -9.18 -11.79
C GLU B 252 -35.41 -8.57 -12.12
N SER B 253 -35.30 -7.88 -13.25
CA SER B 253 -34.06 -7.20 -13.58
C SER B 253 -33.79 -6.04 -12.63
N LEU B 254 -34.84 -5.36 -12.17
CA LEU B 254 -34.64 -4.23 -11.28
C LEU B 254 -34.17 -4.64 -9.88
N ARG B 255 -34.27 -5.91 -9.53
CA ARG B 255 -33.87 -6.38 -8.20
C ARG B 255 -32.72 -7.38 -8.27
N LYS B 256 -32.00 -7.43 -9.38
CA LYS B 256 -30.84 -8.28 -9.54
C LYS B 256 -29.72 -7.48 -10.20
N LEU B 257 -28.54 -8.10 -10.26
CA LEU B 257 -27.37 -7.55 -10.95
C LEU B 257 -27.16 -8.23 -12.30
N CYS B 258 -28.25 -8.59 -12.98
CA CYS B 258 -28.14 -9.36 -14.22
C CYS B 258 -27.62 -8.51 -15.37
N VAL B 259 -27.95 -7.22 -15.42
CA VAL B 259 -27.50 -6.39 -16.52
C VAL B 259 -25.99 -6.18 -16.51
N PHE B 260 -25.34 -6.47 -15.39
CA PHE B 260 -23.89 -6.36 -15.29
C PHE B 260 -23.19 -7.72 -15.30
N LYS B 261 -23.94 -8.80 -15.53
CA LYS B 261 -23.39 -10.14 -15.37
C LYS B 261 -22.34 -10.46 -16.42
N LYS B 262 -22.55 -10.00 -17.65
CA LYS B 262 -21.68 -10.37 -18.76
C LYS B 262 -20.54 -9.39 -19.00
N ILE B 263 -20.42 -8.35 -18.19
CA ILE B 263 -19.34 -7.37 -18.31
C ILE B 263 -18.53 -7.27 -17.02
N GLU B 264 -18.80 -8.11 -16.04
CA GLU B 264 -18.06 -8.09 -14.79
C GLU B 264 -16.70 -8.76 -14.94
N ARG B 265 -15.75 -8.35 -14.11
CA ARG B 265 -14.39 -8.86 -14.13
C ARG B 265 -14.02 -9.44 -12.77
N HIS B 266 -13.20 -10.48 -12.79
CA HIS B 266 -12.69 -11.06 -11.56
C HIS B 266 -11.35 -10.44 -11.17
N SER B 267 -10.94 -10.69 -9.94
CA SER B 267 -9.75 -10.06 -9.40
C SER B 267 -8.48 -10.72 -9.92
N ILE B 268 -7.38 -9.98 -9.84
CA ILE B 268 -6.07 -10.55 -10.14
C ILE B 268 -5.73 -11.58 -9.07
N HIS B 269 -5.27 -12.74 -9.51
CA HIS B 269 -5.06 -13.85 -8.58
C HIS B 269 -3.91 -13.57 -7.62
N TRP B 270 -3.98 -14.25 -6.47
CA TRP B 270 -2.90 -14.25 -5.50
C TRP B 270 -2.15 -15.57 -5.63
N PRO B 271 -0.93 -15.58 -6.16
CA PRO B 271 -0.23 -16.85 -6.39
C PRO B 271 0.64 -17.25 -5.20
N CYS B 272 0.59 -18.53 -4.85
CA CYS B 272 1.38 -19.03 -3.74
C CYS B 272 1.52 -20.54 -3.86
N ARG B 273 2.06 -21.15 -2.82
CA ARG B 273 2.25 -22.59 -2.76
C ARG B 273 1.71 -23.10 -1.43
N LEU B 274 0.68 -23.92 -1.49
CA LEU B 274 0.19 -24.62 -0.31
C LEU B 274 1.21 -25.68 0.09
N THR B 275 1.71 -25.59 1.32
CA THR B 275 2.74 -26.48 1.81
C THR B 275 2.18 -27.33 2.95
N ILE B 276 2.29 -28.64 2.81
CA ILE B 276 2.01 -29.57 3.90
C ILE B 276 3.35 -30.18 4.27
N GLY B 277 3.99 -29.61 5.28
CA GLY B 277 5.35 -29.97 5.62
C GLY B 277 6.36 -29.16 4.82
N SER B 278 7.57 -29.71 4.72
CA SER B 278 8.65 -29.09 3.97
C SER B 278 9.00 -29.88 2.71
N ASN B 279 8.13 -30.78 2.27
CA ASN B 279 8.41 -31.60 1.10
C ASN B 279 7.23 -31.74 0.14
N LEU B 280 6.07 -31.17 0.45
CA LEU B 280 4.91 -31.25 -0.43
C LEU B 280 4.40 -29.84 -0.68
N SER B 281 4.40 -29.43 -1.95
CA SER B 281 4.01 -28.09 -2.35
C SER B 281 3.05 -28.16 -3.52
N ILE B 282 1.98 -27.36 -3.45
CA ILE B 282 0.98 -27.30 -4.51
C ILE B 282 0.85 -25.85 -4.97
N ARG B 283 1.05 -25.61 -6.25
CA ARG B 283 0.93 -24.26 -6.79
C ARG B 283 -0.53 -23.85 -6.84
N ILE B 284 -0.87 -22.75 -6.19
CA ILE B 284 -2.27 -22.35 -6.01
C ILE B 284 -2.44 -20.88 -6.38
N ALA B 285 -3.66 -20.56 -6.81
CA ALA B 285 -4.10 -19.19 -7.05
C ALA B 285 -5.35 -18.92 -6.24
N ALA B 286 -5.36 -17.81 -5.51
CA ALA B 286 -6.46 -17.44 -4.64
C ALA B 286 -7.19 -16.23 -5.20
N TYR B 287 -8.52 -16.29 -5.19
CA TYR B 287 -9.38 -15.22 -5.66
C TYR B 287 -10.31 -14.79 -4.54
N LYS B 288 -10.75 -13.53 -4.59
CA LYS B 288 -11.68 -13.02 -3.61
C LYS B 288 -13.10 -13.44 -3.99
N SER B 289 -13.76 -14.21 -3.13
CA SER B 289 -15.12 -14.64 -3.38
C SER B 289 -16.15 -13.70 -2.78
N ILE B 290 -15.93 -13.26 -1.55
CA ILE B 290 -16.80 -12.30 -0.89
C ILE B 290 -15.94 -11.11 -0.44
N LEU B 291 -16.41 -9.90 -0.77
CA LEU B 291 -15.74 -8.68 -0.34
C LEU B 291 -16.76 -7.56 -0.37
N GLN B 292 -16.86 -6.82 0.73
CA GLN B 292 -17.88 -5.79 0.85
C GLN B 292 -17.65 -4.69 -0.19
N GLU B 293 -18.72 -4.28 -0.85
CA GLU B 293 -18.68 -3.18 -1.81
C GLU B 293 -18.93 -1.87 -1.06
N ARG B 294 -18.10 -0.88 -1.32
CA ARG B 294 -18.16 0.40 -0.62
C ARG B 294 -18.20 1.54 -1.63
N VAL B 295 -18.68 2.68 -1.17
CA VAL B 295 -18.75 3.87 -2.02
C VAL B 295 -17.34 4.34 -2.34
N LYS B 296 -17.07 4.59 -3.62
CA LYS B 296 -15.72 4.94 -4.05
C LYS B 296 -15.36 6.37 -3.69
N LYS B 297 -16.32 7.30 -3.79
CA LYS B 297 -16.07 8.71 -3.57
C LYS B 297 -16.62 9.16 -2.23
N THR B 298 -15.98 10.18 -1.66
CA THR B 298 -16.43 10.83 -0.45
C THR B 298 -16.96 12.23 -0.79
N TRP B 299 -17.49 12.92 0.21
CA TRP B 299 -17.98 14.27 0.05
C TRP B 299 -16.90 15.26 0.48
N THR B 300 -16.61 16.22 -0.38
CA THR B 300 -15.60 17.25 -0.09
C THR B 300 -16.28 18.47 0.50
N VAL B 301 -15.79 18.90 1.67
CA VAL B 301 -16.33 20.09 2.31
C VAL B 301 -15.86 21.32 1.54
N VAL B 302 -16.81 22.12 1.06
CA VAL B 302 -16.50 23.28 0.24
C VAL B 302 -17.21 24.49 0.84
N ASP B 303 -16.73 25.67 0.45
CA ASP B 303 -17.31 26.92 0.93
C ASP B 303 -18.71 27.12 0.35
N ALA B 304 -19.55 27.82 1.11
CA ALA B 304 -20.95 28.00 0.71
C ALA B 304 -21.06 28.81 -0.58
N LYS B 305 -20.26 29.87 -0.72
CA LYS B 305 -20.38 30.79 -1.85
C LYS B 305 -19.42 30.47 -2.98
N THR B 306 -18.12 30.35 -2.69
CA THR B 306 -17.14 30.07 -3.74
C THR B 306 -17.20 28.62 -4.21
N LEU B 307 -17.74 27.72 -3.40
CA LEU B 307 -17.85 26.29 -3.74
C LEU B 307 -16.49 25.71 -4.10
N LYS B 308 -15.46 26.09 -3.35
CA LYS B 308 -14.11 25.62 -3.58
C LYS B 308 -13.51 25.13 -2.26
N LYS B 309 -12.62 24.14 -2.36
CA LYS B 309 -11.99 23.57 -1.19
C LYS B 309 -10.90 24.48 -0.63
N GLU B 310 -10.26 25.29 -1.48
CA GLU B 310 -9.13 26.10 -1.04
C GLU B 310 -9.54 27.16 -0.03
N ASP B 311 -10.83 27.49 0.08
CA ASP B 311 -11.31 28.47 1.02
C ASP B 311 -11.63 27.87 2.39
N ILE B 312 -11.10 26.68 2.68
CA ILE B 312 -11.33 26.00 3.95
C ILE B 312 -9.99 25.57 4.51
N GLN B 313 -9.72 25.94 5.76
CA GLN B 313 -8.51 25.55 6.46
C GLN B 313 -8.86 24.67 7.65
N LYS B 314 -8.23 23.50 7.72
CA LYS B 314 -8.48 22.54 8.79
C LYS B 314 -7.17 22.38 9.57
N GLU B 315 -7.07 23.10 10.69
CA GLU B 315 -5.90 23.07 11.55
C GLU B 315 -6.28 22.51 12.91
N THR B 316 -5.48 21.57 13.40
CA THR B 316 -5.70 20.97 14.70
C THR B 316 -4.77 21.58 15.74
N VAL B 317 -5.30 21.84 16.92
CA VAL B 317 -4.54 22.43 18.01
C VAL B 317 -4.60 21.50 19.22
N TYR B 318 -3.43 21.23 19.80
CA TYR B 318 -3.33 20.43 21.03
C TYR B 318 -3.32 21.41 22.19
N CYS B 319 -4.51 21.71 22.71
CA CYS B 319 -4.66 22.77 23.71
C CYS B 319 -4.41 22.26 25.12
N LEU B 320 -3.28 21.58 25.32
CA LEU B 320 -2.82 21.10 26.63
C LEU B 320 -3.97 20.31 27.26
N ASN B 321 -4.26 20.52 28.55
CA ASN B 321 -5.44 19.95 29.18
C ASN B 321 -6.34 21.02 29.78
N ASP B 322 -6.12 22.29 29.46
CA ASP B 322 -6.90 23.39 30.00
C ASP B 322 -6.95 24.50 28.96
N ASP B 323 -7.33 25.70 29.38
CA ASP B 323 -7.46 26.85 28.51
C ASP B 323 -6.29 27.83 28.68
N ASP B 324 -5.08 27.30 28.89
CA ASP B 324 -3.93 28.18 29.06
C ASP B 324 -3.59 28.93 27.79
N GLU B 325 -3.95 28.38 26.63
CA GLU B 325 -3.70 29.01 25.33
C GLU B 325 -2.22 29.30 25.12
N THR B 326 -1.37 28.39 25.60
CA THR B 326 0.07 28.52 25.41
C THR B 326 0.46 28.07 24.02
N GLU B 327 1.39 28.81 23.40
CA GLU B 327 1.87 28.45 22.08
C GLU B 327 2.63 27.13 22.13
N VAL B 328 2.28 26.21 21.24
CA VAL B 328 2.85 24.87 21.20
C VAL B 328 3.48 24.66 19.83
N LEU B 329 4.76 24.31 19.81
CA LEU B 329 5.44 23.99 18.57
C LEU B 329 5.14 22.55 18.15
N LYS B 330 5.39 22.25 16.87
CA LYS B 330 5.16 20.91 16.37
C LYS B 330 6.12 19.90 16.98
N GLU B 331 7.35 20.30 17.25
CA GLU B 331 8.35 19.43 17.86
C GLU B 331 8.31 19.45 19.38
N ASP B 332 7.43 20.25 19.98
CA ASP B 332 7.36 20.31 21.44
C ASP B 332 6.92 18.99 22.04
N ILE B 333 6.00 18.30 21.39
CA ILE B 333 5.50 17.01 21.87
C ILE B 333 6.42 15.91 21.38
N ILE B 334 6.81 15.01 22.28
CA ILE B 334 7.75 13.94 21.95
C ILE B 334 7.09 12.59 21.78
N GLN B 335 5.84 12.42 22.19
CA GLN B 335 5.07 11.19 22.01
C GLN B 335 5.64 10.02 22.81
N GLY B 336 4.84 8.97 23.00
CA GLY B 336 5.29 7.81 23.75
C GLY B 336 4.20 6.77 23.80
N PHE B 337 4.57 5.60 24.34
CA PHE B 337 3.68 4.46 24.47
C PHE B 337 3.29 4.26 25.92
N ARG B 338 2.17 3.58 26.12
CA ARG B 338 1.63 3.29 27.44
C ARG B 338 1.66 1.80 27.71
N TYR B 339 2.11 1.41 28.90
CA TYR B 339 2.15 0.03 29.36
C TYR B 339 1.44 -0.08 30.71
N GLY B 340 0.24 0.50 30.80
CA GLY B 340 -0.51 0.45 32.04
C GLY B 340 -0.40 1.73 32.84
N SER B 341 0.40 1.72 33.89
CA SER B 341 0.59 2.88 34.75
C SER B 341 1.92 3.59 34.47
N ASP B 342 2.63 3.20 33.42
CA ASP B 342 3.91 3.81 33.09
C ASP B 342 3.93 4.19 31.62
N ILE B 343 4.82 5.12 31.29
CA ILE B 343 4.95 5.67 29.94
C ILE B 343 6.37 5.43 29.45
N VAL B 344 6.50 4.83 28.28
CA VAL B 344 7.79 4.61 27.63
C VAL B 344 7.93 5.66 26.52
N PRO B 345 8.87 6.60 26.63
CA PRO B 345 8.95 7.67 25.64
C PRO B 345 9.43 7.17 24.29
N PHE B 346 9.15 7.98 23.26
CA PHE B 346 9.63 7.70 21.91
C PHE B 346 11.13 7.90 21.77
N SER B 347 11.77 8.58 22.72
CA SER B 347 13.21 8.80 22.66
C SER B 347 14.00 7.54 23.02
N LYS B 348 13.38 6.57 23.67
CA LYS B 348 14.06 5.34 24.08
C LYS B 348 13.69 4.16 23.20
N VAL B 349 13.04 4.40 22.06
CA VAL B 349 12.63 3.34 21.16
C VAL B 349 13.36 3.50 19.84
N ASP B 350 13.48 2.39 19.11
CA ASP B 350 14.10 2.38 17.80
C ASP B 350 13.20 1.62 16.82
N GLU B 351 13.17 2.09 15.58
CA GLU B 351 12.29 1.49 14.59
C GLU B 351 12.61 0.02 14.36
N GLU B 352 13.91 -0.32 14.32
CA GLU B 352 14.32 -1.70 14.09
C GLU B 352 14.00 -2.61 15.27
N GLN B 353 13.78 -2.05 16.46
CA GLN B 353 13.57 -2.90 17.63
C GLN B 353 12.18 -3.52 17.63
N MET B 354 11.14 -2.71 17.45
CA MET B 354 9.78 -3.23 17.46
C MET B 354 9.29 -3.42 16.02
N LYS B 355 9.76 -4.50 15.41
CA LYS B 355 9.33 -4.89 14.08
C LYS B 355 9.36 -6.40 14.00
N TYR B 356 8.19 -7.01 13.88
CA TYR B 356 8.07 -8.45 13.72
C TYR B 356 8.55 -8.83 12.33
N LYS B 357 9.76 -9.35 12.24
CA LYS B 357 10.34 -9.74 10.96
C LYS B 357 9.60 -10.95 10.42
N SER B 358 8.71 -10.73 9.46
CA SER B 358 7.94 -11.81 8.88
C SER B 358 8.83 -12.69 8.00
N GLU B 359 8.47 -13.96 7.91
CA GLU B 359 9.19 -14.91 7.08
C GLU B 359 8.77 -14.86 5.62
N GLY B 360 7.79 -14.04 5.28
CA GLY B 360 7.38 -13.85 3.90
C GLY B 360 5.96 -14.35 3.66
N LYS B 361 5.53 -14.17 2.42
CA LYS B 361 4.23 -14.64 1.99
C LYS B 361 4.19 -16.16 2.03
N CYS B 362 3.12 -16.73 2.57
CA CYS B 362 3.05 -18.16 2.76
C CYS B 362 1.59 -18.62 2.82
N PHE B 363 1.41 -19.91 2.59
CA PHE B 363 0.12 -20.59 2.75
C PHE B 363 0.47 -22.00 3.23
N SER B 364 0.52 -22.18 4.54
CA SER B 364 1.12 -23.36 5.15
C SER B 364 0.10 -24.04 6.05
N VAL B 365 -0.02 -25.36 5.93
CA VAL B 365 -0.99 -26.11 6.71
C VAL B 365 -0.42 -26.35 8.10
N LEU B 366 -1.07 -25.79 9.12
CA LEU B 366 -0.70 -26.13 10.49
C LEU B 366 -1.25 -27.49 10.90
N GLY B 367 -2.42 -27.86 10.41
CA GLY B 367 -2.95 -29.17 10.74
C GLY B 367 -4.29 -29.43 10.10
N PHE B 368 -4.82 -30.62 10.39
CA PHE B 368 -6.14 -31.03 9.95
C PHE B 368 -6.98 -31.37 11.17
N CYS B 369 -8.25 -30.99 11.14
CA CYS B 369 -9.10 -31.17 12.30
C CYS B 369 -10.54 -31.42 11.85
N LYS B 370 -11.34 -31.95 12.77
CA LYS B 370 -12.73 -32.25 12.47
C LYS B 370 -13.49 -30.97 12.15
N SER B 371 -14.40 -31.06 11.17
CA SER B 371 -15.14 -29.89 10.73
C SER B 371 -16.04 -29.34 11.84
N SER B 372 -16.48 -30.20 12.77
CA SER B 372 -17.33 -29.74 13.86
C SER B 372 -16.56 -28.90 14.87
N GLN B 373 -15.23 -28.96 14.86
CA GLN B 373 -14.45 -28.17 15.81
C GLN B 373 -14.36 -26.70 15.41
N VAL B 374 -14.40 -26.41 14.12
CA VAL B 374 -14.34 -25.03 13.63
C VAL B 374 -15.78 -24.56 13.41
N GLN B 375 -16.22 -23.60 14.21
CA GLN B 375 -17.58 -23.09 14.17
C GLN B 375 -17.64 -21.75 13.44
N ARG B 376 -18.85 -21.41 13.00
CA ARG B 376 -19.03 -20.22 12.17
C ARG B 376 -18.93 -18.92 12.97
N ARG B 377 -19.30 -18.96 14.25
CA ARG B 377 -19.31 -17.73 15.05
C ARG B 377 -17.91 -17.20 15.31
N PHE B 378 -16.88 -18.01 15.09
CA PHE B 378 -15.51 -17.57 15.29
C PHE B 378 -14.85 -17.06 14.02
N PHE B 379 -15.58 -16.99 12.91
CA PHE B 379 -15.02 -16.46 11.67
C PHE B 379 -14.68 -14.99 11.84
N MET B 380 -13.52 -14.60 11.32
CA MET B 380 -13.02 -13.24 11.45
C MET B 380 -12.58 -12.72 10.09
N GLY B 381 -12.29 -11.43 10.05
CA GLY B 381 -11.83 -10.80 8.82
C GLY B 381 -12.97 -10.22 8.00
N ASN B 382 -12.59 -9.65 6.87
CA ASN B 382 -13.53 -8.97 5.98
C ASN B 382 -13.38 -9.49 4.55
N GLN B 383 -13.08 -10.77 4.40
CA GLN B 383 -12.96 -11.37 3.08
C GLN B 383 -13.06 -12.88 3.19
N VAL B 384 -13.44 -13.51 2.08
CA VAL B 384 -13.44 -14.95 1.93
C VAL B 384 -12.67 -15.27 0.65
N LEU B 385 -11.75 -16.23 0.72
CA LEU B 385 -10.91 -16.54 -0.42
C LEU B 385 -11.26 -17.91 -0.98
N LYS B 386 -11.20 -18.04 -2.30
CA LYS B 386 -11.35 -19.32 -2.98
C LYS B 386 -10.03 -19.70 -3.62
N VAL B 387 -9.54 -20.89 -3.29
CA VAL B 387 -8.21 -21.34 -3.67
C VAL B 387 -8.37 -22.43 -4.70
N PHE B 388 -7.86 -22.17 -5.91
CA PHE B 388 -7.79 -23.12 -7.01
C PHE B 388 -6.33 -23.48 -7.28
N ALA B 389 -6.14 -24.46 -8.14
CA ALA B 389 -4.79 -24.76 -8.61
C ALA B 389 -4.31 -23.69 -9.58
N ALA B 390 -3.00 -23.61 -9.73
CA ALA B 390 -2.42 -22.63 -10.64
C ALA B 390 -2.81 -22.92 -12.08
N ARG B 391 -2.99 -21.86 -12.85
CA ARG B 391 -3.40 -22.01 -14.25
C ARG B 391 -2.35 -22.76 -15.04
N ASP B 392 -2.81 -23.66 -15.92
CA ASP B 392 -1.94 -24.46 -16.78
C ASP B 392 -0.97 -25.30 -15.96
N ASP B 393 -1.51 -26.01 -14.97
CA ASP B 393 -0.72 -26.91 -14.12
C ASP B 393 -1.57 -28.14 -13.84
N GLU B 394 -1.38 -29.19 -14.65
CA GLU B 394 -2.17 -30.40 -14.48
C GLU B 394 -1.83 -31.11 -13.17
N ALA B 395 -0.54 -31.18 -12.83
CA ALA B 395 -0.14 -31.88 -11.61
C ALA B 395 -0.68 -31.17 -10.36
N ALA B 396 -0.62 -29.83 -10.36
CA ALA B 396 -1.18 -29.07 -9.23
C ALA B 396 -2.67 -29.29 -9.12
N ALA B 397 -3.38 -29.33 -10.26
CA ALA B 397 -4.82 -29.58 -10.22
C ALA B 397 -5.13 -30.96 -9.65
N VAL B 398 -4.36 -31.97 -10.05
CA VAL B 398 -4.58 -33.33 -9.55
C VAL B 398 -4.33 -33.37 -8.04
N ALA B 399 -3.23 -32.76 -7.59
CA ALA B 399 -2.91 -32.78 -6.17
C ALA B 399 -3.96 -32.06 -5.34
N LEU B 400 -4.41 -30.89 -5.80
CA LEU B 400 -5.43 -30.15 -5.06
C LEU B 400 -6.75 -30.89 -5.06
N SER B 401 -7.09 -31.56 -6.17
CA SER B 401 -8.29 -32.39 -6.20
C SER B 401 -8.20 -33.51 -5.16
N SER B 402 -7.04 -34.14 -5.07
CA SER B 402 -6.86 -35.19 -4.07
C SER B 402 -7.04 -34.65 -2.66
N LEU B 403 -6.47 -33.48 -2.37
CA LEU B 403 -6.61 -32.89 -1.04
C LEU B 403 -8.07 -32.56 -0.74
N ILE B 404 -8.77 -31.95 -1.70
CA ILE B 404 -10.15 -31.55 -1.49
C ILE B 404 -11.03 -32.78 -1.26
N HIS B 405 -10.83 -33.83 -2.06
CA HIS B 405 -11.67 -35.01 -1.93
C HIS B 405 -11.36 -35.78 -0.64
N ALA B 406 -10.10 -35.82 -0.23
CA ALA B 406 -9.77 -36.44 1.05
C ALA B 406 -10.42 -35.70 2.21
N LEU B 407 -10.36 -34.37 2.18
CA LEU B 407 -10.98 -33.58 3.25
C LEU B 407 -12.49 -33.79 3.27
N ASP B 408 -13.13 -33.82 2.10
CA ASP B 408 -14.57 -34.02 2.05
C ASP B 408 -14.96 -35.40 2.54
N ASP B 409 -14.20 -36.44 2.14
CA ASP B 409 -14.52 -37.79 2.55
C ASP B 409 -14.35 -37.98 4.05
N LEU B 410 -13.29 -37.42 4.62
CA LEU B 410 -13.03 -37.57 6.04
C LEU B 410 -13.75 -36.54 6.91
N ASP B 411 -14.48 -35.60 6.30
CA ASP B 411 -15.17 -34.53 7.01
C ASP B 411 -14.21 -33.75 7.89
N MET B 412 -13.21 -33.17 7.25
CA MET B 412 -12.13 -32.48 7.95
C MET B 412 -11.80 -31.18 7.24
N VAL B 413 -11.17 -30.27 7.98
CA VAL B 413 -10.76 -28.96 7.48
C VAL B 413 -9.30 -28.76 7.83
N ALA B 414 -8.64 -27.87 7.07
CA ALA B 414 -7.22 -27.61 7.23
C ALA B 414 -7.04 -26.26 7.92
N ILE B 415 -6.49 -26.27 9.12
CA ILE B 415 -6.07 -25.05 9.79
C ILE B 415 -4.72 -24.64 9.22
N VAL B 416 -4.65 -23.43 8.66
CA VAL B 416 -3.51 -22.97 7.88
C VAL B 416 -3.05 -21.59 8.37
N ARG B 417 -1.81 -21.26 8.04
CA ARG B 417 -1.24 -19.95 8.28
C ARG B 417 -1.20 -19.18 6.98
N TYR B 418 -1.66 -17.92 7.02
CA TYR B 418 -1.81 -17.11 5.82
C TYR B 418 -1.08 -15.78 6.01
N ALA B 419 -0.24 -15.43 5.04
CA ALA B 419 0.47 -14.17 5.01
C ALA B 419 0.38 -13.59 3.61
N TYR B 420 -0.21 -12.39 3.49
CA TYR B 420 -0.41 -11.79 2.17
C TYR B 420 0.91 -11.47 1.50
N ASP B 421 1.85 -10.89 2.23
CA ASP B 421 3.19 -10.59 1.72
C ASP B 421 4.13 -10.47 2.92
N LYS B 422 5.35 -9.98 2.66
CA LYS B 422 6.33 -9.87 3.72
C LYS B 422 6.04 -8.74 4.70
N ARG B 423 5.07 -7.87 4.40
CA ARG B 423 4.72 -6.78 5.30
C ARG B 423 3.41 -6.99 6.05
N ALA B 424 2.48 -7.77 5.51
CA ALA B 424 1.21 -7.99 6.17
C ALA B 424 1.38 -8.85 7.41
N ASN B 425 0.54 -8.57 8.41
CA ASN B 425 0.57 -9.36 9.64
C ASN B 425 0.06 -10.76 9.37
N PRO B 426 0.78 -11.81 9.76
CA PRO B 426 0.30 -13.17 9.53
C PRO B 426 -0.96 -13.46 10.32
N GLN B 427 -1.81 -14.30 9.76
CA GLN B 427 -3.04 -14.72 10.40
C GLN B 427 -3.17 -16.23 10.33
N VAL B 428 -4.09 -16.76 11.13
CA VAL B 428 -4.42 -18.17 11.16
C VAL B 428 -5.87 -18.33 10.72
N GLY B 429 -6.11 -19.21 9.75
CA GLY B 429 -7.43 -19.38 9.20
C GLY B 429 -7.74 -20.83 8.91
N VAL B 430 -8.93 -21.04 8.34
CA VAL B 430 -9.44 -22.37 8.02
C VAL B 430 -9.68 -22.45 6.51
N ALA B 431 -9.25 -23.55 5.92
CA ALA B 431 -9.55 -23.89 4.54
C ALA B 431 -10.40 -25.16 4.54
N PHE B 432 -11.56 -25.08 3.90
CA PHE B 432 -12.42 -26.24 3.83
C PHE B 432 -12.85 -26.53 2.39
N PRO B 433 -13.09 -27.80 2.07
CA PRO B 433 -13.39 -28.16 0.68
C PRO B 433 -14.70 -27.58 0.19
N HIS B 434 -14.78 -27.38 -1.12
CA HIS B 434 -15.97 -26.87 -1.79
C HIS B 434 -16.06 -27.55 -3.15
N ILE B 435 -16.92 -28.55 -3.26
CA ILE B 435 -17.06 -29.36 -4.47
C ILE B 435 -18.37 -29.02 -5.14
N LYS B 436 -18.30 -28.68 -6.42
CA LYS B 436 -19.47 -28.44 -7.26
C LYS B 436 -19.31 -29.22 -8.55
N HIS B 437 -20.41 -29.29 -9.32
CA HIS B 437 -20.42 -30.09 -10.53
C HIS B 437 -19.50 -29.52 -11.61
N ASN B 438 -19.25 -28.21 -11.57
CA ASN B 438 -18.42 -27.57 -12.58
C ASN B 438 -17.02 -27.21 -12.10
N TYR B 439 -16.81 -27.12 -10.79
CA TYR B 439 -15.48 -26.79 -10.27
C TYR B 439 -15.39 -27.25 -8.83
N GLU B 440 -14.16 -27.30 -8.32
CA GLU B 440 -13.87 -27.66 -6.94
C GLU B 440 -12.69 -26.83 -6.46
N CYS B 441 -12.74 -26.42 -5.19
CA CYS B 441 -11.74 -25.51 -4.66
C CYS B 441 -11.69 -25.64 -3.14
N LEU B 442 -10.82 -24.85 -2.53
CA LEU B 442 -10.82 -24.68 -1.08
C LEU B 442 -11.35 -23.29 -0.76
N VAL B 443 -11.93 -23.14 0.43
CA VAL B 443 -12.41 -21.85 0.90
C VAL B 443 -11.66 -21.48 2.17
N TYR B 444 -11.04 -20.30 2.16
CA TYR B 444 -10.27 -19.78 3.27
C TYR B 444 -11.03 -18.65 3.97
N VAL B 445 -11.17 -18.78 5.29
CA VAL B 445 -11.74 -17.74 6.14
C VAL B 445 -10.87 -17.60 7.38
N GLN B 446 -10.66 -16.36 7.83
CA GLN B 446 -9.79 -16.10 8.97
C GLN B 446 -10.40 -16.61 10.27
N LEU B 447 -9.52 -16.90 11.23
CA LEU B 447 -9.87 -17.44 12.54
C LEU B 447 -9.25 -16.55 13.60
N PRO B 448 -9.79 -16.54 14.81
CA PRO B 448 -9.33 -15.60 15.83
C PRO B 448 -8.06 -16.05 16.52
N PHE B 449 -7.42 -15.08 17.19
CA PHE B 449 -6.36 -15.33 18.12
C PHE B 449 -6.94 -15.32 19.55
N MET B 450 -6.07 -15.56 20.54
CA MET B 450 -6.52 -15.56 21.93
C MET B 450 -6.99 -14.17 22.36
N GLU B 451 -6.29 -13.13 21.92
CA GLU B 451 -6.59 -11.78 22.37
C GLU B 451 -7.92 -11.26 21.84
N ASP B 452 -8.49 -11.91 20.83
CA ASP B 452 -9.73 -11.43 20.22
C ASP B 452 -10.98 -12.04 20.83
N LEU B 453 -10.84 -12.90 21.84
CA LEU B 453 -11.97 -13.60 22.42
C LEU B 453 -12.37 -12.96 23.74
N ARG B 454 -13.67 -12.73 23.91
CA ARG B 454 -14.23 -12.16 25.13
C ARG B 454 -15.06 -13.22 25.82
N GLN B 455 -14.74 -13.52 27.08
CA GLN B 455 -15.36 -14.60 27.82
C GLN B 455 -16.41 -14.01 28.77
N TYR B 456 -17.61 -13.80 28.24
CA TYR B 456 -18.73 -13.34 29.04
C TYR B 456 -19.57 -14.52 29.53
N MET B 457 -20.35 -14.26 30.56
CA MET B 457 -21.27 -15.25 31.12
C MET B 457 -22.68 -14.69 31.08
N PHE B 458 -23.63 -15.50 30.61
CA PHE B 458 -25.03 -15.10 30.51
C PHE B 458 -25.91 -16.09 31.26
N SER B 459 -26.98 -15.57 31.84
CA SER B 459 -27.88 -16.41 32.61
C SER B 459 -28.65 -17.35 31.71
N SER B 460 -28.80 -18.59 32.15
CA SER B 460 -29.59 -19.56 31.41
C SER B 460 -31.07 -19.19 31.45
N LEU B 461 -31.71 -19.25 30.29
CA LEU B 461 -33.13 -18.92 30.16
C LEU B 461 -34.04 -20.14 30.27
N LYS B 462 -33.58 -21.29 29.78
CA LYS B 462 -34.39 -22.51 29.88
C LYS B 462 -34.56 -22.94 31.33
N ASN B 463 -33.53 -22.76 32.16
CA ASN B 463 -33.54 -23.14 33.55
C ASN B 463 -33.99 -22.00 34.47
N SER B 464 -34.83 -21.09 33.98
CA SER B 464 -35.29 -19.95 34.75
C SER B 464 -36.78 -20.10 35.06
N LYS B 465 -37.12 -20.04 36.34
CA LYS B 465 -38.53 -20.08 36.74
C LYS B 465 -39.24 -18.76 36.48
N LYS B 466 -38.50 -17.64 36.51
CA LYS B 466 -39.13 -16.34 36.29
C LYS B 466 -39.52 -16.14 34.84
N TYR B 467 -38.70 -16.64 33.91
CA TYR B 467 -38.93 -16.47 32.48
C TYR B 467 -39.24 -17.80 31.78
N ALA B 468 -40.03 -18.65 32.42
CA ALA B 468 -40.41 -19.92 31.83
C ALA B 468 -41.71 -19.76 31.07
N PRO B 469 -41.71 -19.86 29.74
CA PRO B 469 -42.96 -19.71 28.99
C PRO B 469 -43.92 -20.85 29.24
N THR B 470 -45.20 -20.53 29.15
CA THR B 470 -46.25 -21.52 29.31
C THR B 470 -46.44 -22.31 28.01
N GLU B 471 -47.26 -23.36 28.10
CA GLU B 471 -47.51 -24.20 26.93
C GLU B 471 -48.24 -23.42 25.84
N ALA B 472 -49.21 -22.60 26.22
CA ALA B 472 -49.96 -21.81 25.23
C ALA B 472 -49.05 -20.84 24.50
N GLN B 473 -48.11 -20.21 25.23
CA GLN B 473 -47.16 -19.30 24.59
C GLN B 473 -46.27 -20.04 23.61
N LEU B 474 -45.82 -21.24 23.96
CA LEU B 474 -45.01 -22.04 23.05
C LEU B 474 -45.81 -22.42 21.81
N ASN B 475 -47.08 -22.77 21.98
CA ASN B 475 -47.92 -23.09 20.83
C ASN B 475 -48.10 -21.89 19.92
N ALA B 476 -48.29 -20.70 20.51
CA ALA B 476 -48.43 -19.50 19.70
C ALA B 476 -47.15 -19.21 18.91
N VAL B 477 -45.99 -19.37 19.55
CA VAL B 477 -44.74 -19.14 18.85
C VAL B 477 -44.53 -20.17 17.75
N ASP B 478 -44.93 -21.42 18.00
CA ASP B 478 -44.86 -22.45 16.97
C ASP B 478 -45.73 -22.10 15.78
N ALA B 479 -46.95 -21.61 16.04
CA ALA B 479 -47.82 -21.20 14.94
C ALA B 479 -47.22 -20.03 14.17
N LEU B 480 -46.61 -19.07 14.88
CA LEU B 480 -45.97 -17.94 14.20
C LEU B 480 -44.84 -18.41 13.31
N ILE B 481 -44.00 -19.33 13.79
CA ILE B 481 -42.90 -19.82 12.98
C ILE B 481 -43.41 -20.60 11.78
N ASP B 482 -44.49 -21.36 11.97
CA ASP B 482 -45.08 -22.10 10.86
C ASP B 482 -45.62 -21.17 9.78
N SER B 483 -46.25 -20.05 10.19
CA SER B 483 -46.90 -19.17 9.24
C SER B 483 -45.94 -18.22 8.53
N MET B 484 -44.72 -18.07 9.03
CA MET B 484 -43.76 -17.12 8.47
C MET B 484 -42.56 -17.83 7.84
N SER B 485 -42.83 -18.96 7.20
CA SER B 485 -41.75 -19.72 6.55
C SER B 485 -41.42 -19.10 5.20
N LEU B 486 -40.12 -18.95 4.93
CA LEU B 486 -39.65 -18.41 3.66
C LEU B 486 -39.10 -19.50 2.73
N ALA B 487 -39.49 -20.75 2.96
CA ALA B 487 -39.07 -21.85 2.10
C ALA B 487 -40.25 -22.76 1.83
N LYS B 488 -40.13 -23.54 0.76
CA LYS B 488 -41.19 -24.46 0.35
C LYS B 488 -40.56 -25.71 -0.24
N LYS B 489 -41.06 -26.87 0.17
CA LYS B 489 -40.60 -28.15 -0.37
C LYS B 489 -41.22 -28.40 -1.75
N ASP B 490 -40.43 -29.02 -2.61
CA ASP B 490 -40.89 -29.36 -3.95
C ASP B 490 -41.81 -30.57 -3.89
N GLU B 491 -42.63 -30.72 -4.93
CA GLU B 491 -43.64 -31.77 -4.98
C GLU B 491 -42.97 -33.12 -5.18
N LYS B 492 -42.82 -33.86 -4.07
CA LYS B 492 -42.25 -35.21 -4.09
C LYS B 492 -40.86 -35.23 -4.72
N THR B 493 -40.08 -34.18 -4.47
CA THR B 493 -38.71 -34.10 -4.93
C THR B 493 -37.72 -33.85 -3.80
N ASP B 494 -38.19 -33.54 -2.60
CA ASP B 494 -37.33 -33.27 -1.44
C ASP B 494 -36.34 -32.13 -1.73
N THR B 495 -36.82 -31.12 -2.45
CA THR B 495 -36.00 -29.96 -2.80
C THR B 495 -36.59 -28.73 -2.13
N LEU B 496 -35.73 -27.95 -1.47
CA LEU B 496 -36.14 -26.75 -0.75
C LEU B 496 -35.96 -25.54 -1.65
N GLU B 497 -37.02 -24.76 -1.80
CA GLU B 497 -37.02 -23.55 -2.61
C GLU B 497 -37.10 -22.32 -1.72
N ASP B 498 -36.25 -21.35 -1.99
CA ASP B 498 -36.19 -20.12 -1.20
C ASP B 498 -37.12 -19.09 -1.81
N LEU B 499 -38.07 -18.59 -1.01
CA LEU B 499 -39.03 -17.60 -1.45
C LEU B 499 -38.57 -16.17 -1.19
N PHE B 500 -37.37 -15.99 -0.65
CA PHE B 500 -36.84 -14.67 -0.36
C PHE B 500 -35.31 -14.74 -0.31
N PRO B 501 -34.63 -15.01 -1.43
CA PRO B 501 -33.17 -15.06 -1.38
C PRO B 501 -32.56 -13.66 -1.39
N THR B 502 -32.07 -13.22 -0.24
CA THR B 502 -31.54 -11.88 -0.11
C THR B 502 -30.12 -11.76 -0.67
N THR B 503 -29.47 -12.87 -0.96
CA THR B 503 -28.10 -12.84 -1.45
C THR B 503 -28.02 -12.42 -2.91
N LYS B 504 -29.13 -12.51 -3.64
CA LYS B 504 -29.21 -12.04 -5.01
C LYS B 504 -29.72 -10.61 -5.12
N ILE B 505 -30.04 -9.97 -4.01
CA ILE B 505 -30.56 -8.61 -3.98
C ILE B 505 -29.39 -7.63 -3.90
N PRO B 506 -29.35 -6.59 -4.72
CA PRO B 506 -28.28 -5.60 -4.63
C PRO B 506 -28.47 -4.67 -3.43
N ASN B 507 -27.39 -4.00 -3.08
CA ASN B 507 -27.42 -3.06 -1.96
C ASN B 507 -28.20 -1.82 -2.35
N PRO B 508 -29.30 -1.49 -1.65
CA PRO B 508 -30.11 -0.33 -2.06
C PRO B 508 -29.40 1.01 -1.93
N ARG B 509 -28.34 1.09 -1.13
CA ARG B 509 -27.67 2.38 -0.93
C ARG B 509 -27.11 2.92 -2.23
N PHE B 510 -26.56 2.06 -3.08
CA PHE B 510 -25.93 2.52 -4.32
C PHE B 510 -26.97 3.11 -5.27
N GLN B 511 -28.09 2.42 -5.45
CA GLN B 511 -29.12 2.93 -6.34
C GLN B 511 -29.75 4.20 -5.79
N ARG B 512 -29.99 4.27 -4.48
CA ARG B 512 -30.54 5.48 -3.90
C ARG B 512 -29.58 6.66 -4.08
N LEU B 513 -28.29 6.44 -3.84
CA LEU B 513 -27.29 7.49 -4.01
C LEU B 513 -27.21 7.94 -5.46
N PHE B 514 -27.24 7.00 -6.41
CA PHE B 514 -27.20 7.36 -7.81
C PHE B 514 -28.42 8.17 -8.22
N GLN B 515 -29.60 7.76 -7.75
CA GLN B 515 -30.82 8.50 -8.05
C GLN B 515 -30.72 9.93 -7.52
N CYS B 516 -30.27 10.09 -6.28
CA CYS B 516 -30.18 11.43 -5.70
C CYS B 516 -29.16 12.29 -6.44
N LEU B 517 -28.00 11.71 -6.80
CA LEU B 517 -26.99 12.47 -7.51
C LEU B 517 -27.49 12.91 -8.88
N LEU B 518 -28.17 12.01 -9.60
CA LEU B 518 -28.71 12.39 -10.91
C LEU B 518 -29.78 13.47 -10.79
N HIS B 519 -30.65 13.36 -9.78
CA HIS B 519 -31.68 14.37 -9.59
C HIS B 519 -31.06 15.72 -9.28
N ARG B 520 -30.00 15.75 -8.48
CA ARG B 520 -29.31 17.01 -8.21
C ARG B 520 -28.64 17.55 -9.47
N ALA B 521 -28.09 16.66 -10.30
CA ALA B 521 -27.37 17.13 -11.49
C ALA B 521 -28.31 17.63 -12.57
N LEU B 522 -29.54 17.13 -12.61
CA LEU B 522 -30.49 17.55 -13.64
C LEU B 522 -31.56 18.53 -13.16
N HIS B 523 -31.83 18.58 -11.86
CA HIS B 523 -32.81 19.51 -11.28
C HIS B 523 -32.17 20.21 -10.09
N PRO B 524 -31.30 21.19 -10.34
CA PRO B 524 -30.58 21.83 -9.23
C PRO B 524 -31.47 22.56 -8.23
N ARG B 525 -32.67 22.99 -8.62
CA ARG B 525 -33.54 23.77 -7.76
C ARG B 525 -34.69 22.96 -7.19
N GLU B 526 -34.48 21.66 -6.98
CA GLU B 526 -35.52 20.79 -6.47
C GLU B 526 -35.00 19.96 -5.31
N PRO B 527 -35.87 19.60 -4.37
CA PRO B 527 -35.43 18.73 -3.28
C PRO B 527 -35.28 17.29 -3.75
N LEU B 528 -34.54 16.52 -2.97
CA LEU B 528 -34.24 15.15 -3.35
C LEU B 528 -35.53 14.31 -3.39
N PRO B 529 -35.67 13.42 -4.36
CA PRO B 529 -36.89 12.64 -4.49
C PRO B 529 -36.97 11.56 -3.44
N PRO B 530 -38.16 11.06 -3.13
CA PRO B 530 -38.29 9.96 -2.17
C PRO B 530 -37.77 8.65 -2.74
N ILE B 531 -37.65 7.66 -1.85
CA ILE B 531 -37.16 6.35 -2.25
C ILE B 531 -38.16 5.71 -3.21
N GLN B 532 -37.64 5.09 -4.26
CA GLN B 532 -38.47 4.47 -5.27
C GLN B 532 -39.21 3.27 -4.70
N GLN B 533 -40.39 2.99 -5.25
CA GLN B 533 -41.24 1.94 -4.71
C GLN B 533 -40.61 0.57 -4.88
N HIS B 534 -39.94 0.32 -6.01
CA HIS B 534 -39.43 -1.02 -6.27
C HIS B 534 -38.28 -1.39 -5.32
N ILE B 535 -37.55 -0.40 -4.82
CA ILE B 535 -36.55 -0.68 -3.79
C ILE B 535 -37.22 -1.21 -2.53
N TRP B 536 -38.30 -0.55 -2.11
CA TRP B 536 -39.05 -1.03 -0.95
C TRP B 536 -39.64 -2.41 -1.20
N ASN B 537 -40.14 -2.65 -2.42
CA ASN B 537 -40.71 -3.94 -2.75
C ASN B 537 -39.65 -5.04 -2.69
N MET B 538 -38.45 -4.76 -3.18
CA MET B 538 -37.39 -5.76 -3.17
C MET B 538 -36.73 -5.90 -1.80
N LEU B 539 -36.97 -4.96 -0.88
CA LEU B 539 -36.48 -5.11 0.49
C LEU B 539 -37.49 -5.80 1.40
N ASN B 540 -38.64 -6.21 0.89
CA ASN B 540 -39.71 -6.77 1.69
C ASN B 540 -40.03 -8.20 1.25
N PRO B 541 -40.51 -9.04 2.16
CA PRO B 541 -40.85 -10.42 1.81
C PRO B 541 -42.11 -10.48 0.96
N PRO B 542 -42.39 -11.63 0.33
CA PRO B 542 -43.62 -11.75 -0.44
C PRO B 542 -44.86 -11.52 0.41
N ALA B 543 -45.89 -10.97 -0.22
CA ALA B 543 -47.11 -10.61 0.50
C ALA B 543 -47.82 -11.82 1.10
N GLU B 544 -47.56 -13.02 0.58
CA GLU B 544 -48.20 -14.21 1.12
C GLU B 544 -47.80 -14.44 2.58
N VAL B 545 -46.51 -14.24 2.90
CA VAL B 545 -46.05 -14.42 4.27
C VAL B 545 -46.72 -13.41 5.21
N THR B 546 -46.78 -12.15 4.77
CA THR B 546 -47.43 -11.12 5.58
C THR B 546 -48.89 -11.43 5.80
N THR B 547 -49.58 -11.89 4.76
CA THR B 547 -50.99 -12.26 4.90
C THR B 547 -51.16 -13.42 5.87
N LYS B 548 -50.28 -14.43 5.79
CA LYS B 548 -50.41 -15.60 6.64
C LYS B 548 -50.10 -15.28 8.10
N SER B 549 -49.20 -14.35 8.36
CA SER B 549 -48.70 -14.11 9.71
C SER B 549 -49.63 -13.25 10.56
N GLN B 550 -50.72 -12.73 10.00
CA GLN B 550 -51.52 -11.74 10.73
C GLN B 550 -52.17 -12.33 11.98
N ILE B 551 -52.73 -13.54 11.88
CA ILE B 551 -53.47 -14.13 12.98
C ILE B 551 -52.54 -14.63 14.08
N PRO B 552 -51.47 -15.39 13.77
CA PRO B 552 -50.54 -15.75 14.85
C PRO B 552 -49.91 -14.56 15.53
N LEU B 553 -49.67 -13.47 14.80
CA LEU B 553 -49.16 -12.25 15.44
C LEU B 553 -50.17 -11.70 16.45
N SER B 554 -51.46 -11.72 16.12
CA SER B 554 -52.48 -11.27 17.06
C SER B 554 -52.51 -12.16 18.29
N LYS B 555 -52.42 -13.48 18.09
CA LYS B 555 -52.41 -14.40 19.24
C LYS B 555 -51.20 -14.14 20.13
N ILE B 556 -50.04 -13.93 19.52
CA ILE B 556 -48.83 -13.66 20.29
C ILE B 556 -48.95 -12.35 21.06
N LYS B 557 -49.52 -11.33 20.42
CA LYS B 557 -49.71 -10.04 21.09
C LYS B 557 -50.64 -10.18 22.28
N THR B 558 -51.72 -10.94 22.14
CA THR B 558 -52.64 -11.12 23.24
C THR B 558 -52.15 -12.11 24.28
N LEU B 559 -51.10 -12.88 23.99
CA LEU B 559 -50.58 -13.85 24.95
C LEU B 559 -49.32 -13.40 25.66
N PHE B 560 -48.53 -12.50 25.08
CA PHE B 560 -47.29 -12.04 25.69
C PHE B 560 -47.43 -10.61 26.16
N PRO B 561 -47.53 -10.35 27.46
CA PRO B 561 -47.50 -8.96 27.94
C PRO B 561 -46.15 -8.31 27.71
N LEU B 562 -46.17 -7.07 27.24
CA LEU B 562 -44.95 -6.32 26.95
C LEU B 562 -45.20 -4.86 27.36
N ILE B 563 -44.73 -4.51 28.56
CA ILE B 563 -44.90 -3.17 29.12
C ILE B 563 -43.53 -2.50 29.19
N GLU B 564 -43.44 -1.30 28.61
CA GLU B 564 -42.19 -0.56 28.67
C GLU B 564 -41.95 -0.04 30.08
N ALA B 565 -40.66 0.06 30.43
CA ALA B 565 -40.29 0.56 31.75
C ALA B 565 -40.66 2.03 31.90
N LYS B 566 -40.93 2.43 33.13
CA LYS B 566 -41.34 3.80 33.45
C LYS B 566 -40.35 4.45 34.40
N LYS B 567 -39.06 4.28 34.12
CA LYS B 567 -38.02 4.86 34.95
C LYS B 567 -38.00 6.39 34.85
N MET C 1 39.34 16.15 -25.45
CA MET C 1 39.66 17.18 -24.47
C MET C 1 38.46 18.10 -24.27
N ASP C 2 38.08 18.31 -23.01
CA ASP C 2 36.92 19.11 -22.68
C ASP C 2 37.39 20.44 -22.08
N ILE C 3 36.78 21.54 -22.54
CA ILE C 3 37.12 22.88 -22.08
C ILE C 3 35.85 23.59 -21.66
N TYR C 4 35.85 24.11 -20.43
CA TYR C 4 34.69 24.75 -19.84
C TYR C 4 35.04 26.18 -19.44
N ASP C 5 34.02 27.05 -19.42
CA ASP C 5 34.18 28.41 -18.97
C ASP C 5 33.84 28.54 -17.49
N ASP C 6 34.00 29.74 -16.94
CA ASP C 6 33.77 29.95 -15.52
C ASP C 6 32.32 29.70 -15.13
N LYS C 7 31.38 30.13 -15.98
CA LYS C 7 29.97 29.94 -15.69
C LYS C 7 29.55 28.47 -15.74
N GLY C 8 30.41 27.58 -16.25
CA GLY C 8 30.13 26.16 -16.32
C GLY C 8 29.81 25.64 -17.70
N LEU C 9 29.62 26.53 -18.67
CA LEU C 9 29.29 26.09 -20.02
C LEU C 9 30.52 25.49 -20.70
N GLN C 10 30.27 24.62 -21.67
CA GLN C 10 31.33 23.98 -22.44
C GLN C 10 31.58 24.80 -23.70
N THR C 11 32.84 25.13 -23.96
CA THR C 11 33.19 26.02 -25.07
C THR C 11 33.90 25.31 -26.20
N ILE C 12 34.87 24.45 -25.90
CA ILE C 12 35.65 23.74 -26.91
C ILE C 12 35.58 22.25 -26.62
N LYS C 13 35.69 21.45 -27.68
CA LYS C 13 35.78 20.00 -27.55
C LYS C 13 36.69 19.48 -28.65
N LEU C 14 37.62 18.60 -28.25
CA LEU C 14 38.60 18.01 -29.16
C LEU C 14 38.32 16.53 -29.32
N PHE C 15 38.21 16.08 -30.56
CA PHE C 15 37.83 14.71 -30.87
C PHE C 15 39.04 13.92 -31.33
N ASN C 16 39.31 12.80 -30.67
CA ASN C 16 40.41 11.94 -31.08
C ASN C 16 39.99 10.99 -32.19
N ASN C 17 39.05 10.07 -31.89
CA ASN C 17 38.59 9.08 -32.86
C ASN C 17 37.07 9.07 -33.00
N GLU C 18 36.37 10.05 -32.43
CA GLU C 18 34.91 10.02 -32.41
C GLU C 18 34.33 10.07 -33.82
N PHE C 19 34.90 10.89 -34.69
CA PHE C 19 34.44 11.00 -36.07
C PHE C 19 35.33 10.15 -36.96
N ASP C 20 35.03 8.87 -37.00
CA ASP C 20 35.73 7.91 -37.85
C ASP C 20 34.80 7.15 -38.78
N CYS C 21 33.62 6.77 -38.31
CA CYS C 21 32.66 6.05 -39.13
C CYS C 21 31.93 6.97 -40.11
N ILE C 22 32.11 8.28 -40.00
CA ILE C 22 31.45 9.22 -40.89
C ILE C 22 32.42 9.88 -41.87
N ARG C 23 33.73 9.76 -41.65
CA ARG C 23 34.69 10.40 -42.53
C ARG C 23 34.63 9.85 -43.94
N ASN C 24 34.49 8.53 -44.08
CA ASN C 24 34.38 7.92 -45.40
C ASN C 24 33.13 8.39 -46.12
N ASP C 25 32.01 8.45 -45.40
CA ASP C 25 30.76 8.92 -46.00
C ASP C 25 30.88 10.37 -46.45
N ILE C 26 31.51 11.21 -45.63
CA ILE C 26 31.65 12.61 -46.01
C ILE C 26 32.59 12.75 -47.19
N ARG C 27 33.64 11.92 -47.25
CA ARG C 27 34.54 11.92 -48.39
C ARG C 27 33.80 11.54 -49.66
N GLU C 28 32.94 10.52 -49.58
CA GLU C 28 32.13 10.14 -50.74
C GLU C 28 31.18 11.26 -51.13
N LEU C 29 30.65 11.98 -50.15
CA LEU C 29 29.76 13.10 -50.45
C LEU C 29 30.52 14.23 -51.13
N PHE C 30 31.79 14.41 -50.80
CA PHE C 30 32.60 15.45 -51.43
C PHE C 30 33.18 15.04 -52.78
N LYS C 31 32.95 13.82 -53.24
CA LYS C 31 33.34 13.49 -54.60
C LYS C 31 32.53 14.28 -55.61
N HIS C 32 31.30 14.65 -55.26
CA HIS C 32 30.38 15.34 -56.17
C HIS C 32 30.54 16.86 -56.09
N VAL C 33 31.77 17.34 -56.26
CA VAL C 33 32.07 18.76 -56.29
C VAL C 33 33.05 19.02 -57.42
N THR C 34 32.73 19.98 -58.29
CA THR C 34 33.51 20.30 -59.47
C THR C 34 34.00 21.74 -59.38
N ASP C 35 35.32 21.90 -59.16
CA ASP C 35 35.98 23.20 -59.17
C ASP C 35 35.35 24.18 -58.17
N SER C 36 35.45 23.80 -56.89
CA SER C 36 34.91 24.64 -55.81
C SER C 36 35.76 24.42 -54.57
N ASP C 37 36.63 25.40 -54.26
CA ASP C 37 37.45 25.31 -53.07
C ASP C 37 36.60 25.34 -51.81
N SER C 38 35.62 26.24 -51.75
CA SER C 38 34.68 26.35 -50.64
C SER C 38 33.27 26.23 -51.20
N ILE C 39 32.60 25.13 -50.89
CA ILE C 39 31.29 24.83 -51.45
C ILE C 39 30.35 24.39 -50.34
N GLN C 40 29.13 24.91 -50.36
CA GLN C 40 28.13 24.60 -49.35
C GLN C 40 26.98 23.84 -49.99
N LEU C 41 26.61 22.71 -49.38
CA LEU C 41 25.45 21.94 -49.82
C LEU C 41 24.31 22.14 -48.83
N PRO C 42 23.23 22.84 -49.22
CA PRO C 42 22.08 22.99 -48.32
C PRO C 42 21.05 21.89 -48.48
N MET C 43 21.51 20.63 -48.54
CA MET C 43 20.62 19.51 -48.82
C MET C 43 20.76 18.41 -47.76
N GLU C 44 21.94 18.32 -47.15
CA GLU C 44 22.39 17.25 -46.27
C GLU C 44 22.56 15.93 -47.00
N ASP C 45 22.29 15.88 -48.31
CA ASP C 45 22.26 14.63 -49.07
C ASP C 45 21.38 13.61 -48.36
N ASN C 46 22.00 12.55 -47.86
CA ASN C 46 21.29 11.61 -46.99
C ASN C 46 21.39 12.08 -45.55
N SER C 47 20.23 12.19 -44.89
CA SER C 47 20.20 12.66 -43.51
C SER C 47 20.78 11.67 -42.51
N ASP C 48 21.26 10.52 -42.98
CA ASP C 48 21.84 9.53 -42.07
C ASP C 48 23.07 10.10 -41.37
N ILE C 49 23.91 10.84 -42.10
CA ILE C 49 25.09 11.43 -41.49
C ILE C 49 24.70 12.50 -40.48
N ILE C 50 23.66 13.27 -40.77
CA ILE C 50 23.20 14.29 -39.82
C ILE C 50 22.70 13.62 -38.54
N GLU C 51 21.93 12.54 -38.67
CA GLU C 51 21.46 11.82 -37.50
C GLU C 51 22.61 11.20 -36.73
N ASN C 52 23.62 10.68 -37.44
CA ASN C 52 24.78 10.10 -36.78
C ASN C 52 25.54 11.14 -35.97
N ILE C 53 25.75 12.32 -36.56
CA ILE C 53 26.45 13.39 -35.85
C ILE C 53 25.62 13.83 -34.65
N ARG C 54 24.30 13.90 -34.80
CA ARG C 54 23.45 14.28 -33.69
C ARG C 54 23.56 13.28 -32.54
N LYS C 55 23.56 11.98 -32.87
CA LYS C 55 23.67 10.96 -31.83
C LYS C 55 25.04 11.02 -31.15
N ILE C 56 26.10 11.21 -31.93
CA ILE C 56 27.44 11.29 -31.35
C ILE C 56 27.54 12.48 -30.40
N LEU C 57 27.00 13.63 -30.81
CA LEU C 57 27.02 14.80 -29.93
C LEU C 57 26.18 14.56 -28.69
N TYR C 58 25.05 13.86 -28.82
CA TYR C 58 24.23 13.55 -27.66
C TYR C 58 25.00 12.70 -26.65
N ARG C 59 25.71 11.68 -27.15
CA ARG C 59 26.31 10.71 -26.23
C ARG C 59 27.58 11.25 -25.57
N ARG C 60 28.43 11.94 -26.33
CA ARG C 60 29.75 12.34 -25.83
C ARG C 60 29.80 13.77 -25.34
N LEU C 61 28.67 14.31 -24.91
CA LEU C 61 28.61 15.61 -24.23
C LEU C 61 27.95 15.43 -22.87
N LYS C 62 27.82 16.52 -22.13
CA LYS C 62 27.30 16.50 -20.77
C LYS C 62 26.05 17.37 -20.67
N ASN C 63 25.01 16.83 -20.02
CA ASN C 63 23.81 17.57 -19.69
C ASN C 63 23.08 18.10 -20.93
N VAL C 64 23.18 17.39 -22.04
CA VAL C 64 22.54 17.83 -23.28
C VAL C 64 21.04 17.59 -23.18
N GLU C 65 20.26 18.66 -23.27
CA GLU C 65 18.81 18.56 -23.27
C GLU C 65 18.22 18.53 -24.67
N CYS C 66 18.84 19.24 -25.61
CA CYS C 66 18.41 19.22 -27.00
C CYS C 66 19.60 19.49 -27.90
N VAL C 67 19.47 19.08 -29.16
CA VAL C 67 20.49 19.32 -30.17
C VAL C 67 19.79 19.73 -31.47
N ASP C 68 20.27 20.82 -32.08
CA ASP C 68 19.77 21.27 -33.37
C ASP C 68 20.94 21.42 -34.32
N ILE C 69 20.80 20.87 -35.53
CA ILE C 69 21.85 20.89 -36.53
C ILE C 69 21.30 21.54 -37.79
N ASP C 70 22.03 22.50 -38.32
CA ASP C 70 21.64 23.14 -39.57
C ASP C 70 21.78 22.17 -40.74
N SER C 71 20.93 22.37 -41.75
CA SER C 71 20.96 21.48 -42.91
C SER C 71 22.22 21.71 -43.75
N THR C 72 22.61 22.97 -43.92
CA THR C 72 23.76 23.29 -44.76
C THR C 72 25.02 22.63 -44.22
N ILE C 73 25.82 22.09 -45.13
CA ILE C 73 27.14 21.56 -44.79
C ILE C 73 28.16 22.20 -45.73
N THR C 74 29.18 22.83 -45.16
CA THR C 74 30.20 23.50 -45.96
C THR C 74 31.45 22.63 -46.04
N PHE C 75 32.17 22.74 -47.14
CA PHE C 75 33.45 22.06 -47.30
C PHE C 75 34.45 23.07 -47.82
N MET C 76 35.62 23.11 -47.19
CA MET C 76 36.64 24.11 -47.50
C MET C 76 37.98 23.44 -47.72
N LYS C 77 38.62 23.77 -48.84
CA LYS C 77 39.96 23.30 -49.18
C LYS C 77 40.92 24.47 -49.13
N TYR C 78 42.11 24.23 -48.56
CA TYR C 78 43.09 25.28 -48.35
C TYR C 78 44.36 24.98 -49.14
N ASP C 79 44.91 26.01 -49.75
CA ASP C 79 46.15 25.95 -50.50
C ASP C 79 47.28 26.56 -49.69
N PRO C 80 48.53 26.24 -50.01
CA PRO C 80 49.67 26.82 -49.28
C PRO C 80 49.93 28.28 -49.66
N ASN C 81 48.98 28.91 -50.33
CA ASN C 81 49.13 30.29 -50.76
C ASN C 81 48.24 31.29 -50.02
N ASP C 82 47.07 30.87 -49.51
CA ASP C 82 46.11 31.78 -48.92
C ASP C 82 45.68 31.30 -47.55
N ASP C 83 45.63 32.23 -46.59
CA ASP C 83 45.14 31.99 -45.24
C ASP C 83 45.04 33.33 -44.52
N ASN C 84 44.00 33.49 -43.70
CA ASN C 84 43.77 34.75 -43.01
C ASN C 84 42.96 34.50 -41.74
N LYS C 85 42.95 35.51 -40.87
CA LYS C 85 42.25 35.42 -39.60
C LYS C 85 40.82 35.93 -39.75
N ARG C 86 39.87 35.15 -39.22
CA ARG C 86 38.45 35.50 -39.30
C ARG C 86 37.94 35.64 -37.87
N THR C 87 37.65 36.87 -37.46
CA THR C 87 37.04 37.12 -36.16
C THR C 87 35.55 36.81 -36.22
N CYS C 88 34.96 36.67 -35.04
CA CYS C 88 33.53 36.44 -34.92
C CYS C 88 32.87 37.74 -34.47
N SER C 89 31.78 38.11 -35.16
CA SER C 89 31.14 39.41 -34.97
C SER C 89 30.34 39.45 -33.66
N ASN C 90 31.06 39.24 -32.57
CA ASN C 90 30.55 39.34 -31.20
C ASN C 90 29.14 38.75 -31.07
N TRP C 91 29.00 37.50 -31.51
CA TRP C 91 27.75 36.79 -31.33
C TRP C 91 27.55 36.52 -29.84
N VAL C 92 26.44 37.01 -29.30
CA VAL C 92 26.10 36.86 -27.88
C VAL C 92 24.77 36.13 -27.81
N PRO C 93 24.66 35.05 -27.03
CA PRO C 93 23.37 34.36 -26.90
C PRO C 93 22.38 35.14 -26.06
N LEU C 94 21.15 34.64 -25.95
CA LEU C 94 20.12 35.29 -25.16
C LEU C 94 19.90 34.59 -23.82
N THR C 95 19.71 33.28 -23.83
CA THR C 95 19.44 32.53 -22.61
C THR C 95 20.73 31.85 -22.13
N ASN C 96 20.79 31.59 -20.82
CA ASN C 96 22.03 31.25 -20.14
C ASN C 96 22.38 29.76 -20.19
N ASN C 97 21.62 28.94 -20.90
CA ASN C 97 21.93 27.51 -21.02
C ASN C 97 21.84 27.07 -22.48
N TYR C 98 22.45 27.84 -23.36
CA TYR C 98 22.33 27.61 -24.79
C TYR C 98 23.52 28.23 -25.50
N MET C 99 24.11 27.48 -26.43
CA MET C 99 25.29 27.94 -27.14
C MET C 99 25.32 27.33 -28.52
N GLU C 100 25.75 28.12 -29.51
CA GLU C 100 25.87 27.69 -30.89
C GLU C 100 27.33 27.44 -31.22
N TYR C 101 27.62 26.32 -31.87
CA TYR C 101 28.98 25.86 -32.10
C TYR C 101 29.26 25.72 -33.59
N CYS C 102 30.55 25.63 -33.90
CA CYS C 102 31.03 25.27 -35.23
C CYS C 102 31.88 24.01 -35.11
N LEU C 103 31.58 23.02 -35.94
CA LEU C 103 32.22 21.71 -35.90
C LEU C 103 33.03 21.51 -37.17
N VAL C 104 34.29 21.11 -37.00
CA VAL C 104 35.22 20.92 -38.11
C VAL C 104 35.73 19.49 -38.05
N ILE C 105 35.51 18.75 -39.13
CA ILE C 105 35.99 17.39 -39.30
C ILE C 105 36.91 17.37 -40.51
N TYR C 106 38.12 16.86 -40.32
CA TYR C 106 39.14 16.92 -41.36
C TYR C 106 38.92 15.81 -42.39
N LEU C 107 38.78 16.19 -43.65
CA LEU C 107 38.75 15.23 -44.74
C LEU C 107 40.14 14.89 -45.23
N GLU C 108 41.03 15.88 -45.25
CA GLU C 108 42.44 15.66 -45.55
C GLU C 108 43.26 16.55 -44.63
N THR C 109 44.09 15.94 -43.78
CA THR C 109 44.92 16.60 -42.79
C THR C 109 46.25 17.01 -43.40
N PRO C 110 46.63 18.29 -43.33
CA PRO C 110 47.90 18.71 -43.92
C PRO C 110 49.09 18.09 -43.21
N ILE C 111 50.15 17.85 -43.98
CA ILE C 111 51.37 17.27 -43.41
C ILE C 111 52.01 18.24 -42.43
N CYS C 112 52.13 19.50 -42.81
CA CYS C 112 52.71 20.53 -41.96
C CYS C 112 51.80 21.75 -41.97
N GLY C 113 51.69 22.41 -40.81
CA GLY C 113 50.80 23.54 -40.71
C GLY C 113 49.34 23.11 -40.73
N GLY C 114 48.49 24.08 -41.07
CA GLY C 114 47.07 23.83 -41.16
C GLY C 114 46.43 23.49 -39.84
N LYS C 115 46.77 24.25 -38.80
CA LYS C 115 46.25 24.02 -37.45
C LYS C 115 45.27 25.13 -37.11
N ILE C 116 44.12 24.76 -36.55
CA ILE C 116 43.15 25.75 -36.11
C ILE C 116 43.63 26.34 -34.80
N LYS C 117 43.71 27.67 -34.74
CA LYS C 117 44.15 28.40 -33.57
C LYS C 117 42.98 29.20 -33.01
N LEU C 118 42.70 29.02 -31.73
CA LEU C 118 41.62 29.70 -31.04
C LEU C 118 42.20 30.67 -30.01
N TYR C 119 41.71 31.90 -30.02
CA TYR C 119 42.20 32.96 -29.17
C TYR C 119 41.24 33.19 -28.00
N HIS C 120 41.77 33.12 -26.79
CA HIS C 120 41.04 33.50 -25.59
C HIS C 120 42.01 34.23 -24.67
N PRO C 121 41.53 35.18 -23.88
CA PRO C 121 42.43 35.91 -22.96
C PRO C 121 43.25 35.00 -22.05
N THR C 122 42.66 33.92 -21.54
CA THR C 122 43.40 33.02 -20.67
C THR C 122 44.52 32.31 -21.43
N GLY C 123 44.24 31.88 -22.65
CA GLY C 123 45.26 31.22 -23.45
C GLY C 123 44.75 30.97 -24.85
N ASN C 124 45.68 30.55 -25.71
CA ASN C 124 45.38 30.21 -27.09
C ASN C 124 45.59 28.71 -27.29
N ILE C 125 44.70 28.09 -28.06
CA ILE C 125 44.74 26.65 -28.29
C ILE C 125 45.00 26.40 -29.77
N LYS C 126 46.06 25.67 -30.06
CA LYS C 126 46.41 25.31 -31.44
C LYS C 126 46.23 23.81 -31.61
N SER C 127 45.31 23.41 -32.48
CA SER C 127 44.95 22.01 -32.63
C SER C 127 45.04 21.61 -34.10
N ASP C 128 45.23 20.30 -34.32
CA ASP C 128 45.32 19.74 -35.66
C ASP C 128 44.40 18.55 -35.85
N LYS C 129 43.34 18.44 -35.05
CA LYS C 129 42.40 17.32 -35.13
C LYS C 129 40.98 17.87 -35.23
N ASP C 130 40.01 16.96 -35.29
CA ASP C 130 38.61 17.35 -35.35
C ASP C 130 38.25 18.16 -34.11
N ILE C 131 37.48 19.23 -34.31
CA ILE C 131 37.23 20.18 -33.23
C ILE C 131 35.78 20.65 -33.27
N MET C 132 35.31 21.13 -32.13
CA MET C 132 34.02 21.80 -32.03
C MET C 132 34.19 22.99 -31.09
N PHE C 133 34.03 24.20 -31.62
CA PHE C 133 34.31 25.39 -30.84
C PHE C 133 33.14 26.36 -30.90
N ALA C 134 32.94 27.08 -29.79
CA ALA C 134 31.85 28.04 -29.72
C ALA C 134 32.04 29.16 -30.72
N LYS C 135 30.93 29.67 -31.25
CA LYS C 135 30.97 30.79 -32.19
C LYS C 135 31.35 32.10 -31.52
N THR C 136 31.43 32.14 -30.19
CA THR C 136 31.88 33.35 -29.51
C THR C 136 33.37 33.60 -29.77
N LEU C 137 34.16 32.54 -29.83
CA LEU C 137 35.60 32.68 -29.87
C LEU C 137 36.07 33.17 -31.23
N ASP C 138 37.31 33.66 -31.26
CA ASP C 138 37.98 34.08 -32.48
C ASP C 138 38.98 33.01 -32.89
N PHE C 139 39.06 32.76 -34.19
CA PHE C 139 39.85 31.64 -34.69
C PHE C 139 40.60 32.04 -35.95
N LYS C 140 41.67 31.29 -36.22
CA LYS C 140 42.48 31.46 -37.42
C LYS C 140 42.89 30.09 -37.93
N SER C 141 43.09 30.01 -39.24
CA SER C 141 43.62 28.82 -39.90
C SER C 141 45.03 29.13 -40.34
N LYS C 142 46.01 28.45 -39.74
CA LYS C 142 47.40 28.73 -40.01
C LYS C 142 47.81 28.22 -41.39
N LYS C 143 48.87 28.80 -41.93
CA LYS C 143 49.34 28.44 -43.26
C LYS C 143 49.84 27.00 -43.28
N VAL C 144 49.70 26.37 -44.45
CA VAL C 144 50.12 24.99 -44.66
C VAL C 144 51.46 24.99 -45.39
N LEU C 145 52.41 24.23 -44.87
CA LEU C 145 53.71 24.14 -45.52
C LEU C 145 53.70 23.08 -46.61
N THR C 146 53.35 21.84 -46.26
CA THR C 146 53.34 20.73 -47.20
C THR C 146 51.97 20.05 -47.17
N GLY C 147 51.54 19.58 -48.33
CA GLY C 147 50.27 18.87 -48.43
C GLY C 147 49.09 19.81 -48.55
N ARG C 148 47.91 19.21 -48.69
CA ARG C 148 46.65 19.92 -48.77
C ARG C 148 45.85 19.69 -47.49
N LYS C 149 44.82 20.51 -47.32
CA LYS C 149 43.98 20.47 -46.11
C LYS C 149 42.54 20.73 -46.52
N THR C 150 41.69 19.72 -46.36
CA THR C 150 40.27 19.86 -46.67
C THR C 150 39.47 19.51 -45.41
N ILE C 151 38.55 20.40 -45.04
CA ILE C 151 37.75 20.25 -43.83
C ILE C 151 36.28 20.44 -44.16
N ALA C 152 35.44 19.95 -43.26
CA ALA C 152 33.99 20.09 -43.34
C ALA C 152 33.49 20.89 -42.15
N VAL C 153 32.49 21.74 -42.39
CA VAL C 153 32.00 22.68 -41.39
C VAL C 153 30.49 22.53 -41.28
N LEU C 154 30.01 22.39 -40.04
CA LEU C 154 28.59 22.29 -39.74
C LEU C 154 28.26 23.23 -38.60
N ASP C 155 27.01 23.69 -38.55
CA ASP C 155 26.53 24.57 -37.49
C ASP C 155 25.59 23.80 -36.59
N ILE C 156 25.89 23.76 -35.30
CA ILE C 156 25.15 22.95 -34.34
C ILE C 156 24.80 23.81 -33.13
N SER C 157 23.52 23.80 -32.76
CA SER C 157 23.03 24.48 -31.58
C SER C 157 22.56 23.44 -30.57
N VAL C 158 23.04 23.55 -29.32
CA VAL C 158 22.70 22.60 -28.27
C VAL C 158 22.22 23.39 -27.05
N SER C 159 21.42 22.71 -26.23
CA SER C 159 20.89 23.26 -25.00
C SER C 159 21.35 22.39 -23.83
N TYR C 160 21.56 23.01 -22.68
CA TYR C 160 22.12 22.33 -21.53
C TYR C 160 21.15 22.37 -20.35
N ASN C 161 21.61 21.90 -19.19
CA ASN C 161 20.76 21.77 -18.01
C ASN C 161 21.17 22.63 -16.83
N ARG C 162 22.38 23.19 -16.82
CA ARG C 162 22.83 24.12 -15.78
C ARG C 162 22.76 23.46 -14.40
N SER C 163 23.65 22.48 -14.21
CA SER C 163 23.72 21.76 -12.94
C SER C 163 23.83 22.70 -11.75
N MET C 164 24.59 23.79 -11.89
CA MET C 164 24.68 24.83 -10.88
C MET C 164 24.07 26.11 -11.44
N THR C 165 23.25 26.77 -10.64
CA THR C 165 22.65 28.05 -11.03
C THR C 165 22.95 29.08 -9.98
N THR C 166 22.48 30.31 -10.20
CA THR C 166 22.71 31.40 -9.26
C THR C 166 21.40 32.10 -8.92
N ILE C 167 21.23 32.45 -7.66
CA ILE C 167 20.10 33.25 -7.20
C ILE C 167 20.65 34.50 -6.54
N HIS C 168 20.16 35.66 -6.99
CA HIS C 168 20.63 36.95 -6.48
C HIS C 168 19.96 37.23 -5.15
N TYR C 169 20.66 36.97 -4.04
CA TYR C 169 20.12 37.27 -2.73
C TYR C 169 20.00 38.77 -2.51
N ASN C 170 20.99 39.54 -2.94
CA ASN C 170 21.00 40.98 -2.79
C ASN C 170 21.86 41.58 -3.91
N ASP C 171 22.17 42.87 -3.78
CA ASP C 171 22.98 43.56 -4.77
C ASP C 171 24.47 43.27 -4.62
N ASP C 172 24.88 42.60 -3.55
CA ASP C 172 26.29 42.32 -3.29
C ASP C 172 26.66 40.85 -3.39
N VAL C 173 25.83 39.96 -2.85
CA VAL C 173 26.14 38.53 -2.81
C VAL C 173 24.98 37.74 -3.37
N ASP C 174 25.27 36.87 -4.33
CA ASP C 174 24.31 35.91 -4.87
C ASP C 174 24.84 34.51 -4.63
N ILE C 175 23.96 33.60 -4.25
CA ILE C 175 24.39 32.27 -3.86
C ILE C 175 24.17 31.30 -5.00
N ASP C 176 24.76 30.11 -4.86
CA ASP C 176 24.82 29.13 -5.93
C ASP C 176 24.02 27.88 -5.55
N ILE C 177 23.17 27.44 -6.48
CA ILE C 177 22.35 26.26 -6.31
C ILE C 177 23.06 25.09 -6.98
N HIS C 178 23.33 24.04 -6.20
CA HIS C 178 24.03 22.86 -6.67
C HIS C 178 23.09 21.66 -6.66
N THR C 179 23.31 20.73 -7.58
CA THR C 179 22.54 19.50 -7.65
C THR C 179 23.18 18.37 -6.86
N ASP C 180 24.31 18.61 -6.20
CA ASP C 180 25.00 17.60 -5.42
C ASP C 180 25.11 18.05 -3.97
N LYS C 181 25.02 17.08 -3.05
CA LYS C 181 25.03 17.37 -1.63
C LYS C 181 26.40 17.75 -1.09
N ASN C 182 27.46 17.51 -1.86
CA ASN C 182 28.82 17.69 -1.37
C ASN C 182 29.08 19.10 -0.88
N GLY C 183 29.30 19.25 0.42
CA GLY C 183 29.63 20.53 1.01
C GLY C 183 28.44 21.42 1.32
N LYS C 184 27.23 21.00 0.99
CA LYS C 184 26.04 21.82 1.21
C LYS C 184 25.34 21.40 2.49
N GLU C 185 24.55 22.33 3.03
CA GLU C 185 23.83 22.10 4.29
C GLU C 185 22.32 22.12 4.12
N LEU C 186 21.77 23.18 3.53
CA LEU C 186 20.33 23.29 3.36
C LEU C 186 19.91 22.70 2.02
N CYS C 187 18.74 22.07 2.00
CA CYS C 187 18.24 21.42 0.79
C CYS C 187 16.76 21.74 0.62
N TYR C 188 16.40 22.31 -0.52
CA TYR C 188 15.01 22.53 -0.88
C TYR C 188 14.51 21.37 -1.73
N CYS C 189 13.32 20.87 -1.41
CA CYS C 189 12.73 19.73 -2.09
C CYS C 189 11.34 20.09 -2.58
N TYR C 190 11.12 19.91 -3.88
CA TYR C 190 9.83 20.08 -4.52
C TYR C 190 9.25 18.69 -4.78
N ILE C 191 8.14 18.37 -4.12
CA ILE C 191 7.63 17.01 -4.06
C ILE C 191 6.24 16.98 -4.69
N THR C 192 6.03 16.04 -5.60
CA THR C 192 4.74 15.78 -6.22
C THR C 192 4.34 14.33 -6.00
N ILE C 193 3.05 14.09 -5.85
CA ILE C 193 2.51 12.76 -5.60
C ILE C 193 1.51 12.42 -6.69
N ASP C 194 1.62 11.22 -7.24
CA ASP C 194 0.78 10.77 -8.34
C ASP C 194 -0.61 10.42 -7.81
N ASP C 195 -1.46 9.89 -8.67
CA ASP C 195 -2.84 9.57 -8.30
C ASP C 195 -2.86 8.44 -7.28
N HIS C 196 -3.72 8.60 -6.27
CA HIS C 196 -3.89 7.58 -5.25
C HIS C 196 -5.27 7.76 -4.62
N TYR C 197 -5.71 6.70 -3.93
CA TYR C 197 -7.02 6.70 -3.29
C TYR C 197 -6.99 7.24 -1.86
N LEU C 198 -5.83 7.67 -1.38
CA LEU C 198 -5.70 8.22 -0.03
C LEU C 198 -4.91 9.52 0.01
N VAL C 199 -4.67 10.14 -1.14
CA VAL C 199 -3.90 11.37 -1.23
C VAL C 199 -4.76 12.45 -1.85
N ASP C 200 -4.81 13.62 -1.22
CA ASP C 200 -5.55 14.76 -1.73
C ASP C 200 -4.70 15.99 -1.99
N VAL C 201 -3.46 16.02 -1.52
CA VAL C 201 -2.54 17.13 -1.75
C VAL C 201 -1.44 16.65 -2.68
N GLU C 202 -1.18 17.43 -3.73
CA GLU C 202 -0.25 17.02 -4.78
C GLU C 202 1.17 17.54 -4.53
N THR C 203 1.31 18.86 -4.41
CA THR C 203 2.62 19.51 -4.40
C THR C 203 2.94 20.06 -3.02
N ILE C 204 4.16 19.77 -2.55
CA ILE C 204 4.66 20.26 -1.27
C ILE C 204 6.12 20.68 -1.43
N GLY C 205 6.47 21.84 -0.89
CA GLY C 205 7.84 22.32 -0.86
C GLY C 205 8.36 22.32 0.56
N VAL C 206 9.53 21.71 0.75
CA VAL C 206 10.08 21.49 2.08
C VAL C 206 11.56 21.84 2.09
N ILE C 207 11.98 22.62 3.09
CA ILE C 207 13.40 22.92 3.30
C ILE C 207 13.90 22.07 4.45
N VAL C 208 15.00 21.34 4.21
CA VAL C 208 15.54 20.37 5.16
C VAL C 208 16.98 20.73 5.44
N ASN C 209 17.34 20.76 6.72
CA ASN C 209 18.70 20.97 7.17
C ASN C 209 19.38 19.65 7.45
N ARG C 210 20.67 19.71 7.76
CA ARG C 210 21.46 18.50 7.96
C ARG C 210 21.06 17.74 9.22
N SER C 211 20.27 18.33 10.10
CA SER C 211 19.78 17.65 11.30
C SER C 211 18.41 17.02 11.11
N GLY C 212 17.85 17.10 9.90
CA GLY C 212 16.57 16.49 9.61
C GLY C 212 15.36 17.40 9.81
N LYS C 213 15.56 18.61 10.32
CA LYS C 213 14.44 19.52 10.52
C LYS C 213 13.88 19.98 9.17
N CYS C 214 12.56 20.00 9.07
CA CYS C 214 11.89 20.33 7.82
C CYS C 214 10.91 21.48 8.03
N LEU C 215 10.91 22.42 7.09
CA LEU C 215 10.05 23.59 7.14
C LEU C 215 9.25 23.68 5.85
N LEU C 216 7.94 23.90 5.99
CA LEU C 216 7.06 24.03 4.84
C LEU C 216 7.29 25.37 4.14
N VAL C 217 7.18 25.36 2.81
CA VAL C 217 7.35 26.57 2.01
C VAL C 217 6.14 26.82 1.13
N ASN C 218 5.75 25.85 0.31
CA ASN C 218 4.65 26.02 -0.61
C ASN C 218 3.83 24.74 -0.71
N ASN C 219 2.52 24.91 -0.87
CA ASN C 219 1.59 23.79 -1.10
C ASN C 219 0.60 24.17 -2.19
N HIS C 220 1.11 24.75 -3.28
CA HIS C 220 0.36 25.20 -4.46
C HIS C 220 -0.53 26.40 -4.18
N LEU C 221 -0.59 26.89 -2.95
CA LEU C 221 -1.34 28.10 -2.64
C LEU C 221 -0.46 29.35 -2.65
N GLY C 222 0.82 29.21 -3.01
CA GLY C 222 1.73 30.33 -3.01
C GLY C 222 2.92 30.11 -2.11
N ILE C 223 3.56 31.20 -1.68
CA ILE C 223 4.70 31.13 -0.76
C ILE C 223 4.35 31.67 0.61
N GLY C 224 3.19 32.29 0.78
CA GLY C 224 2.81 32.88 2.06
C GLY C 224 2.66 31.89 3.19
N ILE C 225 2.57 30.59 2.88
CA ILE C 225 2.48 29.57 3.92
C ILE C 225 3.78 29.43 4.70
N VAL C 226 4.87 30.04 4.21
CA VAL C 226 6.11 30.07 4.98
C VAL C 226 6.03 31.04 6.15
N LYS C 227 4.99 31.88 6.19
CA LYS C 227 4.86 32.85 7.28
C LYS C 227 4.46 32.19 8.59
N ASP C 228 3.77 31.05 8.54
CA ASP C 228 3.35 30.39 9.77
C ASP C 228 4.50 29.68 10.47
N LYS C 229 5.59 29.41 9.77
CA LYS C 229 6.79 28.77 10.32
C LYS C 229 6.45 27.40 10.93
N ARG C 230 6.02 26.51 10.05
CA ARG C 230 5.72 25.12 10.42
C ARG C 230 7.01 24.33 10.32
N ILE C 231 7.63 24.04 11.47
CA ILE C 231 8.88 23.32 11.55
C ILE C 231 8.62 21.95 12.15
N SER C 232 9.12 20.90 11.49
CA SER C 232 8.91 19.53 11.94
C SER C 232 10.23 18.78 11.89
N ASP C 233 10.23 17.58 12.48
CA ASP C 233 11.45 16.79 12.64
C ASP C 233 11.63 15.73 11.56
N SER C 234 10.64 15.48 10.73
CA SER C 234 10.77 14.47 9.69
C SER C 234 9.76 14.75 8.58
N PHE C 235 10.03 14.21 7.40
CA PHE C 235 9.13 14.42 6.26
C PHE C 235 7.85 13.61 6.41
N GLY C 236 7.91 12.47 7.10
CA GLY C 236 6.73 11.64 7.25
C GLY C 236 5.63 12.34 8.02
N ASP C 237 5.98 12.96 9.15
CA ASP C 237 4.97 13.68 9.92
C ASP C 237 4.49 14.92 9.18
N VAL C 238 5.35 15.55 8.38
CA VAL C 238 4.90 16.65 7.53
C VAL C 238 3.84 16.16 6.55
N CYS C 239 4.08 15.01 5.93
CA CYS C 239 3.09 14.45 5.01
C CYS C 239 1.79 14.10 5.73
N MET C 240 1.90 13.54 6.94
CA MET C 240 0.70 13.22 7.71
C MET C 240 -0.10 14.46 8.05
N ASP C 241 0.59 15.53 8.45
CA ASP C 241 -0.10 16.76 8.86
C ASP C 241 -0.73 17.47 7.67
N THR C 242 0.01 17.60 6.57
CA THR C 242 -0.47 18.36 5.42
C THR C 242 -1.13 17.47 4.37
N ILE C 243 -0.38 16.51 3.83
CA ILE C 243 -0.90 15.68 2.74
C ILE C 243 -1.92 14.66 3.22
N PHE C 244 -1.94 14.34 4.51
CA PHE C 244 -2.90 13.39 5.04
C PHE C 244 -3.79 14.03 6.10
N ASP C 245 -4.29 15.23 5.81
CA ASP C 245 -5.13 15.99 6.72
C ASP C 245 -6.54 15.41 6.87
N PHE C 246 -6.82 14.24 6.29
CA PHE C 246 -8.13 13.63 6.44
C PHE C 246 -8.37 13.25 7.90
N SER C 247 -9.63 13.40 8.34
CA SER C 247 -9.97 13.08 9.73
C SER C 247 -9.74 11.61 10.04
N GLU C 248 -10.12 10.72 9.11
CA GLU C 248 -9.91 9.29 9.33
C GLU C 248 -8.43 8.92 9.28
N ALA C 249 -7.63 9.70 8.56
CA ALA C 249 -6.22 9.39 8.37
C ALA C 249 -5.32 9.97 9.46
N ARG C 250 -5.87 10.77 10.38
CA ARG C 250 -5.06 11.36 11.45
C ARG C 250 -4.48 10.28 12.35
N GLU C 251 -5.35 9.57 13.07
CA GLU C 251 -4.93 8.46 13.93
C GLU C 251 -5.06 7.12 13.22
N LEU C 252 -4.43 7.00 12.05
CA LEU C 252 -4.54 5.80 11.23
C LEU C 252 -3.25 5.02 11.11
N PHE C 253 -2.16 5.66 10.70
CA PHE C 253 -0.91 4.93 10.47
C PHE C 253 0.25 5.92 10.59
N SER C 254 1.44 5.45 10.23
CA SER C 254 2.66 6.26 10.21
C SER C 254 3.42 5.97 8.92
N LEU C 255 4.27 6.92 8.54
CA LEU C 255 5.03 6.84 7.29
C LEU C 255 6.51 6.66 7.61
N THR C 256 7.15 5.73 6.89
CA THR C 256 8.55 5.43 7.10
C THR C 256 9.17 4.94 5.80
N ASN C 257 10.49 4.95 5.77
CA ASN C 257 11.27 4.46 4.63
C ASN C 257 12.00 3.19 5.04
N ASP C 258 11.81 2.12 4.27
CA ASP C 258 12.36 0.82 4.64
C ASP C 258 13.86 0.74 4.39
N ASP C 259 14.43 1.64 3.60
CA ASP C 259 15.84 1.63 3.28
C ASP C 259 16.64 2.60 4.12
N ASN C 260 16.03 3.23 5.12
CA ASN C 260 16.68 4.21 5.98
C ASN C 260 17.29 5.35 5.16
N ARG C 261 16.56 5.79 4.15
CA ARG C 261 17.01 6.85 3.25
C ARG C 261 16.18 8.10 3.51
N ASN C 262 16.85 9.25 3.61
CA ASN C 262 16.17 10.52 3.73
C ASN C 262 15.98 11.14 2.36
N ILE C 263 15.13 12.17 2.30
CA ILE C 263 14.95 12.90 1.04
C ILE C 263 16.19 13.72 0.73
N ALA C 264 16.74 14.42 1.73
CA ALA C 264 17.90 15.27 1.49
C ALA C 264 19.16 14.45 1.25
N TRP C 265 19.40 13.44 2.08
CA TRP C 265 20.59 12.62 2.01
C TRP C 265 20.20 11.15 1.89
N ASP C 266 21.12 10.35 1.36
CA ASP C 266 20.87 8.92 1.16
C ASP C 266 21.25 8.10 2.39
N THR C 267 22.52 8.15 2.81
CA THR C 267 22.98 7.40 3.98
C THR C 267 23.79 8.22 4.96
N ASP C 268 23.92 9.53 4.75
CA ASP C 268 24.70 10.36 5.65
C ASP C 268 24.02 10.46 7.02
N LYS C 269 24.83 10.44 8.07
CA LYS C 269 24.31 10.50 9.42
C LYS C 269 23.70 11.86 9.72
N LEU C 270 22.77 11.89 10.68
CA LEU C 270 22.11 13.11 11.11
C LEU C 270 22.77 13.63 12.37
N ASP C 271 23.24 14.87 12.33
CA ASP C 271 23.81 15.50 13.51
C ASP C 271 22.69 15.96 14.45
N ASP C 272 23.09 16.25 15.69
CA ASP C 272 22.12 16.73 16.67
C ASP C 272 21.57 18.09 16.27
N ASP C 273 20.29 18.31 16.57
CA ASP C 273 19.63 19.54 16.17
C ASP C 273 20.21 20.73 16.92
N THR C 274 20.62 21.75 16.17
CA THR C 274 21.17 22.97 16.75
C THR C 274 20.29 24.18 16.49
N ASP C 275 19.96 24.46 15.24
CA ASP C 275 19.12 25.60 14.90
C ASP C 275 18.44 25.32 13.56
N ILE C 276 17.38 26.07 13.30
CA ILE C 276 16.59 25.94 12.07
C ILE C 276 16.54 27.29 11.38
N TRP C 277 16.92 27.33 10.12
CA TRP C 277 16.87 28.57 9.35
C TRP C 277 15.42 28.98 9.12
N THR C 278 15.18 30.29 9.13
CA THR C 278 13.85 30.84 8.97
C THR C 278 13.97 32.22 8.35
N PRO C 279 13.18 32.53 7.33
CA PRO C 279 13.22 33.87 6.72
C PRO C 279 12.79 34.93 7.72
N VAL C 280 13.71 35.85 8.02
CA VAL C 280 13.43 36.95 8.92
C VAL C 280 13.39 38.30 8.20
N THR C 281 14.15 38.47 7.12
CA THR C 281 14.17 39.72 6.38
C THR C 281 12.99 39.76 5.40
N GLU C 282 13.01 40.71 4.49
CA GLU C 282 11.97 40.87 3.49
C GLU C 282 12.34 40.29 2.13
N ASP C 283 13.61 40.42 1.72
CA ASP C 283 14.06 39.84 0.45
C ASP C 283 14.08 38.32 0.47
N ASP C 284 14.00 37.70 1.65
CA ASP C 284 13.96 36.25 1.71
C ASP C 284 12.71 35.69 1.04
N TYR C 285 11.61 36.44 1.06
CA TYR C 285 10.41 35.98 0.37
C TYR C 285 10.59 36.02 -1.14
N LYS C 286 11.27 37.05 -1.65
CA LYS C 286 11.63 37.07 -3.08
C LYS C 286 12.57 35.91 -3.41
N PHE C 287 13.52 35.64 -2.53
CA PHE C 287 14.37 34.47 -2.66
C PHE C 287 13.54 33.19 -2.83
N LEU C 288 12.60 32.97 -1.90
CA LEU C 288 11.81 31.75 -1.93
C LEU C 288 10.95 31.69 -3.18
N SER C 289 10.40 32.83 -3.61
CA SER C 289 9.61 32.84 -4.84
C SER C 289 10.45 32.47 -6.04
N ARG C 290 11.67 33.01 -6.13
CA ARG C 290 12.55 32.68 -7.25
C ARG C 290 12.92 31.20 -7.22
N LEU C 291 13.23 30.66 -6.04
CA LEU C 291 13.57 29.25 -5.93
C LEU C 291 12.41 28.36 -6.35
N VAL C 292 11.19 28.69 -5.91
CA VAL C 292 10.03 27.90 -6.27
C VAL C 292 9.76 27.99 -7.77
N LEU C 293 9.89 29.17 -8.36
CA LEU C 293 9.67 29.31 -9.79
C LEU C 293 10.68 28.50 -10.59
N TYR C 294 11.95 28.54 -10.21
CA TYR C 294 12.95 27.75 -10.90
C TYR C 294 12.69 26.25 -10.74
N ALA C 295 12.34 25.83 -9.52
CA ALA C 295 12.08 24.41 -9.30
C ALA C 295 10.90 23.92 -10.12
N LYS C 296 9.83 24.72 -10.18
CA LYS C 296 8.68 24.34 -10.99
C LYS C 296 8.98 24.38 -12.48
N SER C 297 9.90 25.25 -12.90
CA SER C 297 10.27 25.31 -14.31
C SER C 297 11.01 24.04 -14.73
N GLN C 298 11.82 23.48 -13.84
CA GLN C 298 12.64 22.32 -14.15
C GLN C 298 12.04 21.02 -13.61
N SER C 299 10.81 21.05 -13.11
CA SER C 299 10.23 19.86 -12.49
C SER C 299 9.63 18.89 -13.50
N ASP C 300 9.56 19.25 -14.78
CA ASP C 300 8.98 18.39 -15.79
C ASP C 300 10.00 17.46 -16.44
N THR C 301 11.29 17.63 -16.16
CA THR C 301 12.32 16.80 -16.74
C THR C 301 13.36 16.30 -15.75
N VAL C 302 13.51 16.94 -14.59
CA VAL C 302 14.51 16.56 -13.60
C VAL C 302 13.79 16.20 -12.31
N PHE C 303 13.92 14.95 -11.89
CA PHE C 303 13.32 14.47 -10.66
C PHE C 303 13.86 13.08 -10.37
N ASP C 304 13.69 12.64 -9.12
CA ASP C 304 13.99 11.28 -8.72
C ASP C 304 12.82 10.72 -7.92
N TYR C 305 12.85 9.42 -7.69
CA TYR C 305 11.77 8.72 -7.02
C TYR C 305 12.09 8.55 -5.54
N TYR C 306 11.07 8.70 -4.70
CA TYR C 306 11.17 8.43 -3.28
C TYR C 306 10.00 7.55 -2.85
N VAL C 307 10.25 6.69 -1.87
CA VAL C 307 9.28 5.69 -1.44
C VAL C 307 9.06 5.83 0.06
N LEU C 308 7.80 5.86 0.47
CA LEU C 308 7.43 5.83 1.88
C LEU C 308 6.44 4.69 2.11
N THR C 309 6.45 4.14 3.32
CA THR C 309 5.61 3.01 3.67
C THR C 309 4.63 3.41 4.76
N GLY C 310 3.35 3.13 4.53
CA GLY C 310 2.30 3.40 5.50
C GLY C 310 1.82 2.09 6.12
N ASP C 311 1.78 2.08 7.46
CA ASP C 311 1.46 0.88 8.23
C ASP C 311 -0.06 0.74 8.31
N THR C 312 -0.62 0.18 7.25
CA THR C 312 -2.04 -0.10 7.15
C THR C 312 -2.24 -1.61 7.04
N GLU C 313 -3.47 -2.04 6.78
CA GLU C 313 -3.81 -3.44 6.65
C GLU C 313 -4.41 -3.71 5.27
N PRO C 314 -3.60 -4.14 4.28
CA PRO C 314 -2.14 -4.33 4.32
C PRO C 314 -1.39 -3.01 4.18
N PRO C 315 -0.12 -2.95 4.58
CA PRO C 315 0.64 -1.70 4.45
C PRO C 315 0.75 -1.27 2.99
N THR C 316 0.76 0.05 2.80
CA THR C 316 0.77 0.63 1.46
C THR C 316 2.10 1.34 1.20
N VAL C 317 2.36 1.61 -0.08
CA VAL C 317 3.58 2.26 -0.52
C VAL C 317 3.21 3.51 -1.31
N PHE C 318 3.84 4.63 -0.97
CA PHE C 318 3.61 5.92 -1.60
C PHE C 318 4.87 6.35 -2.34
N ILE C 319 4.70 6.75 -3.60
CA ILE C 319 5.79 7.16 -4.47
C ILE C 319 5.72 8.66 -4.67
N PHE C 320 6.86 9.33 -4.53
CA PHE C 320 6.96 10.77 -4.70
C PHE C 320 8.00 11.11 -5.75
N LYS C 321 7.67 12.07 -6.60
CA LYS C 321 8.64 12.67 -7.52
C LYS C 321 9.25 13.89 -6.83
N VAL C 322 10.57 13.88 -6.66
CA VAL C 322 11.27 14.89 -5.90
C VAL C 322 12.24 15.63 -6.80
N THR C 323 12.32 16.95 -6.64
CA THR C 323 13.35 17.77 -7.25
C THR C 323 14.11 18.44 -6.11
N ARG C 324 15.41 18.14 -6.01
CA ARG C 324 16.22 18.56 -4.88
C ARG C 324 17.27 19.58 -5.31
N PHE C 325 17.43 20.63 -4.50
CA PHE C 325 18.45 21.64 -4.72
C PHE C 325 19.19 21.88 -3.40
N TYR C 326 20.48 22.12 -3.48
CA TYR C 326 21.34 22.22 -2.30
C TYR C 326 22.04 23.57 -2.27
N PHE C 327 22.09 24.18 -1.08
CA PHE C 327 22.72 25.48 -0.93
C PHE C 327 23.11 25.71 0.52
N ASN C 328 23.99 26.69 0.72
CA ASN C 328 24.38 27.15 2.04
C ASN C 328 23.98 28.60 2.20
N MET C 329 23.33 28.92 3.31
CA MET C 329 22.93 30.29 3.60
C MET C 329 24.07 31.02 4.30
N PRO C 330 24.67 32.02 3.67
CA PRO C 330 25.76 32.75 4.33
C PRO C 330 25.29 33.45 5.59
N LYS C 331 26.17 33.50 6.58
CA LYS C 331 25.86 34.12 7.86
C LYS C 331 26.73 35.35 8.11
N MET D 1 40.13 27.96 -16.65
CA MET D 1 39.77 26.91 -17.58
C MET D 1 40.13 25.54 -17.03
N ASP D 2 39.13 24.71 -16.80
CA ASP D 2 39.33 23.35 -16.27
C ASP D 2 39.64 22.43 -17.44
N ILE D 3 40.91 22.06 -17.56
CA ILE D 3 41.33 21.12 -18.59
C ILE D 3 41.08 19.70 -18.07
N TYR D 4 40.14 19.00 -18.71
CA TYR D 4 39.77 17.65 -18.33
C TYR D 4 40.18 16.67 -19.42
N ASP D 5 40.78 15.55 -19.02
CA ASP D 5 41.17 14.52 -19.96
C ASP D 5 39.99 13.60 -20.24
N ASP D 6 40.25 12.53 -21.01
CA ASP D 6 39.20 11.57 -21.32
C ASP D 6 38.74 10.80 -20.09
N LYS D 7 39.58 10.70 -19.05
CA LYS D 7 39.22 9.98 -17.84
C LYS D 7 38.48 10.85 -16.83
N GLY D 8 38.24 12.12 -17.14
CA GLY D 8 37.56 13.00 -16.23
C GLY D 8 38.42 13.58 -15.13
N LEU D 9 39.73 13.30 -15.15
CA LEU D 9 40.65 13.77 -14.12
C LEU D 9 41.31 15.06 -14.57
N GLN D 10 41.26 16.08 -13.72
CA GLN D 10 41.84 17.37 -14.08
C GLN D 10 43.36 17.27 -14.18
N THR D 11 43.91 17.90 -15.21
CA THR D 11 45.34 17.86 -15.47
C THR D 11 45.99 19.24 -15.46
N ILE D 12 45.36 20.23 -16.08
CA ILE D 12 45.92 21.57 -16.19
C ILE D 12 44.94 22.55 -15.56
N LYS D 13 45.45 23.40 -14.67
CA LYS D 13 44.63 24.47 -14.10
C LYS D 13 45.41 25.77 -14.16
N LEU D 14 44.83 26.78 -14.79
CA LEU D 14 45.44 28.09 -14.93
C LEU D 14 44.64 29.11 -14.13
N PHE D 15 45.32 29.86 -13.28
CA PHE D 15 44.68 30.89 -12.47
C PHE D 15 45.16 32.27 -12.91
N ASN D 16 44.24 33.23 -12.89
CA ASN D 16 44.62 34.63 -13.12
C ASN D 16 44.39 35.48 -11.88
N ASN D 17 43.15 35.58 -11.39
CA ASN D 17 42.85 36.31 -10.16
C ASN D 17 42.61 35.34 -9.00
N GLU D 18 43.63 34.58 -8.64
CA GLU D 18 43.46 33.63 -7.55
C GLU D 18 44.57 33.73 -6.51
N PHE D 19 45.78 34.10 -6.93
CA PHE D 19 46.93 34.16 -6.04
C PHE D 19 47.43 35.59 -5.85
N ASP D 20 46.62 36.59 -6.20
CA ASP D 20 47.02 37.98 -5.98
C ASP D 20 47.06 38.34 -4.50
N CYS D 21 46.42 37.55 -3.65
CA CYS D 21 46.44 37.78 -2.20
C CYS D 21 47.57 37.02 -1.50
N ILE D 22 48.43 36.37 -2.26
CA ILE D 22 49.51 35.56 -1.70
C ILE D 22 50.88 35.96 -2.23
N ARG D 23 50.95 36.63 -3.38
CA ARG D 23 52.23 36.90 -4.04
C ARG D 23 53.13 37.76 -3.18
N ASN D 24 52.57 38.77 -2.50
CA ASN D 24 53.40 39.64 -1.66
C ASN D 24 54.07 38.84 -0.55
N ASP D 25 53.33 37.96 0.12
CA ASP D 25 53.93 37.12 1.17
C ASP D 25 54.96 36.17 0.58
N ILE D 26 54.69 35.63 -0.60
CA ILE D 26 55.64 34.70 -1.21
C ILE D 26 56.95 35.42 -1.53
N ARG D 27 56.87 36.64 -2.06
CA ARG D 27 58.07 37.43 -2.29
C ARG D 27 58.78 37.74 -0.98
N GLU D 28 58.03 38.08 0.07
CA GLU D 28 58.65 38.30 1.38
C GLU D 28 59.43 37.07 1.83
N LEU D 29 58.92 35.88 1.50
CA LEU D 29 59.69 34.66 1.75
C LEU D 29 60.89 34.56 0.81
N PHE D 30 60.78 35.16 -0.38
CA PHE D 30 61.79 34.96 -1.41
C PHE D 30 63.10 35.71 -1.13
N LYS D 31 63.05 36.83 -0.41
CA LYS D 31 64.24 37.68 -0.31
C LYS D 31 65.42 36.94 0.31
N HIS D 32 65.16 35.86 1.04
CA HIS D 32 66.23 35.07 1.67
C HIS D 32 66.86 34.17 0.61
N VAL D 33 67.46 34.81 -0.40
CA VAL D 33 68.17 34.14 -1.47
C VAL D 33 69.56 34.74 -1.57
N THR D 34 70.59 33.89 -1.53
CA THR D 34 71.98 34.33 -1.57
C THR D 34 72.75 33.46 -2.57
N ASP D 35 72.76 33.87 -3.83
CA ASP D 35 73.56 33.25 -4.89
C ASP D 35 73.23 31.76 -5.03
N SER D 36 71.98 31.48 -5.39
CA SER D 36 71.52 30.11 -5.64
C SER D 36 70.80 30.07 -6.98
N ASP D 37 71.21 29.13 -7.83
CA ASP D 37 70.55 28.97 -9.13
C ASP D 37 69.11 28.53 -8.96
N SER D 38 68.88 27.54 -8.09
CA SER D 38 67.55 27.04 -7.77
C SER D 38 67.54 26.70 -6.28
N ILE D 39 66.95 27.58 -5.48
CA ILE D 39 67.02 27.43 -4.03
C ILE D 39 65.79 26.68 -3.54
N GLN D 40 65.97 25.89 -2.48
CA GLN D 40 64.90 25.13 -1.87
C GLN D 40 64.80 25.51 -0.40
N LEU D 41 63.62 25.93 0.03
CA LEU D 41 63.39 26.34 1.41
C LEU D 41 62.29 25.50 2.03
N PRO D 42 62.57 24.70 3.05
CA PRO D 42 61.49 23.99 3.74
C PRO D 42 60.56 24.96 4.44
N MET D 43 59.28 24.61 4.47
CA MET D 43 58.25 25.46 5.05
C MET D 43 57.65 24.84 6.30
N GLU D 44 58.43 24.02 7.00
CA GLU D 44 57.98 23.48 8.29
C GLU D 44 57.84 24.57 9.34
N ASP D 45 58.57 25.69 9.18
CA ASP D 45 58.43 26.83 10.07
C ASP D 45 57.41 27.83 9.55
N ASN D 46 57.52 28.22 8.28
CA ASN D 46 56.59 29.16 7.65
C ASN D 46 55.62 28.37 6.79
N SER D 47 54.59 27.82 7.45
CA SER D 47 53.59 27.00 6.78
C SER D 47 52.26 27.72 6.59
N ASP D 48 52.23 29.04 6.78
CA ASP D 48 50.98 29.78 6.66
C ASP D 48 50.52 29.81 5.20
N ILE D 49 51.42 30.16 4.28
CA ILE D 49 51.04 30.22 2.88
C ILE D 49 50.68 28.84 2.35
N ILE D 50 51.23 27.77 2.93
CA ILE D 50 50.82 26.42 2.55
C ILE D 50 49.34 26.23 2.84
N GLU D 51 48.90 26.66 4.03
CA GLU D 51 47.49 26.59 4.38
C GLU D 51 46.64 27.47 3.48
N ASN D 52 47.16 28.64 3.09
CA ASN D 52 46.38 29.53 2.23
C ASN D 52 46.15 28.93 0.85
N ILE D 53 47.22 28.40 0.22
CA ILE D 53 47.03 27.73 -1.06
C ILE D 53 46.18 26.48 -0.91
N ARG D 54 46.28 25.78 0.23
CA ARG D 54 45.40 24.63 0.45
C ARG D 54 43.94 25.05 0.46
N LYS D 55 43.64 26.15 1.15
CA LYS D 55 42.27 26.66 1.17
C LYS D 55 41.81 27.06 -0.22
N ILE D 56 42.67 27.73 -0.98
CA ILE D 56 42.30 28.17 -2.33
C ILE D 56 42.00 26.98 -3.21
N LEU D 57 42.85 25.95 -3.15
CA LEU D 57 42.62 24.75 -3.97
C LEU D 57 41.37 24.02 -3.55
N TYR D 58 41.09 23.93 -2.25
CA TYR D 58 39.86 23.31 -1.80
C TYR D 58 38.63 24.08 -2.31
N ARG D 59 38.71 25.40 -2.32
CA ARG D 59 37.56 26.20 -2.72
C ARG D 59 37.34 26.16 -4.23
N ARG D 60 38.41 26.21 -5.01
CA ARG D 60 38.30 26.42 -6.46
C ARG D 60 38.48 25.15 -7.27
N LEU D 61 38.48 23.97 -6.64
CA LEU D 61 38.54 22.70 -7.36
C LEU D 61 37.27 21.91 -7.09
N LYS D 62 36.86 21.11 -8.06
CA LYS D 62 35.62 20.36 -8.00
C LYS D 62 35.89 18.90 -7.67
N ASN D 63 34.99 18.31 -6.89
CA ASN D 63 35.05 16.90 -6.48
C ASN D 63 36.36 16.59 -5.77
N VAL D 64 36.59 17.29 -4.66
CA VAL D 64 37.84 17.22 -3.92
C VAL D 64 37.61 16.43 -2.65
N GLU D 65 38.51 15.47 -2.38
CA GLU D 65 38.50 14.71 -1.13
C GLU D 65 39.63 15.12 -0.20
N CYS D 66 40.87 15.23 -0.71
CA CYS D 66 41.99 15.61 0.12
C CYS D 66 43.06 16.27 -0.73
N VAL D 67 43.68 17.31 -0.17
CA VAL D 67 44.82 17.99 -0.79
C VAL D 67 46.00 17.89 0.17
N ASP D 68 47.10 17.33 -0.30
CA ASP D 68 48.29 17.09 0.53
C ASP D 68 49.46 17.86 -0.08
N ILE D 69 49.64 19.09 0.38
CA ILE D 69 50.73 19.93 -0.10
C ILE D 69 52.01 19.56 0.64
N ASP D 70 53.16 19.86 0.02
CA ASP D 70 54.45 19.65 0.64
C ASP D 70 54.98 20.96 1.22
N SER D 71 55.72 20.87 2.32
CA SER D 71 56.21 22.05 3.02
C SER D 71 57.62 22.42 2.56
N THR D 72 57.73 22.67 1.26
CA THR D 72 58.98 23.16 0.68
C THR D 72 58.66 23.98 -0.56
N ILE D 73 59.32 25.13 -0.69
CA ILE D 73 59.14 26.02 -1.82
C ILE D 73 60.47 26.08 -2.57
N THR D 74 60.42 25.90 -3.89
CA THR D 74 61.62 25.95 -4.71
C THR D 74 61.58 27.19 -5.59
N PHE D 75 62.49 28.12 -5.36
CA PHE D 75 62.57 29.34 -6.16
C PHE D 75 63.59 29.14 -7.26
N MET D 76 63.18 29.44 -8.50
CA MET D 76 64.05 29.30 -9.67
C MET D 76 64.09 30.61 -10.44
N LYS D 77 65.30 31.08 -10.74
CA LYS D 77 65.50 32.26 -11.58
C LYS D 77 65.92 31.82 -12.98
N TYR D 78 65.31 32.43 -13.99
CA TYR D 78 65.60 32.13 -15.39
C TYR D 78 66.09 33.38 -16.10
N ASP D 79 67.24 33.24 -16.74
CA ASP D 79 67.97 34.29 -17.44
C ASP D 79 67.87 34.09 -18.94
N PRO D 80 68.22 35.11 -19.73
CA PRO D 80 68.11 34.99 -21.19
C PRO D 80 68.90 33.84 -21.81
N ASN D 81 69.76 33.17 -21.06
CA ASN D 81 70.55 32.04 -21.57
C ASN D 81 70.16 30.78 -20.81
N ASP D 82 69.22 30.02 -21.38
CA ASP D 82 68.75 28.78 -20.77
C ASP D 82 67.88 28.02 -21.76
N ASP D 83 67.88 26.70 -21.63
CA ASP D 83 67.01 25.83 -22.41
C ASP D 83 66.91 24.49 -21.69
N ASN D 84 65.74 24.17 -21.16
CA ASN D 84 65.61 22.97 -20.33
C ASN D 84 64.28 22.27 -20.58
N LYS D 85 64.34 20.96 -20.73
CA LYS D 85 63.20 20.05 -20.78
C LYS D 85 63.29 18.95 -19.75
N ARG D 86 64.51 18.46 -19.48
CA ARG D 86 64.83 17.33 -18.61
C ARG D 86 64.42 16.01 -19.26
N THR D 87 63.69 16.09 -20.37
CA THR D 87 63.46 15.01 -21.34
C THR D 87 63.04 13.69 -20.71
N CYS D 88 62.65 13.69 -19.43
CA CYS D 88 62.33 12.46 -18.73
C CYS D 88 61.10 12.64 -17.84
N SER D 89 60.08 13.28 -18.36
CA SER D 89 58.84 13.49 -17.59
C SER D 89 57.92 12.27 -17.78
N ASN D 90 58.40 11.13 -17.29
CA ASN D 90 57.62 9.90 -17.29
C ASN D 90 57.35 9.51 -15.84
N TRP D 91 56.08 9.29 -15.53
CA TRP D 91 55.65 8.98 -14.16
C TRP D 91 54.22 8.47 -14.23
N VAL D 92 53.97 7.30 -13.66
CA VAL D 92 52.67 6.64 -13.72
C VAL D 92 52.04 6.67 -12.34
N PRO D 93 50.84 7.23 -12.17
CA PRO D 93 50.17 7.14 -10.88
C PRO D 93 49.87 5.70 -10.50
N LEU D 94 49.98 5.40 -9.21
CA LEU D 94 49.72 4.06 -8.73
C LEU D 94 48.24 3.76 -8.60
N THR D 95 47.42 4.78 -8.37
CA THR D 95 45.99 4.62 -8.13
C THR D 95 45.19 5.32 -9.23
N ASN D 96 43.87 5.37 -9.05
CA ASN D 96 42.96 5.82 -10.09
C ASN D 96 42.52 7.28 -9.93
N ASN D 97 42.14 7.68 -8.72
CA ASN D 97 41.58 9.01 -8.48
C ASN D 97 42.54 9.92 -7.70
N TYR D 98 43.83 9.84 -8.03
CA TYR D 98 44.85 10.61 -7.33
C TYR D 98 45.88 11.11 -8.34
N MET D 99 46.43 12.29 -8.07
CA MET D 99 47.33 12.92 -9.02
C MET D 99 48.29 13.86 -8.31
N GLU D 100 49.52 13.91 -8.80
CA GLU D 100 50.54 14.84 -8.33
C GLU D 100 50.70 15.98 -9.34
N TYR D 101 50.74 17.20 -8.84
CA TYR D 101 50.85 18.40 -9.66
C TYR D 101 52.04 19.24 -9.20
N CYS D 102 52.59 19.99 -10.15
CA CYS D 102 53.53 21.06 -9.88
C CYS D 102 52.80 22.39 -10.04
N LEU D 103 52.96 23.26 -9.04
CA LEU D 103 52.30 24.56 -8.99
C LEU D 103 53.36 25.63 -9.19
N VAL D 104 53.27 26.36 -10.29
CA VAL D 104 54.18 27.45 -10.60
C VAL D 104 53.45 28.77 -10.38
N ILE D 105 53.97 29.58 -9.46
CA ILE D 105 53.46 30.92 -9.18
C ILE D 105 54.52 31.91 -9.63
N TYR D 106 54.12 32.84 -10.49
CA TYR D 106 55.07 33.77 -11.08
C TYR D 106 55.36 34.91 -10.10
N LEU D 107 56.64 35.09 -9.77
CA LEU D 107 57.05 36.18 -8.90
C LEU D 107 57.49 37.39 -9.72
N GLU D 108 58.52 37.22 -10.54
CA GLU D 108 58.96 38.25 -11.49
C GLU D 108 58.71 37.71 -12.88
N THR D 109 57.71 38.26 -13.55
CA THR D 109 57.29 37.77 -14.86
C THR D 109 58.03 38.51 -15.97
N PRO D 110 58.59 37.80 -16.95
CA PRO D 110 59.19 38.48 -18.09
C PRO D 110 58.17 39.28 -18.86
N ILE D 111 58.61 40.40 -19.43
CA ILE D 111 57.67 41.32 -20.07
C ILE D 111 57.36 40.90 -21.49
N CYS D 112 58.29 40.21 -22.16
CA CYS D 112 58.10 39.88 -23.58
C CYS D 112 57.99 38.38 -23.83
N GLY D 113 58.97 37.59 -23.42
CA GLY D 113 58.98 36.18 -23.82
C GLY D 113 59.19 35.19 -22.71
N GLY D 114 59.49 33.94 -23.08
CA GLY D 114 59.79 32.90 -22.12
C GLY D 114 58.60 32.37 -21.35
N LYS D 115 57.55 31.98 -22.05
CA LYS D 115 56.40 31.36 -21.40
C LYS D 115 56.67 29.90 -21.11
N ILE D 116 55.72 29.25 -20.44
CA ILE D 116 55.80 27.83 -20.12
C ILE D 116 54.98 27.06 -21.15
N LYS D 117 55.56 26.00 -21.70
CA LYS D 117 54.94 25.19 -22.73
C LYS D 117 54.68 23.79 -22.21
N LEU D 118 53.46 23.31 -22.45
CA LEU D 118 53.03 21.97 -22.04
C LEU D 118 52.59 21.21 -23.27
N TYR D 119 53.10 19.98 -23.41
CA TYR D 119 52.91 19.14 -24.58
C TYR D 119 51.87 18.05 -24.30
N HIS D 120 51.14 17.68 -25.35
CA HIS D 120 50.23 16.54 -25.34
C HIS D 120 49.87 16.22 -26.77
N PRO D 121 49.77 14.95 -27.17
CA PRO D 121 49.56 14.65 -28.58
C PRO D 121 48.12 14.83 -29.02
N THR D 122 47.48 15.92 -28.58
CA THR D 122 46.26 16.41 -29.18
C THR D 122 46.19 17.93 -29.18
N GLY D 123 47.23 18.61 -28.71
CA GLY D 123 47.24 20.05 -28.59
C GLY D 123 48.35 20.49 -27.66
N ASN D 124 48.80 21.71 -27.86
CA ASN D 124 49.89 22.28 -27.07
C ASN D 124 49.41 23.52 -26.35
N ILE D 125 49.95 23.76 -25.16
CA ILE D 125 49.56 24.89 -24.33
C ILE D 125 50.78 25.77 -24.08
N LYS D 126 50.62 27.08 -24.25
CA LYS D 126 51.64 28.04 -23.87
C LYS D 126 50.98 29.07 -22.96
N SER D 127 51.59 29.30 -21.79
CA SER D 127 50.96 30.16 -20.79
C SER D 127 52.01 30.98 -20.08
N ASP D 128 51.58 32.11 -19.55
CA ASP D 128 52.43 33.02 -18.78
C ASP D 128 51.70 33.50 -17.53
N LYS D 129 51.02 32.58 -16.85
CA LYS D 129 50.26 32.91 -15.65
C LYS D 129 50.54 31.85 -14.59
N ASP D 130 49.86 31.98 -13.46
CA ASP D 130 49.93 30.95 -12.41
C ASP D 130 49.37 29.65 -12.96
N ILE D 131 50.18 28.60 -12.90
CA ILE D 131 49.84 27.33 -13.54
C ILE D 131 49.96 26.19 -12.54
N MET D 132 49.20 25.13 -12.80
CA MET D 132 49.30 23.89 -12.02
C MET D 132 49.12 22.74 -13.00
N PHE D 133 50.16 21.93 -13.16
CA PHE D 133 50.15 20.90 -14.18
C PHE D 133 50.66 19.58 -13.61
N ALA D 134 50.10 18.48 -14.12
CA ALA D 134 50.45 17.17 -13.62
C ALA D 134 51.89 16.81 -13.98
N LYS D 135 52.43 15.84 -13.24
CA LYS D 135 53.81 15.40 -13.43
C LYS D 135 53.96 14.41 -14.57
N THR D 136 52.88 14.04 -15.25
CA THR D 136 52.92 13.08 -16.33
C THR D 136 53.22 13.73 -17.68
N LEU D 137 53.37 15.05 -17.73
CA LEU D 137 53.54 15.78 -18.98
C LEU D 137 54.94 16.38 -19.05
N ASP D 138 55.52 16.39 -20.25
CA ASP D 138 56.78 17.07 -20.49
C ASP D 138 56.54 18.57 -20.64
N PHE D 139 57.39 19.35 -19.99
CA PHE D 139 57.24 20.81 -19.98
C PHE D 139 58.53 21.49 -20.43
N LYS D 140 58.35 22.64 -21.06
CA LYS D 140 59.43 23.47 -21.57
C LYS D 140 59.38 24.85 -20.93
N SER D 141 60.50 25.30 -20.41
CA SER D 141 60.68 26.70 -20.03
C SER D 141 61.30 27.40 -21.22
N LYS D 142 60.48 28.16 -21.95
CA LYS D 142 60.94 28.77 -23.19
C LYS D 142 62.03 29.78 -22.91
N LYS D 143 62.94 29.93 -23.88
CA LYS D 143 64.09 30.80 -23.72
C LYS D 143 63.62 32.25 -23.60
N VAL D 144 63.72 32.80 -22.39
CA VAL D 144 63.39 34.21 -22.20
C VAL D 144 64.40 35.07 -22.93
N LEU D 145 63.99 36.30 -23.25
CA LEU D 145 64.84 37.22 -24.00
C LEU D 145 64.95 38.62 -23.40
N THR D 146 64.29 38.89 -22.27
CA THR D 146 64.40 40.20 -21.62
C THR D 146 64.01 40.06 -20.15
N GLY D 147 64.52 40.99 -19.35
CA GLY D 147 64.21 40.98 -17.92
C GLY D 147 64.70 39.70 -17.27
N ARG D 148 63.90 39.20 -16.32
CA ARG D 148 64.20 37.95 -15.64
C ARG D 148 62.89 37.22 -15.38
N LYS D 149 62.98 35.90 -15.24
CA LYS D 149 61.79 35.08 -14.99
C LYS D 149 62.01 34.34 -13.67
N THR D 150 61.54 34.92 -12.57
CA THR D 150 61.71 34.30 -11.26
C THR D 150 60.38 33.71 -10.81
N ILE D 151 60.38 32.40 -10.56
CA ILE D 151 59.16 31.65 -10.25
C ILE D 151 59.36 30.84 -8.98
N ALA D 152 58.24 30.44 -8.39
CA ALA D 152 58.20 29.58 -7.21
C ALA D 152 57.44 28.30 -7.55
N VAL D 153 57.95 27.18 -7.05
CA VAL D 153 57.41 25.86 -7.37
C VAL D 153 57.04 25.16 -6.06
N LEU D 154 55.82 24.62 -6.03
CA LEU D 154 55.33 23.77 -4.96
C LEU D 154 55.15 22.34 -5.49
N ASP D 155 54.97 21.42 -4.56
CA ASP D 155 54.66 20.03 -4.89
C ASP D 155 53.30 19.69 -4.28
N ILE D 156 52.39 19.19 -5.10
CA ILE D 156 51.00 19.05 -4.71
C ILE D 156 50.54 17.61 -4.96
N SER D 157 49.82 17.03 -4.01
CA SER D 157 49.20 15.72 -4.19
C SER D 157 47.72 15.84 -3.85
N VAL D 158 46.86 15.42 -4.77
CA VAL D 158 45.42 15.57 -4.61
C VAL D 158 44.74 14.22 -4.83
N SER D 159 43.84 13.87 -3.92
CA SER D 159 42.98 12.70 -4.06
C SER D 159 41.54 13.17 -4.17
N TYR D 160 40.85 12.69 -5.20
CA TYR D 160 39.49 13.11 -5.53
C TYR D 160 38.49 12.06 -5.04
N ASN D 161 37.23 12.25 -5.38
CA ASN D 161 36.19 11.27 -5.06
C ASN D 161 36.34 10.03 -5.93
N ARG D 162 35.90 8.90 -5.40
CA ARG D 162 36.05 7.61 -6.08
C ARG D 162 34.91 7.42 -7.06
N SER D 163 35.06 7.98 -8.24
CA SER D 163 34.12 7.78 -9.34
C SER D 163 34.69 6.91 -10.45
N MET D 164 35.79 6.22 -10.19
CA MET D 164 36.54 5.48 -11.18
C MET D 164 37.02 4.17 -10.57
N THR D 165 36.84 3.06 -11.28
CA THR D 165 37.35 1.78 -10.80
C THR D 165 37.88 0.97 -11.98
N THR D 166 38.78 0.05 -11.69
CA THR D 166 39.41 -0.77 -12.71
C THR D 166 39.12 -2.24 -12.45
N ILE D 167 38.84 -2.99 -13.52
CA ILE D 167 38.60 -4.42 -13.45
C ILE D 167 39.44 -5.10 -14.52
N HIS D 168 40.20 -6.11 -14.12
CA HIS D 168 41.08 -6.80 -15.05
C HIS D 168 40.29 -7.78 -15.91
N TYR D 169 40.44 -7.66 -17.23
CA TYR D 169 39.80 -8.55 -18.18
C TYR D 169 40.70 -9.74 -18.53
N ASN D 170 41.90 -9.45 -19.05
CA ASN D 170 42.91 -10.46 -19.31
C ASN D 170 44.27 -9.86 -18.95
N ASP D 171 45.33 -10.52 -19.39
CA ASP D 171 46.67 -10.04 -19.09
C ASP D 171 46.94 -8.70 -19.77
N ASP D 172 46.45 -8.53 -21.00
CA ASP D 172 46.78 -7.35 -21.79
C ASP D 172 45.91 -6.15 -21.42
N VAL D 173 44.60 -6.27 -21.59
CA VAL D 173 43.69 -5.13 -21.50
C VAL D 173 42.87 -5.24 -20.21
N ASP D 174 42.41 -4.09 -19.73
CA ASP D 174 41.53 -3.97 -18.59
C ASP D 174 40.33 -3.13 -18.96
N ILE D 175 39.38 -3.01 -18.04
CA ILE D 175 38.11 -2.33 -18.29
C ILE D 175 37.85 -1.33 -17.17
N ASP D 176 37.31 -0.17 -17.54
CA ASP D 176 37.06 0.93 -16.61
C ASP D 176 35.58 0.97 -16.25
N ILE D 177 35.30 1.11 -14.96
CA ILE D 177 33.94 1.23 -14.44
C ILE D 177 33.75 2.67 -13.98
N HIS D 178 32.67 3.30 -14.47
CA HIS D 178 32.35 4.69 -14.20
C HIS D 178 30.94 4.78 -13.61
N THR D 179 30.78 5.70 -12.66
CA THR D 179 29.48 5.88 -12.01
C THR D 179 28.49 6.64 -12.88
N ASP D 180 28.95 7.39 -13.87
CA ASP D 180 28.08 8.18 -14.73
C ASP D 180 28.31 7.80 -16.19
N LYS D 181 27.30 8.00 -17.01
CA LYS D 181 27.35 7.63 -18.42
C LYS D 181 27.94 8.77 -19.22
N ASN D 182 29.01 8.49 -19.96
CA ASN D 182 29.59 9.48 -20.87
C ASN D 182 30.35 8.70 -21.95
N GLY D 183 29.72 8.57 -23.12
CA GLY D 183 30.33 7.81 -24.20
C GLY D 183 30.50 6.35 -23.86
N LYS D 184 29.65 5.80 -23.02
CA LYS D 184 29.73 4.41 -22.59
C LYS D 184 28.65 3.61 -23.29
N GLU D 185 29.04 2.48 -23.90
CA GLU D 185 28.09 1.69 -24.68
C GLU D 185 27.27 0.75 -23.82
N LEU D 186 27.84 0.18 -22.76
CA LEU D 186 27.14 -0.86 -22.02
C LEU D 186 26.85 -0.41 -20.59
N CYS D 187 25.71 -0.86 -20.06
CA CYS D 187 25.35 -0.59 -18.67
C CYS D 187 24.92 -1.89 -18.01
N TYR D 188 25.50 -2.18 -16.86
CA TYR D 188 25.09 -3.31 -16.04
C TYR D 188 24.24 -2.81 -14.88
N CYS D 189 23.04 -3.36 -14.74
CA CYS D 189 22.11 -3.00 -13.70
C CYS D 189 21.92 -4.18 -12.75
N TYR D 190 22.21 -3.96 -11.48
CA TYR D 190 21.93 -4.91 -10.41
C TYR D 190 20.67 -4.45 -9.70
N ILE D 191 19.62 -5.26 -9.74
CA ILE D 191 18.28 -4.84 -9.37
C ILE D 191 17.79 -5.66 -8.20
N THR D 192 17.28 -4.99 -7.18
CA THR D 192 16.58 -5.62 -6.06
C THR D 192 15.11 -5.20 -6.11
N ILE D 193 14.22 -6.17 -6.17
CA ILE D 193 12.80 -5.88 -6.33
C ILE D 193 12.16 -5.75 -4.96
N ASP D 194 11.42 -4.65 -4.76
CA ASP D 194 10.67 -4.47 -3.53
C ASP D 194 9.60 -5.53 -3.39
N ASP D 195 9.21 -5.81 -2.14
CA ASP D 195 8.28 -6.89 -1.86
C ASP D 195 6.90 -6.59 -2.44
N HIS D 196 6.45 -7.46 -3.33
CA HIS D 196 5.11 -7.40 -3.89
C HIS D 196 4.51 -8.80 -3.84
N TYR D 197 3.18 -8.86 -3.70
CA TYR D 197 2.52 -10.15 -3.59
C TYR D 197 2.52 -10.92 -4.91
N LEU D 198 2.90 -10.30 -6.02
CA LEU D 198 2.97 -10.98 -7.30
C LEU D 198 4.38 -11.38 -7.71
N VAL D 199 5.40 -10.88 -7.03
CA VAL D 199 6.79 -11.09 -7.42
C VAL D 199 7.38 -12.21 -6.57
N ASP D 200 7.96 -13.21 -7.22
CA ASP D 200 8.56 -14.34 -6.54
C ASP D 200 10.08 -14.36 -6.63
N VAL D 201 10.69 -13.30 -7.15
CA VAL D 201 12.14 -13.21 -7.32
C VAL D 201 12.62 -11.93 -6.64
N GLU D 202 13.67 -12.03 -5.84
CA GLU D 202 14.17 -10.90 -5.08
C GLU D 202 15.13 -10.02 -5.89
N THR D 203 16.23 -10.60 -6.36
CA THR D 203 17.28 -9.85 -7.04
C THR D 203 17.54 -10.43 -8.43
N ILE D 204 17.84 -9.55 -9.38
CA ILE D 204 18.23 -9.93 -10.73
C ILE D 204 19.36 -9.02 -11.20
N GLY D 205 19.90 -9.34 -12.36
CA GLY D 205 20.94 -8.54 -12.98
C GLY D 205 20.88 -8.57 -14.48
N VAL D 206 20.99 -7.40 -15.11
CA VAL D 206 20.85 -7.31 -16.56
C VAL D 206 21.99 -6.48 -17.13
N ILE D 207 22.27 -6.72 -18.42
CA ILE D 207 23.17 -5.90 -19.21
C ILE D 207 22.36 -5.29 -20.34
N VAL D 208 22.42 -3.97 -20.47
CA VAL D 208 21.63 -3.22 -21.43
C VAL D 208 22.58 -2.39 -22.29
N ASN D 209 22.39 -2.47 -23.62
CA ASN D 209 23.07 -1.58 -24.54
C ASN D 209 22.18 -0.37 -24.80
N ARG D 210 22.68 0.55 -25.62
CA ARG D 210 21.91 1.76 -25.89
C ARG D 210 20.65 1.49 -26.70
N SER D 211 20.56 0.33 -27.35
CA SER D 211 19.38 -0.02 -28.11
C SER D 211 18.22 -0.46 -27.23
N GLY D 212 18.44 -0.65 -25.93
CA GLY D 212 17.39 -1.09 -25.03
C GLY D 212 17.28 -2.59 -24.84
N LYS D 213 18.03 -3.38 -25.60
CA LYS D 213 18.01 -4.83 -25.43
C LYS D 213 18.65 -5.21 -24.10
N CYS D 214 18.09 -6.23 -23.45
CA CYS D 214 18.50 -6.65 -22.13
C CYS D 214 18.93 -8.12 -22.15
N LEU D 215 20.04 -8.42 -21.49
CA LEU D 215 20.52 -9.78 -21.32
C LEU D 215 20.63 -10.08 -19.84
N LEU D 216 19.93 -11.12 -19.39
CA LEU D 216 19.96 -11.52 -17.98
C LEU D 216 21.27 -12.22 -17.68
N VAL D 217 21.91 -11.84 -16.57
CA VAL D 217 23.21 -12.37 -16.21
C VAL D 217 23.18 -13.14 -14.89
N ASN D 218 22.43 -12.66 -13.90
CA ASN D 218 22.40 -13.31 -12.60
C ASN D 218 21.02 -13.22 -11.99
N ASN D 219 20.65 -14.27 -11.25
CA ASN D 219 19.36 -14.37 -10.56
C ASN D 219 19.56 -14.88 -9.14
N HIS D 220 20.49 -14.25 -8.41
CA HIS D 220 20.79 -14.51 -7.00
C HIS D 220 21.31 -15.92 -6.75
N LEU D 221 21.46 -16.71 -7.82
CA LEU D 221 22.09 -18.02 -7.73
C LEU D 221 23.48 -18.03 -8.37
N GLY D 222 24.01 -16.87 -8.72
CA GLY D 222 25.26 -16.76 -9.42
C GLY D 222 25.05 -16.31 -10.86
N ILE D 223 26.09 -16.48 -11.66
CA ILE D 223 26.06 -16.10 -13.07
C ILE D 223 25.79 -17.30 -13.97
N GLY D 224 25.18 -18.36 -13.43
CA GLY D 224 24.88 -19.52 -14.26
C GLY D 224 23.86 -19.23 -15.34
N ILE D 225 22.87 -18.40 -15.03
CA ILE D 225 21.77 -18.15 -15.95
C ILE D 225 22.22 -17.45 -17.23
N VAL D 226 23.37 -16.76 -17.21
CA VAL D 226 23.85 -16.14 -18.43
C VAL D 226 24.26 -17.18 -19.45
N LYS D 227 24.49 -18.43 -19.03
CA LYS D 227 24.79 -19.50 -19.97
C LYS D 227 23.59 -19.80 -20.88
N ASP D 228 22.38 -19.64 -20.37
CA ASP D 228 21.19 -19.84 -21.19
C ASP D 228 21.01 -18.75 -22.22
N LYS D 229 21.61 -17.57 -22.01
CA LYS D 229 21.57 -16.45 -22.95
C LYS D 229 20.12 -16.04 -23.25
N ARG D 230 19.44 -15.60 -22.20
CA ARG D 230 18.08 -15.08 -22.32
C ARG D 230 18.13 -13.60 -22.68
N ILE D 231 17.57 -13.24 -23.82
CA ILE D 231 17.62 -11.88 -24.34
C ILE D 231 16.19 -11.40 -24.56
N SER D 232 15.88 -10.20 -24.05
CA SER D 232 14.57 -9.61 -24.19
C SER D 232 14.68 -8.25 -24.86
N ASP D 233 13.56 -7.79 -25.43
CA ASP D 233 13.53 -6.54 -26.16
C ASP D 233 13.59 -5.31 -25.26
N SER D 234 13.24 -5.46 -23.99
CA SER D 234 13.23 -4.34 -23.05
C SER D 234 13.25 -4.91 -21.63
N PHE D 235 13.22 -4.00 -20.66
CA PHE D 235 13.20 -4.44 -19.27
C PHE D 235 11.84 -4.98 -18.85
N GLY D 236 10.76 -4.45 -19.43
CA GLY D 236 9.44 -4.99 -19.15
C GLY D 236 9.33 -6.45 -19.54
N ASP D 237 9.93 -6.83 -20.68
CA ASP D 237 9.92 -8.22 -21.09
C ASP D 237 10.72 -9.09 -20.13
N VAL D 238 11.86 -8.58 -19.63
CA VAL D 238 12.63 -9.32 -18.65
C VAL D 238 11.80 -9.57 -17.40
N CYS D 239 11.09 -8.55 -16.93
CA CYS D 239 10.22 -8.73 -15.77
C CYS D 239 9.11 -9.72 -16.06
N MET D 240 8.52 -9.64 -17.25
CA MET D 240 7.42 -10.54 -17.59
C MET D 240 7.87 -11.99 -17.61
N ASP D 241 9.05 -12.26 -18.16
CA ASP D 241 9.51 -13.62 -18.34
C ASP D 241 10.36 -14.14 -17.19
N THR D 242 10.69 -13.31 -16.20
CA THR D 242 11.59 -13.74 -15.14
C THR D 242 10.97 -13.71 -13.75
N ILE D 243 10.37 -12.59 -13.35
CA ILE D 243 10.08 -12.37 -11.93
C ILE D 243 8.68 -12.80 -11.53
N PHE D 244 7.89 -13.36 -12.44
CA PHE D 244 6.52 -13.77 -12.14
C PHE D 244 6.42 -15.28 -12.19
N ASP D 245 5.83 -15.86 -11.15
CA ASP D 245 5.72 -17.31 -11.00
C ASP D 245 4.55 -17.92 -11.76
N PHE D 246 3.58 -17.11 -12.20
CA PHE D 246 2.44 -17.64 -12.92
C PHE D 246 2.76 -17.74 -14.41
N SER D 247 1.78 -18.23 -15.18
CA SER D 247 2.05 -18.71 -16.54
C SER D 247 2.14 -17.57 -17.55
N GLU D 248 1.04 -16.85 -17.75
CA GLU D 248 0.93 -15.83 -18.79
C GLU D 248 0.72 -14.47 -18.13
N ALA D 249 1.81 -13.79 -17.82
CA ALA D 249 1.72 -12.47 -17.19
C ALA D 249 1.25 -11.42 -18.17
N ARG D 250 1.62 -11.54 -19.45
CA ARG D 250 1.23 -10.55 -20.44
C ARG D 250 -0.27 -10.49 -20.67
N GLU D 251 -0.99 -11.57 -20.36
CA GLU D 251 -2.44 -11.57 -20.51
C GLU D 251 -3.13 -10.78 -19.39
N LEU D 252 -2.45 -10.56 -18.27
CA LEU D 252 -3.07 -9.86 -17.14
C LEU D 252 -2.81 -8.36 -17.15
N PHE D 253 -1.60 -7.94 -17.50
CA PHE D 253 -1.26 -6.52 -17.51
C PHE D 253 -0.06 -6.30 -18.41
N SER D 254 0.27 -5.03 -18.62
CA SER D 254 1.45 -4.63 -19.37
C SER D 254 2.26 -3.66 -18.53
N LEU D 255 3.58 -3.81 -18.57
CA LEU D 255 4.48 -3.02 -17.74
C LEU D 255 5.12 -1.92 -18.58
N THR D 256 5.11 -0.70 -18.05
CA THR D 256 5.74 0.43 -18.71
C THR D 256 6.01 1.51 -17.66
N ASN D 257 6.88 2.45 -18.02
CA ASN D 257 7.19 3.60 -17.19
C ASN D 257 6.36 4.79 -17.66
N ASP D 258 5.69 5.45 -16.71
CA ASP D 258 4.78 6.54 -17.05
C ASP D 258 5.50 7.84 -17.40
N ASP D 259 6.80 7.93 -17.16
CA ASP D 259 7.56 9.14 -17.46
C ASP D 259 8.50 8.95 -18.64
N ASN D 260 8.35 7.86 -19.41
CA ASN D 260 9.18 7.57 -20.57
C ASN D 260 10.67 7.56 -20.21
N ARG D 261 10.99 6.97 -19.06
CA ARG D 261 12.36 6.80 -18.62
C ARG D 261 12.82 5.36 -18.88
N ASN D 262 14.13 5.20 -18.93
CA ASN D 262 14.74 3.89 -19.10
C ASN D 262 15.53 3.53 -17.84
N ILE D 263 15.63 2.23 -17.57
CA ILE D 263 16.30 1.77 -16.36
C ILE D 263 17.77 2.14 -16.38
N ALA D 264 18.37 2.24 -17.56
CA ALA D 264 19.79 2.52 -17.69
C ALA D 264 20.10 3.89 -18.26
N TRP D 265 19.35 4.33 -19.27
CA TRP D 265 19.69 5.53 -20.02
C TRP D 265 18.79 6.71 -19.72
N ASP D 266 17.92 6.60 -18.71
CA ASP D 266 16.99 7.67 -18.34
C ASP D 266 16.17 8.14 -19.53
N THR D 267 15.95 9.45 -19.64
CA THR D 267 15.19 10.02 -20.75
C THR D 267 16.12 10.31 -21.92
N ASP D 268 16.54 9.23 -22.57
CA ASP D 268 17.39 9.29 -23.76
C ASP D 268 16.65 8.63 -24.92
N LYS D 269 17.35 8.50 -26.04
CA LYS D 269 16.79 7.93 -27.26
C LYS D 269 17.45 6.59 -27.52
N LEU D 270 16.66 5.51 -27.45
CA LEU D 270 17.16 4.20 -27.80
C LEU D 270 17.40 4.10 -29.30
N ASP D 271 18.46 3.39 -29.67
CA ASP D 271 18.79 3.21 -31.07
C ASP D 271 17.90 2.13 -31.69
N ASP D 272 18.07 1.92 -32.99
CA ASP D 272 17.35 0.85 -33.66
C ASP D 272 17.86 -0.51 -33.21
N ASP D 273 17.12 -1.55 -33.56
CA ASP D 273 17.45 -2.90 -33.10
C ASP D 273 18.84 -3.30 -33.58
N THR D 274 19.66 -3.75 -32.63
CA THR D 274 21.05 -4.12 -32.90
C THR D 274 21.39 -5.37 -32.13
N ASP D 275 22.48 -6.02 -32.53
CA ASP D 275 22.93 -7.22 -31.85
C ASP D 275 23.37 -6.91 -30.42
N ILE D 276 23.11 -7.85 -29.52
CA ILE D 276 23.40 -7.69 -28.10
C ILE D 276 24.64 -8.51 -27.76
N TRP D 277 25.55 -7.91 -27.00
CA TRP D 277 26.77 -8.60 -26.60
C TRP D 277 26.45 -9.76 -25.65
N THR D 278 27.10 -10.90 -25.89
CA THR D 278 26.95 -12.08 -25.06
C THR D 278 28.31 -12.69 -24.80
N PRO D 279 28.52 -13.30 -23.63
CA PRO D 279 29.83 -13.88 -23.32
C PRO D 279 30.07 -15.17 -24.09
N VAL D 280 31.24 -15.27 -24.71
CA VAL D 280 31.63 -16.45 -25.48
C VAL D 280 32.86 -17.14 -24.89
N THR D 281 33.81 -16.37 -24.37
CA THR D 281 35.07 -16.90 -23.88
C THR D 281 35.10 -16.86 -22.35
N GLU D 282 35.95 -17.70 -21.76
CA GLU D 282 36.03 -17.78 -20.30
C GLU D 282 36.47 -16.47 -19.68
N ASP D 283 37.24 -15.66 -20.42
CA ASP D 283 37.59 -14.33 -19.93
C ASP D 283 36.34 -13.48 -19.72
N ASP D 284 35.38 -13.57 -20.64
CA ASP D 284 34.12 -12.85 -20.49
C ASP D 284 33.38 -13.28 -19.23
N TYR D 285 33.36 -14.59 -18.96
CA TYR D 285 32.67 -15.08 -17.77
C TYR D 285 33.37 -14.63 -16.50
N LYS D 286 34.71 -14.65 -16.49
CA LYS D 286 35.44 -14.16 -15.32
C LYS D 286 35.17 -12.68 -15.08
N PHE D 287 35.18 -11.88 -16.16
CA PHE D 287 34.87 -10.47 -16.03
C PHE D 287 33.45 -10.26 -15.52
N LEU D 288 32.50 -11.04 -16.01
CA LEU D 288 31.13 -10.91 -15.55
C LEU D 288 30.99 -11.25 -14.07
N SER D 289 31.68 -12.31 -13.62
CA SER D 289 31.65 -12.66 -12.21
C SER D 289 32.25 -11.55 -11.36
N ARG D 290 33.37 -10.98 -11.80
CA ARG D 290 33.98 -9.87 -11.05
C ARG D 290 33.05 -8.67 -10.99
N LEU D 291 32.41 -8.34 -12.11
CA LEU D 291 31.50 -7.20 -12.14
C LEU D 291 30.29 -7.42 -11.24
N VAL D 292 29.74 -8.64 -11.25
CA VAL D 292 28.60 -8.95 -10.39
C VAL D 292 29.00 -8.85 -8.92
N LEU D 293 30.18 -9.36 -8.58
CA LEU D 293 30.66 -9.26 -7.20
C LEU D 293 30.80 -7.81 -6.77
N TYR D 294 31.42 -6.99 -7.62
CA TYR D 294 31.60 -5.59 -7.27
C TYR D 294 30.26 -4.87 -7.14
N ALA D 295 29.32 -5.16 -8.03
CA ALA D 295 28.00 -4.52 -7.96
C ALA D 295 27.25 -4.93 -6.69
N LYS D 296 27.33 -6.21 -6.33
CA LYS D 296 26.72 -6.67 -5.09
C LYS D 296 27.36 -6.01 -3.88
N SER D 297 28.67 -5.76 -3.93
CA SER D 297 29.34 -5.12 -2.80
C SER D 297 28.81 -3.71 -2.55
N GLN D 298 28.56 -2.94 -3.60
CA GLN D 298 28.12 -1.57 -3.47
C GLN D 298 26.60 -1.42 -3.52
N SER D 299 25.85 -2.53 -3.60
CA SER D 299 24.41 -2.43 -3.75
C SER D 299 23.70 -1.91 -2.51
N ASP D 300 24.35 -1.96 -1.35
CA ASP D 300 23.72 -1.55 -0.11
C ASP D 300 23.94 -0.08 0.22
N THR D 301 24.90 0.58 -0.43
CA THR D 301 25.22 1.97 -0.15
C THR D 301 24.71 2.91 -1.24
N VAL D 302 24.95 2.60 -2.50
CA VAL D 302 24.51 3.44 -3.61
C VAL D 302 23.52 2.66 -4.46
N PHE D 303 22.40 3.31 -4.79
CA PHE D 303 21.35 2.78 -5.65
C PHE D 303 20.31 3.88 -5.83
N ASP D 304 19.44 3.68 -6.81
CA ASP D 304 18.35 4.61 -7.07
C ASP D 304 17.05 3.83 -7.21
N TYR D 305 15.94 4.57 -7.27
CA TYR D 305 14.61 3.98 -7.33
C TYR D 305 14.09 4.04 -8.76
N TYR D 306 13.56 2.92 -9.23
CA TYR D 306 12.89 2.83 -10.53
C TYR D 306 11.50 2.27 -10.32
N VAL D 307 10.55 2.75 -11.13
CA VAL D 307 9.13 2.42 -10.95
C VAL D 307 8.58 1.89 -12.26
N LEU D 308 7.92 0.74 -12.19
CA LEU D 308 7.15 0.21 -13.32
C LEU D 308 5.68 0.17 -12.93
N THR D 309 4.81 0.39 -13.92
CA THR D 309 3.38 0.47 -13.69
C THR D 309 2.66 -0.54 -14.56
N GLY D 310 1.79 -1.33 -13.93
CA GLY D 310 0.91 -2.26 -14.62
C GLY D 310 -0.49 -1.69 -14.70
N ASP D 311 -1.08 -1.80 -15.90
CA ASP D 311 -2.35 -1.15 -16.21
C ASP D 311 -3.53 -1.95 -15.66
N THR D 312 -3.52 -2.15 -14.34
CA THR D 312 -4.64 -2.74 -13.64
C THR D 312 -5.57 -1.66 -13.12
N GLU D 313 -6.71 -2.07 -12.59
CA GLU D 313 -7.66 -1.16 -11.97
C GLU D 313 -7.87 -1.56 -10.51
N PRO D 314 -7.23 -0.87 -9.55
CA PRO D 314 -6.32 0.27 -9.69
C PRO D 314 -4.93 -0.13 -10.19
N PRO D 315 -4.15 0.81 -10.72
CA PRO D 315 -2.85 0.46 -11.31
C PRO D 315 -1.91 -0.16 -10.28
N THR D 316 -1.10 -1.11 -10.75
CA THR D 316 -0.11 -1.76 -9.90
C THR D 316 1.24 -1.07 -10.07
N VAL D 317 1.98 -0.96 -8.97
CA VAL D 317 3.28 -0.29 -8.97
C VAL D 317 4.33 -1.27 -8.48
N PHE D 318 5.42 -1.41 -9.23
CA PHE D 318 6.57 -2.21 -8.85
C PHE D 318 7.76 -1.29 -8.66
N ILE D 319 8.48 -1.45 -7.55
CA ILE D 319 9.59 -0.60 -7.18
C ILE D 319 10.87 -1.43 -7.22
N PHE D 320 11.90 -0.89 -7.87
CA PHE D 320 13.19 -1.54 -8.00
C PHE D 320 14.28 -0.64 -7.45
N LYS D 321 15.21 -1.23 -6.69
CA LYS D 321 16.43 -0.57 -6.29
C LYS D 321 17.53 -0.98 -7.27
N VAL D 322 18.06 -0.01 -8.00
CA VAL D 322 18.95 -0.27 -9.13
C VAL D 322 20.33 0.28 -8.81
N THR D 323 21.36 -0.51 -9.09
CA THR D 323 22.75 -0.08 -9.05
C THR D 323 23.32 -0.24 -10.45
N ARG D 324 23.76 0.86 -11.04
CA ARG D 324 24.17 0.90 -12.43
C ARG D 324 25.67 1.14 -12.55
N PHE D 325 26.30 0.44 -13.51
CA PHE D 325 27.71 0.64 -13.81
C PHE D 325 27.88 0.69 -15.33
N TYR D 326 28.51 1.74 -15.82
CA TYR D 326 28.67 1.96 -17.25
C TYR D 326 30.09 1.64 -17.68
N PHE D 327 30.22 0.94 -18.79
CA PHE D 327 31.54 0.50 -19.24
C PHE D 327 31.55 0.28 -20.76
N ASN D 328 32.77 0.20 -21.28
CA ASN D 328 33.07 -0.08 -22.67
C ASN D 328 33.69 -1.47 -22.80
N MET D 329 33.72 -1.98 -24.02
CA MET D 329 34.33 -3.27 -24.30
C MET D 329 35.27 -3.16 -25.50
N PRO D 330 36.37 -3.90 -25.50
CA PRO D 330 37.26 -3.90 -26.65
C PRO D 330 36.62 -4.58 -27.86
N LYS D 331 37.08 -4.17 -29.04
CA LYS D 331 36.56 -4.72 -30.29
C LYS D 331 36.92 -6.20 -30.43
#